data_3ERB
# 
_entry.id   3ERB 
# 
_audit_conform.dict_name       mmcif_pdbx.dic 
_audit_conform.dict_version    5.397 
_audit_conform.dict_location   http://mmcif.pdb.org/dictionaries/ascii/mmcif_pdbx.dic 
# 
loop_
_database_2.database_id 
_database_2.database_code 
_database_2.pdbx_database_accession 
_database_2.pdbx_DOI 
PDB   3ERB         pdb_00003erb 10.2210/pdb3erb/pdb 
RCSB  RCSB049672   ?            ?                   
WWPDB D_1000049672 ?            ?                   
# 
loop_
_pdbx_audit_revision_history.ordinal 
_pdbx_audit_revision_history.data_content_type 
_pdbx_audit_revision_history.major_revision 
_pdbx_audit_revision_history.minor_revision 
_pdbx_audit_revision_history.revision_date 
1 'Structure model' 1 0 2009-03-10 
2 'Structure model' 1 1 2011-07-13 
3 'Structure model' 1 2 2023-11-01 
4 'Structure model' 1 3 2024-10-30 
# 
_pdbx_audit_revision_details.ordinal             1 
_pdbx_audit_revision_details.revision_ordinal    1 
_pdbx_audit_revision_details.data_content_type   'Structure model' 
_pdbx_audit_revision_details.provider            repository 
_pdbx_audit_revision_details.type                'Initial release' 
_pdbx_audit_revision_details.description         ? 
_pdbx_audit_revision_details.details             ? 
# 
loop_
_pdbx_audit_revision_group.ordinal 
_pdbx_audit_revision_group.revision_ordinal 
_pdbx_audit_revision_group.data_content_type 
_pdbx_audit_revision_group.group 
1 2 'Structure model' 'Version format compliance' 
2 3 'Structure model' 'Data collection'           
3 3 'Structure model' 'Database references'       
4 3 'Structure model' 'Refinement description'    
5 4 'Structure model' 'Structure summary'         
# 
loop_
_pdbx_audit_revision_category.ordinal 
_pdbx_audit_revision_category.revision_ordinal 
_pdbx_audit_revision_category.data_content_type 
_pdbx_audit_revision_category.category 
1 3 'Structure model' chem_comp_atom                
2 3 'Structure model' chem_comp_bond                
3 3 'Structure model' database_2                    
4 3 'Structure model' pdbx_initial_refinement_model 
5 4 'Structure model' pdbx_entry_details            
6 4 'Structure model' pdbx_modification_feature     
# 
loop_
_pdbx_audit_revision_item.ordinal 
_pdbx_audit_revision_item.revision_ordinal 
_pdbx_audit_revision_item.data_content_type 
_pdbx_audit_revision_item.item 
1 3 'Structure model' '_database_2.pdbx_DOI'                
2 3 'Structure model' '_database_2.pdbx_database_accession' 
# 
_pdbx_database_status.status_code                     REL 
_pdbx_database_status.entry_id                        3ERB 
_pdbx_database_status.recvd_initial_deposition_date   2008-10-01 
_pdbx_database_status.deposit_site                    RCSB 
_pdbx_database_status.process_site                    PDBJ 
_pdbx_database_status.status_code_sf                  REL 
_pdbx_database_status.status_code_mr                  ? 
_pdbx_database_status.SG_entry                        ? 
_pdbx_database_status.pdb_format_compatible           Y 
_pdbx_database_status.status_code_cs                  ? 
_pdbx_database_status.status_code_nmr_data            ? 
_pdbx_database_status.methods_development_category    ? 
# 
loop_
_pdbx_database_related.db_name 
_pdbx_database_related.db_id 
_pdbx_database_related.details 
_pdbx_database_related.content_type 
PDB 2ODP 'Complement component C2a, the catalytic fragment of C3- and C5-convertase' unspecified 
PDB 2ODQ 'Complement component C2a, the catalytic fragment of C3- and C5-convertase' unspecified 
# 
loop_
_audit_author.name 
_audit_author.pdbx_ordinal 
'Narayan, S.V.L.' 1 
'Krishnan, V.'    2 
# 
_citation.id                        primary 
_citation.title                     
'The structure of C2b, a fragment of complement component C2 produced during C3 convertase formation' 
_citation.journal_abbrev            'Acta Crystallogr.,Sect.D' 
_citation.journal_volume            65 
_citation.page_first                266 
_citation.page_last                 274 
_citation.year                      2009 
_citation.journal_id_ASTM           ABCRE6 
_citation.country                   DK 
_citation.journal_id_ISSN           0907-4449 
_citation.journal_id_CSD            0766 
_citation.book_publisher            ? 
_citation.pdbx_database_id_PubMed   19237749 
_citation.pdbx_database_id_DOI      10.1107/S0907444909000389 
# 
loop_
_citation_author.citation_id 
_citation_author.name 
_citation_author.ordinal 
_citation_author.identifier_ORCID 
primary 'Krishnan, V.'    1 ? 
primary 'Xu, Y.'          2 ? 
primary 'Macon, K.'       3 ? 
primary 'Volanakis, J.E.' 4 ? 
primary 'Narayana, S.V.'  5 ? 
# 
loop_
_entity.id 
_entity.type 
_entity.src_method 
_entity.pdbx_description 
_entity.formula_weight 
_entity.pdbx_number_of_molecules 
_entity.pdbx_ec 
_entity.pdbx_mutation 
_entity.pdbx_fragment 
_entity.details 
1 polymer man 'Complement C2' 23707.523 1   3.4.21.43 ? 'Complement C2b fragment, N-terminal fragment' ? 
2 water   nat water           18.015    197 ?         ? ?                                              ? 
# 
_entity_name_com.entity_id   1 
_entity_name_com.name        'C3/C5 convertase, Complement C2b fragment' 
# 
_entity_poly.entity_id                      1 
_entity_poly.type                           'polypeptide(L)' 
_entity_poly.nstd_linkage                   no 
_entity_poly.nstd_monomer                   no 
_entity_poly.pdbx_seq_one_letter_code       
;APSCPQNVNISGGTFTLSHGWAPGSLLTYSCPQGLYPSPASRLCKSSGQWQTPGATRSLSKAVCKPVRCPAPVSFENGIY
TPRLGSYPVGGNVSFECEDGFILRGSPVRQCRPNGMWDGETAVCDNGAGHCPNPGISLGAVRTGFRFGHGDKVRYRCSSN
LVLTGSSERECQGNGVWSGTEPICRQPYSYDFPEDVAPALGTSFSHMLGATNPTQKTKESLGR
;
_entity_poly.pdbx_seq_one_letter_code_can   
;APSCPQNVNISGGTFTLSHGWAPGSLLTYSCPQGLYPSPASRLCKSSGQWQTPGATRSLSKAVCKPVRCPAPVSFENGIY
TPRLGSYPVGGNVSFECEDGFILRGSPVRQCRPNGMWDGETAVCDNGAGHCPNPGISLGAVRTGFRFGHGDKVRYRCSSN
LVLTGSSERECQGNGVWSGTEPICRQPYSYDFPEDVAPALGTSFSHMLGATNPTQKTKESLGR
;
_entity_poly.pdbx_strand_id                 A 
_entity_poly.pdbx_target_identifier         ? 
# 
_pdbx_entity_nonpoly.entity_id   2 
_pdbx_entity_nonpoly.name        water 
_pdbx_entity_nonpoly.comp_id     HOH 
# 
loop_
_entity_poly_seq.entity_id 
_entity_poly_seq.num 
_entity_poly_seq.mon_id 
_entity_poly_seq.hetero 
1 1   ALA n 
1 2   PRO n 
1 3   SER n 
1 4   CYS n 
1 5   PRO n 
1 6   GLN n 
1 7   ASN n 
1 8   VAL n 
1 9   ASN n 
1 10  ILE n 
1 11  SER n 
1 12  GLY n 
1 13  GLY n 
1 14  THR n 
1 15  PHE n 
1 16  THR n 
1 17  LEU n 
1 18  SER n 
1 19  HIS n 
1 20  GLY n 
1 21  TRP n 
1 22  ALA n 
1 23  PRO n 
1 24  GLY n 
1 25  SER n 
1 26  LEU n 
1 27  LEU n 
1 28  THR n 
1 29  TYR n 
1 30  SER n 
1 31  CYS n 
1 32  PRO n 
1 33  GLN n 
1 34  GLY n 
1 35  LEU n 
1 36  TYR n 
1 37  PRO n 
1 38  SER n 
1 39  PRO n 
1 40  ALA n 
1 41  SER n 
1 42  ARG n 
1 43  LEU n 
1 44  CYS n 
1 45  LYS n 
1 46  SER n 
1 47  SER n 
1 48  GLY n 
1 49  GLN n 
1 50  TRP n 
1 51  GLN n 
1 52  THR n 
1 53  PRO n 
1 54  GLY n 
1 55  ALA n 
1 56  THR n 
1 57  ARG n 
1 58  SER n 
1 59  LEU n 
1 60  SER n 
1 61  LYS n 
1 62  ALA n 
1 63  VAL n 
1 64  CYS n 
1 65  LYS n 
1 66  PRO n 
1 67  VAL n 
1 68  ARG n 
1 69  CYS n 
1 70  PRO n 
1 71  ALA n 
1 72  PRO n 
1 73  VAL n 
1 74  SER n 
1 75  PHE n 
1 76  GLU n 
1 77  ASN n 
1 78  GLY n 
1 79  ILE n 
1 80  TYR n 
1 81  THR n 
1 82  PRO n 
1 83  ARG n 
1 84  LEU n 
1 85  GLY n 
1 86  SER n 
1 87  TYR n 
1 88  PRO n 
1 89  VAL n 
1 90  GLY n 
1 91  GLY n 
1 92  ASN n 
1 93  VAL n 
1 94  SER n 
1 95  PHE n 
1 96  GLU n 
1 97  CYS n 
1 98  GLU n 
1 99  ASP n 
1 100 GLY n 
1 101 PHE n 
1 102 ILE n 
1 103 LEU n 
1 104 ARG n 
1 105 GLY n 
1 106 SER n 
1 107 PRO n 
1 108 VAL n 
1 109 ARG n 
1 110 GLN n 
1 111 CYS n 
1 112 ARG n 
1 113 PRO n 
1 114 ASN n 
1 115 GLY n 
1 116 MET n 
1 117 TRP n 
1 118 ASP n 
1 119 GLY n 
1 120 GLU n 
1 121 THR n 
1 122 ALA n 
1 123 VAL n 
1 124 CYS n 
1 125 ASP n 
1 126 ASN n 
1 127 GLY n 
1 128 ALA n 
1 129 GLY n 
1 130 HIS n 
1 131 CYS n 
1 132 PRO n 
1 133 ASN n 
1 134 PRO n 
1 135 GLY n 
1 136 ILE n 
1 137 SER n 
1 138 LEU n 
1 139 GLY n 
1 140 ALA n 
1 141 VAL n 
1 142 ARG n 
1 143 THR n 
1 144 GLY n 
1 145 PHE n 
1 146 ARG n 
1 147 PHE n 
1 148 GLY n 
1 149 HIS n 
1 150 GLY n 
1 151 ASP n 
1 152 LYS n 
1 153 VAL n 
1 154 ARG n 
1 155 TYR n 
1 156 ARG n 
1 157 CYS n 
1 158 SER n 
1 159 SER n 
1 160 ASN n 
1 161 LEU n 
1 162 VAL n 
1 163 LEU n 
1 164 THR n 
1 165 GLY n 
1 166 SER n 
1 167 SER n 
1 168 GLU n 
1 169 ARG n 
1 170 GLU n 
1 171 CYS n 
1 172 GLN n 
1 173 GLY n 
1 174 ASN n 
1 175 GLY n 
1 176 VAL n 
1 177 TRP n 
1 178 SER n 
1 179 GLY n 
1 180 THR n 
1 181 GLU n 
1 182 PRO n 
1 183 ILE n 
1 184 CYS n 
1 185 ARG n 
1 186 GLN n 
1 187 PRO n 
1 188 TYR n 
1 189 SER n 
1 190 TYR n 
1 191 ASP n 
1 192 PHE n 
1 193 PRO n 
1 194 GLU n 
1 195 ASP n 
1 196 VAL n 
1 197 ALA n 
1 198 PRO n 
1 199 ALA n 
1 200 LEU n 
1 201 GLY n 
1 202 THR n 
1 203 SER n 
1 204 PHE n 
1 205 SER n 
1 206 HIS n 
1 207 MET n 
1 208 LEU n 
1 209 GLY n 
1 210 ALA n 
1 211 THR n 
1 212 ASN n 
1 213 PRO n 
1 214 THR n 
1 215 GLN n 
1 216 LYS n 
1 217 THR n 
1 218 LYS n 
1 219 GLU n 
1 220 SER n 
1 221 LEU n 
1 222 GLY n 
1 223 ARG n 
# 
_entity_src_gen.entity_id                          1 
_entity_src_gen.pdbx_src_id                        1 
_entity_src_gen.pdbx_alt_source_flag               sample 
_entity_src_gen.pdbx_seq_type                      ? 
_entity_src_gen.pdbx_beg_seq_num                   ? 
_entity_src_gen.pdbx_end_seq_num                   ? 
_entity_src_gen.gene_src_common_name               Human 
_entity_src_gen.gene_src_genus                     ? 
_entity_src_gen.pdbx_gene_src_gene                 ? 
_entity_src_gen.gene_src_species                   ? 
_entity_src_gen.gene_src_strain                    ? 
_entity_src_gen.gene_src_tissue                    ? 
_entity_src_gen.gene_src_tissue_fraction           ? 
_entity_src_gen.gene_src_details                   ? 
_entity_src_gen.pdbx_gene_src_fragment             ? 
_entity_src_gen.pdbx_gene_src_scientific_name      'Homo sapiens' 
_entity_src_gen.pdbx_gene_src_ncbi_taxonomy_id     9606 
_entity_src_gen.pdbx_gene_src_variant              ? 
_entity_src_gen.pdbx_gene_src_cell_line            ? 
_entity_src_gen.pdbx_gene_src_atcc                 ? 
_entity_src_gen.pdbx_gene_src_organ                ? 
_entity_src_gen.pdbx_gene_src_organelle            ? 
_entity_src_gen.pdbx_gene_src_cell                 ? 
_entity_src_gen.pdbx_gene_src_cellular_location    ? 
_entity_src_gen.host_org_common_name               'cabbage looper' 
_entity_src_gen.pdbx_host_org_scientific_name      'Trichoplusia ni' 
_entity_src_gen.pdbx_host_org_ncbi_taxonomy_id     7111 
_entity_src_gen.host_org_genus                     ? 
_entity_src_gen.pdbx_host_org_gene                 ? 
_entity_src_gen.pdbx_host_org_organ                ? 
_entity_src_gen.host_org_species                   ? 
_entity_src_gen.pdbx_host_org_tissue               ? 
_entity_src_gen.pdbx_host_org_tissue_fraction      ? 
_entity_src_gen.pdbx_host_org_strain               ? 
_entity_src_gen.pdbx_host_org_variant              ? 
_entity_src_gen.pdbx_host_org_cell_line            'High Five(BTI-TN-5B1-4)' 
_entity_src_gen.pdbx_host_org_atcc                 ? 
_entity_src_gen.pdbx_host_org_culture_collection   ? 
_entity_src_gen.pdbx_host_org_cell                 ? 
_entity_src_gen.pdbx_host_org_organelle            ? 
_entity_src_gen.pdbx_host_org_cellular_location    ? 
_entity_src_gen.pdbx_host_org_vector_type          BACULOVIRUS 
_entity_src_gen.pdbx_host_org_vector               ? 
_entity_src_gen.host_org_details                   ? 
_entity_src_gen.expression_system_id               ? 
_entity_src_gen.plasmid_name                       ? 
_entity_src_gen.plasmid_details                    ? 
_entity_src_gen.pdbx_description                   ? 
# 
loop_
_chem_comp.id 
_chem_comp.type 
_chem_comp.mon_nstd_flag 
_chem_comp.name 
_chem_comp.pdbx_synonyms 
_chem_comp.formula 
_chem_comp.formula_weight 
ALA 'L-peptide linking' y ALANINE         ? 'C3 H7 N O2'     89.093  
ARG 'L-peptide linking' y ARGININE        ? 'C6 H15 N4 O2 1' 175.209 
ASN 'L-peptide linking' y ASPARAGINE      ? 'C4 H8 N2 O3'    132.118 
ASP 'L-peptide linking' y 'ASPARTIC ACID' ? 'C4 H7 N O4'     133.103 
CYS 'L-peptide linking' y CYSTEINE        ? 'C3 H7 N O2 S'   121.158 
GLN 'L-peptide linking' y GLUTAMINE       ? 'C5 H10 N2 O3'   146.144 
GLU 'L-peptide linking' y 'GLUTAMIC ACID' ? 'C5 H9 N O4'     147.129 
GLY 'peptide linking'   y GLYCINE         ? 'C2 H5 N O2'     75.067  
HIS 'L-peptide linking' y HISTIDINE       ? 'C6 H10 N3 O2 1' 156.162 
HOH non-polymer         . WATER           ? 'H2 O'           18.015  
ILE 'L-peptide linking' y ISOLEUCINE      ? 'C6 H13 N O2'    131.173 
LEU 'L-peptide linking' y LEUCINE         ? 'C6 H13 N O2'    131.173 
LYS 'L-peptide linking' y LYSINE          ? 'C6 H15 N2 O2 1' 147.195 
MET 'L-peptide linking' y METHIONINE      ? 'C5 H11 N O2 S'  149.211 
PHE 'L-peptide linking' y PHENYLALANINE   ? 'C9 H11 N O2'    165.189 
PRO 'L-peptide linking' y PROLINE         ? 'C5 H9 N O2'     115.130 
SER 'L-peptide linking' y SERINE          ? 'C3 H7 N O3'     105.093 
THR 'L-peptide linking' y THREONINE       ? 'C4 H9 N O3'     119.119 
TRP 'L-peptide linking' y TRYPTOPHAN      ? 'C11 H12 N2 O2'  204.225 
TYR 'L-peptide linking' y TYROSINE        ? 'C9 H11 N O3'    181.189 
VAL 'L-peptide linking' y VALINE          ? 'C5 H11 N O2'    117.146 
# 
loop_
_pdbx_poly_seq_scheme.asym_id 
_pdbx_poly_seq_scheme.entity_id 
_pdbx_poly_seq_scheme.seq_id 
_pdbx_poly_seq_scheme.mon_id 
_pdbx_poly_seq_scheme.ndb_seq_num 
_pdbx_poly_seq_scheme.pdb_seq_num 
_pdbx_poly_seq_scheme.auth_seq_num 
_pdbx_poly_seq_scheme.pdb_mon_id 
_pdbx_poly_seq_scheme.auth_mon_id 
_pdbx_poly_seq_scheme.pdb_strand_id 
_pdbx_poly_seq_scheme.pdb_ins_code 
_pdbx_poly_seq_scheme.hetero 
A 1 1   ALA 1   1   ?   ?   ?   A . n 
A 1 2   PRO 2   2   ?   ?   ?   A . n 
A 1 3   SER 3   3   3   SER SER A . n 
A 1 4   CYS 4   4   4   CYS CYS A . n 
A 1 5   PRO 5   5   5   PRO PRO A . n 
A 1 6   GLN 6   6   6   GLN GLN A . n 
A 1 7   ASN 7   7   7   ASN ASN A . n 
A 1 8   VAL 8   8   8   VAL VAL A . n 
A 1 9   ASN 9   9   9   ASN ASN A . n 
A 1 10  ILE 10  10  10  ILE ILE A . n 
A 1 11  SER 11  11  11  SER SER A . n 
A 1 12  GLY 12  12  12  GLY GLY A . n 
A 1 13  GLY 13  13  13  GLY GLY A . n 
A 1 14  THR 14  14  14  THR THR A . n 
A 1 15  PHE 15  15  15  PHE PHE A . n 
A 1 16  THR 16  16  16  THR THR A . n 
A 1 17  LEU 17  17  17  LEU LEU A . n 
A 1 18  SER 18  18  18  SER SER A . n 
A 1 19  HIS 19  19  19  HIS HIS A . n 
A 1 20  GLY 20  20  20  GLY GLY A . n 
A 1 21  TRP 21  21  21  TRP TRP A . n 
A 1 22  ALA 22  22  22  ALA ALA A . n 
A 1 23  PRO 23  23  23  PRO PRO A . n 
A 1 24  GLY 24  24  24  GLY GLY A . n 
A 1 25  SER 25  25  25  SER SER A . n 
A 1 26  LEU 26  26  26  LEU LEU A . n 
A 1 27  LEU 27  27  27  LEU LEU A . n 
A 1 28  THR 28  28  28  THR THR A . n 
A 1 29  TYR 29  29  29  TYR TYR A . n 
A 1 30  SER 30  30  30  SER SER A . n 
A 1 31  CYS 31  31  31  CYS CYS A . n 
A 1 32  PRO 32  32  32  PRO PRO A . n 
A 1 33  GLN 33  33  33  GLN GLN A . n 
A 1 34  GLY 34  34  34  GLY GLY A . n 
A 1 35  LEU 35  35  35  LEU LEU A . n 
A 1 36  TYR 36  36  36  TYR TYR A . n 
A 1 37  PRO 37  37  37  PRO PRO A . n 
A 1 38  SER 38  38  38  SER SER A . n 
A 1 39  PRO 39  39  39  PRO PRO A . n 
A 1 40  ALA 40  40  40  ALA ALA A . n 
A 1 41  SER 41  41  41  SER SER A . n 
A 1 42  ARG 42  42  42  ARG ARG A . n 
A 1 43  LEU 43  43  43  LEU LEU A . n 
A 1 44  CYS 44  44  44  CYS CYS A . n 
A 1 45  LYS 45  45  45  LYS LYS A . n 
A 1 46  SER 46  46  46  SER SER A . n 
A 1 47  SER 47  47  47  SER SER A . n 
A 1 48  GLY 48  48  48  GLY GLY A . n 
A 1 49  GLN 49  49  49  GLN GLN A . n 
A 1 50  TRP 50  50  50  TRP TRP A . n 
A 1 51  GLN 51  51  51  GLN GLN A . n 
A 1 52  THR 52  52  52  THR THR A . n 
A 1 53  PRO 53  53  53  PRO PRO A . n 
A 1 54  GLY 54  54  ?   ?   ?   A . n 
A 1 55  ALA 55  55  ?   ?   ?   A . n 
A 1 56  THR 56  56  ?   ?   ?   A . n 
A 1 57  ARG 57  57  ?   ?   ?   A . n 
A 1 58  SER 58  58  ?   ?   ?   A . n 
A 1 59  LEU 59  59  ?   ?   ?   A . n 
A 1 60  SER 60  60  ?   ?   ?   A . n 
A 1 61  LYS 61  61  61  LYS LYS A . n 
A 1 62  ALA 62  62  62  ALA ALA A . n 
A 1 63  VAL 63  63  63  VAL VAL A . n 
A 1 64  CYS 64  64  64  CYS CYS A . n 
A 1 65  LYS 65  65  65  LYS LYS A . n 
A 1 66  PRO 66  66  66  PRO PRO A . n 
A 1 67  VAL 67  67  67  VAL VAL A . n 
A 1 68  ARG 68  68  68  ARG ARG A . n 
A 1 69  CYS 69  69  69  CYS CYS A . n 
A 1 70  PRO 70  70  70  PRO PRO A . n 
A 1 71  ALA 71  71  71  ALA ALA A . n 
A 1 72  PRO 72  72  72  PRO PRO A . n 
A 1 73  VAL 73  73  73  VAL VAL A . n 
A 1 74  SER 74  74  74  SER SER A . n 
A 1 75  PHE 75  75  75  PHE PHE A . n 
A 1 76  GLU 76  76  76  GLU GLU A . n 
A 1 77  ASN 77  77  77  ASN ASN A . n 
A 1 78  GLY 78  78  78  GLY GLY A . n 
A 1 79  ILE 79  79  79  ILE ILE A . n 
A 1 80  TYR 80  80  80  TYR TYR A . n 
A 1 81  THR 81  81  81  THR THR A . n 
A 1 82  PRO 82  82  82  PRO PRO A . n 
A 1 83  ARG 83  83  83  ARG ARG A . n 
A 1 84  LEU 84  84  84  LEU LEU A . n 
A 1 85  GLY 85  85  85  GLY GLY A . n 
A 1 86  SER 86  86  86  SER SER A . n 
A 1 87  TYR 87  87  87  TYR TYR A . n 
A 1 88  PRO 88  88  88  PRO PRO A . n 
A 1 89  VAL 89  89  89  VAL VAL A . n 
A 1 90  GLY 90  90  90  GLY GLY A . n 
A 1 91  GLY 91  91  91  GLY GLY A . n 
A 1 92  ASN 92  92  92  ASN ASN A . n 
A 1 93  VAL 93  93  93  VAL VAL A . n 
A 1 94  SER 94  94  94  SER SER A . n 
A 1 95  PHE 95  95  95  PHE PHE A . n 
A 1 96  GLU 96  96  96  GLU GLU A . n 
A 1 97  CYS 97  97  97  CYS CYS A . n 
A 1 98  GLU 98  98  98  GLU GLU A . n 
A 1 99  ASP 99  99  99  ASP ASP A . n 
A 1 100 GLY 100 100 100 GLY GLY A . n 
A 1 101 PHE 101 101 101 PHE PHE A . n 
A 1 102 ILE 102 102 102 ILE ILE A . n 
A 1 103 LEU 103 103 103 LEU LEU A . n 
A 1 104 ARG 104 104 104 ARG ARG A . n 
A 1 105 GLY 105 105 105 GLY GLY A . n 
A 1 106 SER 106 106 106 SER SER A . n 
A 1 107 PRO 107 107 107 PRO PRO A . n 
A 1 108 VAL 108 108 108 VAL VAL A . n 
A 1 109 ARG 109 109 109 ARG ARG A . n 
A 1 110 GLN 110 110 110 GLN GLN A . n 
A 1 111 CYS 111 111 111 CYS CYS A . n 
A 1 112 ARG 112 112 112 ARG ARG A . n 
A 1 113 PRO 113 113 113 PRO PRO A . n 
A 1 114 ASN 114 114 114 ASN ASN A . n 
A 1 115 GLY 115 115 115 GLY GLY A . n 
A 1 116 MET 116 116 116 MET MET A . n 
A 1 117 TRP 117 117 117 TRP TRP A . n 
A 1 118 ASP 118 118 118 ASP ASP A . n 
A 1 119 GLY 119 119 119 GLY GLY A . n 
A 1 120 GLU 120 120 120 GLU GLU A . n 
A 1 121 THR 121 121 121 THR THR A . n 
A 1 122 ALA 122 122 122 ALA ALA A . n 
A 1 123 VAL 123 123 123 VAL VAL A . n 
A 1 124 CYS 124 124 124 CYS CYS A . n 
A 1 125 ASP 125 125 125 ASP ASP A . n 
A 1 126 ASN 126 126 126 ASN ASN A . n 
A 1 127 GLY 127 127 127 GLY GLY A . n 
A 1 128 ALA 128 128 128 ALA ALA A . n 
A 1 129 GLY 129 129 129 GLY GLY A . n 
A 1 130 HIS 130 130 130 HIS HIS A . n 
A 1 131 CYS 131 131 131 CYS CYS A . n 
A 1 132 PRO 132 132 132 PRO PRO A . n 
A 1 133 ASN 133 133 133 ASN ASN A . n 
A 1 134 PRO 134 134 134 PRO PRO A . n 
A 1 135 GLY 135 135 135 GLY GLY A . n 
A 1 136 ILE 136 136 136 ILE ILE A . n 
A 1 137 SER 137 137 137 SER SER A . n 
A 1 138 LEU 138 138 138 LEU LEU A . n 
A 1 139 GLY 139 139 139 GLY GLY A . n 
A 1 140 ALA 140 140 140 ALA ALA A . n 
A 1 141 VAL 141 141 141 VAL VAL A . n 
A 1 142 ARG 142 142 142 ARG ARG A . n 
A 1 143 THR 143 143 143 THR THR A . n 
A 1 144 GLY 144 144 144 GLY GLY A . n 
A 1 145 PHE 145 145 145 PHE PHE A . n 
A 1 146 ARG 146 146 146 ARG ARG A . n 
A 1 147 PHE 147 147 147 PHE PHE A . n 
A 1 148 GLY 148 148 148 GLY GLY A . n 
A 1 149 HIS 149 149 149 HIS HIS A . n 
A 1 150 GLY 150 150 150 GLY GLY A . n 
A 1 151 ASP 151 151 151 ASP ASP A . n 
A 1 152 LYS 152 152 152 LYS LYS A . n 
A 1 153 VAL 153 153 153 VAL VAL A . n 
A 1 154 ARG 154 154 154 ARG ARG A . n 
A 1 155 TYR 155 155 155 TYR TYR A . n 
A 1 156 ARG 156 156 156 ARG ARG A . n 
A 1 157 CYS 157 157 157 CYS CYS A . n 
A 1 158 SER 158 158 158 SER SER A . n 
A 1 159 SER 159 159 159 SER SER A . n 
A 1 160 ASN 160 160 160 ASN ASN A . n 
A 1 161 LEU 161 161 161 LEU LEU A . n 
A 1 162 VAL 162 162 162 VAL VAL A . n 
A 1 163 LEU 163 163 163 LEU LEU A . n 
A 1 164 THR 164 164 164 THR THR A . n 
A 1 165 GLY 165 165 165 GLY GLY A . n 
A 1 166 SER 166 166 166 SER SER A . n 
A 1 167 SER 167 167 167 SER SER A . n 
A 1 168 GLU 168 168 168 GLU GLU A . n 
A 1 169 ARG 169 169 169 ARG ARG A . n 
A 1 170 GLU 170 170 170 GLU GLU A . n 
A 1 171 CYS 171 171 171 CYS CYS A . n 
A 1 172 GLN 172 172 172 GLN GLN A . n 
A 1 173 GLY 173 173 173 GLY GLY A . n 
A 1 174 ASN 174 174 174 ASN ASN A . n 
A 1 175 GLY 175 175 175 GLY GLY A . n 
A 1 176 VAL 176 176 176 VAL VAL A . n 
A 1 177 TRP 177 177 177 TRP TRP A . n 
A 1 178 SER 178 178 178 SER SER A . n 
A 1 179 GLY 179 179 179 GLY GLY A . n 
A 1 180 THR 180 180 180 THR THR A . n 
A 1 181 GLU 181 181 181 GLU GLU A . n 
A 1 182 PRO 182 182 182 PRO PRO A . n 
A 1 183 ILE 183 183 183 ILE ILE A . n 
A 1 184 CYS 184 184 184 CYS CYS A . n 
A 1 185 ARG 185 185 185 ARG ARG A . n 
A 1 186 GLN 186 186 186 GLN GLN A . n 
A 1 187 PRO 187 187 187 PRO PRO A . n 
A 1 188 TYR 188 188 188 TYR TYR A . n 
A 1 189 SER 189 189 189 SER SER A . n 
A 1 190 TYR 190 190 190 TYR TYR A . n 
A 1 191 ASP 191 191 191 ASP ASP A . n 
A 1 192 PHE 192 192 192 PHE PHE A . n 
A 1 193 PRO 193 193 193 PRO PRO A . n 
A 1 194 GLU 194 194 194 GLU GLU A . n 
A 1 195 ASP 195 195 195 ASP ASP A . n 
A 1 196 VAL 196 196 196 VAL VAL A . n 
A 1 197 ALA 197 197 197 ALA ALA A . n 
A 1 198 PRO 198 198 ?   ?   ?   A . n 
A 1 199 ALA 199 199 ?   ?   ?   A . n 
A 1 200 LEU 200 200 ?   ?   ?   A . n 
A 1 201 GLY 201 201 ?   ?   ?   A . n 
A 1 202 THR 202 202 ?   ?   ?   A . n 
A 1 203 SER 203 203 ?   ?   ?   A . n 
A 1 204 PHE 204 204 ?   ?   ?   A . n 
A 1 205 SER 205 205 ?   ?   ?   A . n 
A 1 206 HIS 206 206 ?   ?   ?   A . n 
A 1 207 MET 207 207 ?   ?   ?   A . n 
A 1 208 LEU 208 208 ?   ?   ?   A . n 
A 1 209 GLY 209 209 ?   ?   ?   A . n 
A 1 210 ALA 210 210 ?   ?   ?   A . n 
A 1 211 THR 211 211 ?   ?   ?   A . n 
A 1 212 ASN 212 212 ?   ?   ?   A . n 
A 1 213 PRO 213 213 ?   ?   ?   A . n 
A 1 214 THR 214 214 ?   ?   ?   A . n 
A 1 215 GLN 215 215 ?   ?   ?   A . n 
A 1 216 LYS 216 216 ?   ?   ?   A . n 
A 1 217 THR 217 217 ?   ?   ?   A . n 
A 1 218 LYS 218 218 ?   ?   ?   A . n 
A 1 219 GLU 219 219 ?   ?   ?   A . n 
A 1 220 SER 220 220 ?   ?   ?   A . n 
A 1 221 LEU 221 221 ?   ?   ?   A . n 
A 1 222 GLY 222 222 ?   ?   ?   A . n 
A 1 223 ARG 223 223 ?   ?   ?   A . n 
# 
loop_
_pdbx_nonpoly_scheme.asym_id 
_pdbx_nonpoly_scheme.entity_id 
_pdbx_nonpoly_scheme.mon_id 
_pdbx_nonpoly_scheme.ndb_seq_num 
_pdbx_nonpoly_scheme.pdb_seq_num 
_pdbx_nonpoly_scheme.auth_seq_num 
_pdbx_nonpoly_scheme.pdb_mon_id 
_pdbx_nonpoly_scheme.auth_mon_id 
_pdbx_nonpoly_scheme.pdb_strand_id 
_pdbx_nonpoly_scheme.pdb_ins_code 
B 2 HOH 1   224 1   HOH HOH A . 
B 2 HOH 2   225 2   HOH HOH A . 
B 2 HOH 3   226 3   HOH HOH A . 
B 2 HOH 4   227 4   HOH HOH A . 
B 2 HOH 5   228 5   HOH HOH A . 
B 2 HOH 6   229 6   HOH HOH A . 
B 2 HOH 7   230 7   HOH HOH A . 
B 2 HOH 8   231 8   HOH HOH A . 
B 2 HOH 9   232 9   HOH HOH A . 
B 2 HOH 10  233 10  HOH HOH A . 
B 2 HOH 11  234 11  HOH HOH A . 
B 2 HOH 12  235 12  HOH HOH A . 
B 2 HOH 13  236 13  HOH HOH A . 
B 2 HOH 14  237 14  HOH HOH A . 
B 2 HOH 15  238 15  HOH HOH A . 
B 2 HOH 16  239 16  HOH HOH A . 
B 2 HOH 17  240 17  HOH HOH A . 
B 2 HOH 18  241 18  HOH HOH A . 
B 2 HOH 19  242 19  HOH HOH A . 
B 2 HOH 20  243 20  HOH HOH A . 
B 2 HOH 21  244 21  HOH HOH A . 
B 2 HOH 22  245 22  HOH HOH A . 
B 2 HOH 23  246 23  HOH HOH A . 
B 2 HOH 24  247 24  HOH HOH A . 
B 2 HOH 25  248 25  HOH HOH A . 
B 2 HOH 26  249 26  HOH HOH A . 
B 2 HOH 27  250 27  HOH HOH A . 
B 2 HOH 28  251 28  HOH HOH A . 
B 2 HOH 29  252 29  HOH HOH A . 
B 2 HOH 30  253 30  HOH HOH A . 
B 2 HOH 31  254 31  HOH HOH A . 
B 2 HOH 32  255 32  HOH HOH A . 
B 2 HOH 33  256 33  HOH HOH A . 
B 2 HOH 34  257 34  HOH HOH A . 
B 2 HOH 35  258 35  HOH HOH A . 
B 2 HOH 36  259 36  HOH HOH A . 
B 2 HOH 37  260 37  HOH HOH A . 
B 2 HOH 38  261 38  HOH HOH A . 
B 2 HOH 39  262 39  HOH HOH A . 
B 2 HOH 40  263 40  HOH HOH A . 
B 2 HOH 41  264 41  HOH HOH A . 
B 2 HOH 42  265 42  HOH HOH A . 
B 2 HOH 43  266 43  HOH HOH A . 
B 2 HOH 44  267 44  HOH HOH A . 
B 2 HOH 45  268 45  HOH HOH A . 
B 2 HOH 46  269 46  HOH HOH A . 
B 2 HOH 47  270 47  HOH HOH A . 
B 2 HOH 48  271 48  HOH HOH A . 
B 2 HOH 49  272 49  HOH HOH A . 
B 2 HOH 50  273 50  HOH HOH A . 
B 2 HOH 51  274 51  HOH HOH A . 
B 2 HOH 52  275 52  HOH HOH A . 
B 2 HOH 53  276 53  HOH HOH A . 
B 2 HOH 54  277 54  HOH HOH A . 
B 2 HOH 55  278 55  HOH HOH A . 
B 2 HOH 56  279 56  HOH HOH A . 
B 2 HOH 57  280 57  HOH HOH A . 
B 2 HOH 58  281 58  HOH HOH A . 
B 2 HOH 59  282 59  HOH HOH A . 
B 2 HOH 60  283 60  HOH HOH A . 
B 2 HOH 61  284 61  HOH HOH A . 
B 2 HOH 62  285 62  HOH HOH A . 
B 2 HOH 63  286 63  HOH HOH A . 
B 2 HOH 64  287 64  HOH HOH A . 
B 2 HOH 65  288 65  HOH HOH A . 
B 2 HOH 66  289 66  HOH HOH A . 
B 2 HOH 67  290 67  HOH HOH A . 
B 2 HOH 68  291 68  HOH HOH A . 
B 2 HOH 69  292 69  HOH HOH A . 
B 2 HOH 70  293 70  HOH HOH A . 
B 2 HOH 71  294 71  HOH HOH A . 
B 2 HOH 72  295 72  HOH HOH A . 
B 2 HOH 73  296 73  HOH HOH A . 
B 2 HOH 74  297 74  HOH HOH A . 
B 2 HOH 75  298 75  HOH HOH A . 
B 2 HOH 76  299 76  HOH HOH A . 
B 2 HOH 77  300 77  HOH HOH A . 
B 2 HOH 78  301 78  HOH HOH A . 
B 2 HOH 79  302 79  HOH HOH A . 
B 2 HOH 80  303 80  HOH HOH A . 
B 2 HOH 81  304 81  HOH HOH A . 
B 2 HOH 82  305 82  HOH HOH A . 
B 2 HOH 83  306 83  HOH HOH A . 
B 2 HOH 84  307 84  HOH HOH A . 
B 2 HOH 85  308 85  HOH HOH A . 
B 2 HOH 86  309 86  HOH HOH A . 
B 2 HOH 87  310 87  HOH HOH A . 
B 2 HOH 88  311 88  HOH HOH A . 
B 2 HOH 89  312 89  HOH HOH A . 
B 2 HOH 90  313 90  HOH HOH A . 
B 2 HOH 91  314 91  HOH HOH A . 
B 2 HOH 92  315 92  HOH HOH A . 
B 2 HOH 93  316 93  HOH HOH A . 
B 2 HOH 94  317 94  HOH HOH A . 
B 2 HOH 95  318 95  HOH HOH A . 
B 2 HOH 96  319 96  HOH HOH A . 
B 2 HOH 97  320 97  HOH HOH A . 
B 2 HOH 98  321 98  HOH HOH A . 
B 2 HOH 99  322 99  HOH HOH A . 
B 2 HOH 100 323 100 HOH HOH A . 
B 2 HOH 101 324 101 HOH HOH A . 
B 2 HOH 102 325 102 HOH HOH A . 
B 2 HOH 103 326 103 HOH HOH A . 
B 2 HOH 104 327 104 HOH HOH A . 
B 2 HOH 105 328 105 HOH HOH A . 
B 2 HOH 106 329 106 HOH HOH A . 
B 2 HOH 107 330 107 HOH HOH A . 
B 2 HOH 108 331 108 HOH HOH A . 
B 2 HOH 109 332 109 HOH HOH A . 
B 2 HOH 110 333 110 HOH HOH A . 
B 2 HOH 111 334 111 HOH HOH A . 
B 2 HOH 112 335 112 HOH HOH A . 
B 2 HOH 113 336 113 HOH HOH A . 
B 2 HOH 114 337 114 HOH HOH A . 
B 2 HOH 115 338 115 HOH HOH A . 
B 2 HOH 116 339 116 HOH HOH A . 
B 2 HOH 117 340 117 HOH HOH A . 
B 2 HOH 118 341 118 HOH HOH A . 
B 2 HOH 119 342 119 HOH HOH A . 
B 2 HOH 120 343 120 HOH HOH A . 
B 2 HOH 121 344 121 HOH HOH A . 
B 2 HOH 122 345 122 HOH HOH A . 
B 2 HOH 123 346 123 HOH HOH A . 
B 2 HOH 124 347 124 HOH HOH A . 
B 2 HOH 125 348 125 HOH HOH A . 
B 2 HOH 126 349 126 HOH HOH A . 
B 2 HOH 127 350 127 HOH HOH A . 
B 2 HOH 128 351 128 HOH HOH A . 
B 2 HOH 129 352 129 HOH HOH A . 
B 2 HOH 130 353 130 HOH HOH A . 
B 2 HOH 131 354 131 HOH HOH A . 
B 2 HOH 132 355 132 HOH HOH A . 
B 2 HOH 133 356 133 HOH HOH A . 
B 2 HOH 134 357 134 HOH HOH A . 
B 2 HOH 135 358 135 HOH HOH A . 
B 2 HOH 136 359 136 HOH HOH A . 
B 2 HOH 137 360 137 HOH HOH A . 
B 2 HOH 138 361 138 HOH HOH A . 
B 2 HOH 139 362 139 HOH HOH A . 
B 2 HOH 140 363 140 HOH HOH A . 
B 2 HOH 141 364 141 HOH HOH A . 
B 2 HOH 142 365 142 HOH HOH A . 
B 2 HOH 143 366 143 HOH HOH A . 
B 2 HOH 144 367 144 HOH HOH A . 
B 2 HOH 145 368 145 HOH HOH A . 
B 2 HOH 146 369 146 HOH HOH A . 
B 2 HOH 147 370 147 HOH HOH A . 
B 2 HOH 148 371 148 HOH HOH A . 
B 2 HOH 149 372 149 HOH HOH A . 
B 2 HOH 150 373 150 HOH HOH A . 
B 2 HOH 151 374 151 HOH HOH A . 
B 2 HOH 152 375 152 HOH HOH A . 
B 2 HOH 153 376 153 HOH HOH A . 
B 2 HOH 154 377 154 HOH HOH A . 
B 2 HOH 155 378 155 HOH HOH A . 
B 2 HOH 156 379 156 HOH HOH A . 
B 2 HOH 157 380 157 HOH HOH A . 
B 2 HOH 158 381 158 HOH HOH A . 
B 2 HOH 159 382 159 HOH HOH A . 
B 2 HOH 160 383 160 HOH HOH A . 
B 2 HOH 161 384 161 HOH HOH A . 
B 2 HOH 162 385 162 HOH HOH A . 
B 2 HOH 163 386 163 HOH HOH A . 
B 2 HOH 164 387 164 HOH HOH A . 
B 2 HOH 165 388 165 HOH HOH A . 
B 2 HOH 166 389 166 HOH HOH A . 
B 2 HOH 167 390 167 HOH HOH A . 
B 2 HOH 168 391 168 HOH HOH A . 
B 2 HOH 169 392 169 HOH HOH A . 
B 2 HOH 170 393 170 HOH HOH A . 
B 2 HOH 171 394 171 HOH HOH A . 
B 2 HOH 172 395 172 HOH HOH A . 
B 2 HOH 173 396 173 HOH HOH A . 
B 2 HOH 174 397 174 HOH HOH A . 
B 2 HOH 175 398 175 HOH HOH A . 
B 2 HOH 176 399 176 HOH HOH A . 
B 2 HOH 177 400 177 HOH HOH A . 
B 2 HOH 178 401 178 HOH HOH A . 
B 2 HOH 179 402 179 HOH HOH A . 
B 2 HOH 180 403 180 HOH HOH A . 
B 2 HOH 181 404 181 HOH HOH A . 
B 2 HOH 182 405 182 HOH HOH A . 
B 2 HOH 183 406 183 HOH HOH A . 
B 2 HOH 184 407 184 HOH HOH A . 
B 2 HOH 185 408 185 HOH HOH A . 
B 2 HOH 186 409 186 HOH HOH A . 
B 2 HOH 187 410 187 HOH HOH A . 
B 2 HOH 188 411 188 HOH HOH A . 
B 2 HOH 189 412 189 HOH HOH A . 
B 2 HOH 190 413 190 HOH HOH A . 
B 2 HOH 191 414 191 HOH HOH A . 
B 2 HOH 192 415 192 HOH HOH A . 
B 2 HOH 193 416 193 HOH HOH A . 
B 2 HOH 194 417 194 HOH HOH A . 
B 2 HOH 195 418 195 HOH HOH A . 
B 2 HOH 196 419 196 HOH HOH A . 
B 2 HOH 197 420 197 HOH HOH A . 
# 
loop_
_software.name 
_software.classification 
_software.version 
_software.citation_id 
_software.pdbx_ordinal 
CNS    refinement       .        ? 1 
REFMAC refinement       5.2.0019 ? 2 
d*TREK 'data reduction' .        ? 3 
d*TREK 'data scaling'   .        ? 4 
CNS    phasing          .        ? 5 
# 
_cell.entry_id           3ERB 
_cell.length_a           60.060 
_cell.length_b           60.060 
_cell.length_c           61.687 
_cell.angle_alpha        90.00 
_cell.angle_beta         90.00 
_cell.angle_gamma        120.00 
_cell.Z_PDB              3 
_cell.pdbx_unique_axis   ? 
_cell.length_a_esd       ? 
_cell.length_b_esd       ? 
_cell.length_c_esd       ? 
_cell.angle_alpha_esd    ? 
_cell.angle_beta_esd     ? 
_cell.angle_gamma_esd    ? 
# 
_symmetry.entry_id                         3ERB 
_symmetry.space_group_name_H-M             'P 31' 
_symmetry.pdbx_full_space_group_name_H-M   ? 
_symmetry.cell_setting                     ? 
_symmetry.Int_Tables_number                144 
_symmetry.space_group_name_Hall            ? 
# 
_exptl.entry_id          3ERB 
_exptl.method            'X-RAY DIFFRACTION' 
_exptl.crystals_number   1 
# 
_exptl_crystal.id                    1 
_exptl_crystal.density_meas          ? 
_exptl_crystal.density_Matthews      2.71 
_exptl_crystal.density_percent_sol   54.60 
_exptl_crystal.description           ? 
_exptl_crystal.F_000                 ? 
_exptl_crystal.preparation           ? 
# 
_exptl_crystal_grow.crystal_id      1 
_exptl_crystal_grow.method          'VAPOR DIFFUSION, HANGING DROP' 
_exptl_crystal_grow.temp            277 
_exptl_crystal_grow.temp_details    ? 
_exptl_crystal_grow.pH              ? 
_exptl_crystal_grow.pdbx_details    
'18% PEG 3350, 0.22M Sodium Chloride, 0.02M Betaine Hydrochloride, VAPOR DIFFUSION, HANGING DROP, temperature 277K' 
_exptl_crystal_grow.pdbx_pH_range   . 
# 
_diffrn.id                     1 
_diffrn.ambient_temp           100 
_diffrn.ambient_temp_details   ? 
_diffrn.crystal_id             1 
# 
_diffrn_detector.diffrn_id              1 
_diffrn_detector.detector               'IMAGE PLATE' 
_diffrn_detector.type                   'RIGAKU RAXIS IV' 
_diffrn_detector.pdbx_collection_date   2006-12-06 
_diffrn_detector.details                ? 
# 
_diffrn_radiation.diffrn_id                        1 
_diffrn_radiation.wavelength_id                    1 
_diffrn_radiation.pdbx_monochromatic_or_laue_m_l   M 
_diffrn_radiation.monochromator                    ? 
_diffrn_radiation.pdbx_diffrn_protocol             'SINGLE WAVELENGTH' 
_diffrn_radiation.pdbx_scattering_type             x-ray 
# 
_diffrn_radiation_wavelength.id           1 
_diffrn_radiation_wavelength.wavelength   1.5418 
_diffrn_radiation_wavelength.wt           1.0 
# 
_diffrn_source.diffrn_id                   1 
_diffrn_source.source                      'ROTATING ANODE' 
_diffrn_source.type                        RIGAKU 
_diffrn_source.pdbx_synchrotron_site       ? 
_diffrn_source.pdbx_synchrotron_beamline   ? 
_diffrn_source.pdbx_wavelength             ? 
_diffrn_source.pdbx_wavelength_list        1.5418 
# 
_reflns.entry_id                     3ERB 
_reflns.observed_criterion_sigma_I   ? 
_reflns.observed_criterion_sigma_F   ? 
_reflns.d_resolution_low             40 
_reflns.d_resolution_high            1.8 
_reflns.number_obs                   23095 
_reflns.number_all                   ? 
_reflns.percent_possible_obs         100.0 
_reflns.pdbx_Rmerge_I_obs            0.033 
_reflns.pdbx_Rsym_value              ? 
_reflns.pdbx_netI_over_sigmaI        21.0 
_reflns.B_iso_Wilson_estimate        ? 
_reflns.pdbx_redundancy              4.36 
_reflns.R_free_details               ? 
_reflns.limit_h_max                  ? 
_reflns.limit_h_min                  ? 
_reflns.limit_k_max                  ? 
_reflns.limit_k_min                  ? 
_reflns.limit_l_max                  ? 
_reflns.limit_l_min                  ? 
_reflns.observed_criterion_F_max     ? 
_reflns.observed_criterion_F_min     ? 
_reflns.pdbx_chi_squared             ? 
_reflns.pdbx_scaling_rejects         ? 
_reflns.pdbx_diffrn_id               1 
_reflns.pdbx_ordinal                 1 
# 
_reflns_shell.d_res_high             1.8 
_reflns_shell.d_res_low              1.86 
_reflns_shell.percent_possible_all   100.0 
_reflns_shell.Rmerge_I_obs           0.237 
_reflns_shell.pdbx_Rsym_value        ? 
_reflns_shell.meanI_over_sigI_obs    5.1 
_reflns_shell.pdbx_redundancy        4.15 
_reflns_shell.percent_possible_obs   ? 
_reflns_shell.number_unique_all      ? 
_reflns_shell.number_measured_all    ? 
_reflns_shell.number_measured_obs    ? 
_reflns_shell.number_unique_obs      ? 
_reflns_shell.pdbx_chi_squared       ? 
_reflns_shell.pdbx_diffrn_id         ? 
_reflns_shell.pdbx_ordinal           1 
# 
_refine.entry_id                                 3ERB 
_refine.ls_number_reflns_obs                     21882 
_refine.ls_number_reflns_all                     ? 
_refine.pdbx_ls_sigma_I                          ? 
_refine.pdbx_ls_sigma_F                          ? 
_refine.pdbx_data_cutoff_high_absF               ? 
_refine.pdbx_data_cutoff_low_absF                ? 
_refine.pdbx_data_cutoff_high_rms_absF           ? 
_refine.ls_d_res_low                             21.52 
_refine.ls_d_res_high                            1.80 
_refine.ls_percent_reflns_obs                    99.90 
_refine.ls_R_factor_obs                          0.21552 
_refine.ls_R_factor_all                          ? 
_refine.ls_R_factor_R_work                       0.21420 
_refine.ls_R_factor_R_free                       0.23963 
_refine.ls_R_factor_R_free_error                 ? 
_refine.ls_R_factor_R_free_error_details         ? 
_refine.ls_percent_reflns_R_free                 5.1 
_refine.ls_number_reflns_R_free                  1182 
_refine.ls_number_parameters                     ? 
_refine.ls_number_restraints                     ? 
_refine.occupancy_min                            ? 
_refine.occupancy_max                            ? 
_refine.correlation_coeff_Fo_to_Fc               0.943 
_refine.correlation_coeff_Fo_to_Fc_free          0.930 
_refine.B_iso_mean                               23.257 
_refine.aniso_B[1][1]                            0.22 
_refine.aniso_B[2][2]                            0.22 
_refine.aniso_B[3][3]                            -0.33 
_refine.aniso_B[1][2]                            0.11 
_refine.aniso_B[1][3]                            0.00 
_refine.aniso_B[2][3]                            0.00 
_refine.solvent_model_details                    MASK 
_refine.solvent_model_param_ksol                 ? 
_refine.solvent_model_param_bsol                 ? 
_refine.pdbx_solvent_vdw_probe_radii             1.40 
_refine.pdbx_solvent_ion_probe_radii             0.80 
_refine.pdbx_solvent_shrinkage_radii             0.80 
_refine.pdbx_ls_cross_valid_method               THROUGHOUT 
_refine.details                                  ? 
_refine.pdbx_starting_model                      'PDB ENTRY 2OK5' 
_refine.pdbx_method_to_determine_struct          'MOLECULAR REPLACEMENT' 
_refine.pdbx_isotropic_thermal_model             ? 
_refine.pdbx_stereochemistry_target_values       'MAXIMUM LIKELIHOOD' 
_refine.pdbx_stereochem_target_val_spec_case     ? 
_refine.pdbx_R_Free_selection_details            RANDOM 
_refine.pdbx_overall_ESU_R                       0.127 
_refine.pdbx_overall_ESU_R_Free                  0.119 
_refine.overall_SU_ML                            0.079 
_refine.overall_SU_B                             2.490 
_refine.ls_redundancy_reflns_obs                 ? 
_refine.B_iso_min                                ? 
_refine.B_iso_max                                ? 
_refine.overall_SU_R_Cruickshank_DPI             ? 
_refine.overall_SU_R_free                        ? 
_refine.ls_wR_factor_R_free                      ? 
_refine.ls_wR_factor_R_work                      ? 
_refine.overall_FOM_free_R_set                   ? 
_refine.overall_FOM_work_R_set                   ? 
_refine.pdbx_refine_id                           'X-RAY DIFFRACTION' 
_refine.pdbx_overall_phase_error                 ? 
_refine.pdbx_diffrn_id                           1 
_refine.pdbx_TLS_residual_ADP_flag               ? 
_refine.pdbx_overall_SU_R_free_Cruickshank_DPI   ? 
_refine.pdbx_overall_SU_R_Blow_DPI               ? 
_refine.pdbx_overall_SU_R_free_Blow_DPI          ? 
# 
_refine_hist.pdbx_refine_id                   'X-RAY DIFFRACTION' 
_refine_hist.cycle_id                         LAST 
_refine_hist.pdbx_number_atoms_protein        1415 
_refine_hist.pdbx_number_atoms_nucleic_acid   0 
_refine_hist.pdbx_number_atoms_ligand         0 
_refine_hist.number_atoms_solvent             197 
_refine_hist.number_atoms_total               1612 
_refine_hist.d_res_high                       1.80 
_refine_hist.d_res_low                        21.52 
# 
loop_
_refine_ls_restr.type 
_refine_ls_restr.dev_ideal 
_refine_ls_restr.dev_ideal_target 
_refine_ls_restr.weight 
_refine_ls_restr.number 
_refine_ls_restr.pdbx_refine_id 
_refine_ls_restr.pdbx_restraint_function 
r_bond_refined_d         0.011  0.021  ? 1463 'X-RAY DIFFRACTION' ? 
r_angle_refined_deg      1.243  1.951  ? 1996 'X-RAY DIFFRACTION' ? 
r_dihedral_angle_1_deg   6.300  5.000  ? 188  'X-RAY DIFFRACTION' ? 
r_dihedral_angle_2_deg   30.163 22.969 ? 64   'X-RAY DIFFRACTION' ? 
r_dihedral_angle_3_deg   12.198 15.000 ? 206  'X-RAY DIFFRACTION' ? 
r_dihedral_angle_4_deg   16.708 15.000 ? 12   'X-RAY DIFFRACTION' ? 
r_chiral_restr           0.084  0.200  ? 201  'X-RAY DIFFRACTION' ? 
r_gen_planes_refined     0.005  0.020  ? 1167 'X-RAY DIFFRACTION' ? 
r_nbd_refined            0.203  0.200  ? 666  'X-RAY DIFFRACTION' ? 
r_nbtor_refined          0.301  0.200  ? 969  'X-RAY DIFFRACTION' ? 
r_xyhbond_nbd_refined    0.128  0.200  ? 137  'X-RAY DIFFRACTION' ? 
r_symmetry_vdw_refined   0.157  0.200  ? 31   'X-RAY DIFFRACTION' ? 
r_symmetry_hbond_refined 0.146  0.200  ? 17   'X-RAY DIFFRACTION' ? 
r_mcbond_it              0.813  1.500  ? 963  'X-RAY DIFFRACTION' ? 
r_mcangle_it             1.157  2.000  ? 1502 'X-RAY DIFFRACTION' ? 
r_scbond_it              2.070  3.000  ? 585  'X-RAY DIFFRACTION' ? 
r_scangle_it             3.341  4.500  ? 493  'X-RAY DIFFRACTION' ? 
# 
_refine_ls_shell.pdbx_total_number_of_bins_used   20 
_refine_ls_shell.d_res_high                       1.800 
_refine_ls_shell.d_res_low                        1.847 
_refine_ls_shell.number_reflns_R_work             1627 
_refine_ls_shell.R_factor_R_work                  0.321 
_refine_ls_shell.percent_reflns_obs               99.94 
_refine_ls_shell.R_factor_R_free                  0.393 
_refine_ls_shell.R_factor_R_free_error            ? 
_refine_ls_shell.percent_reflns_R_free            ? 
_refine_ls_shell.number_reflns_R_free             98 
_refine_ls_shell.number_reflns_all                ? 
_refine_ls_shell.R_factor_all                     ? 
_refine_ls_shell.number_reflns_obs                ? 
_refine_ls_shell.redundancy_reflns_obs            ? 
_refine_ls_shell.pdbx_refine_id                   'X-RAY DIFFRACTION' 
# 
_struct.entry_id                  3ERB 
_struct.title                     
'The Crystal Structure of C2b, a Fragment of Complement Component C2 produced during C3-convertase Formation' 
_struct.pdbx_model_details        ? 
_struct.pdbx_CASP_flag            ? 
_struct.pdbx_model_type_details   ? 
# 
_struct_keywords.entry_id        3ERB 
_struct_keywords.pdbx_keywords   HYDROLASE 
_struct_keywords.text            
;Complement component C2b, C3/C5 convertase, complement control protein (CCP), short consensus repeat(SCR), Sushi domain, human complement system, complement second component C2, Complement pathway, Disease mutation, Glycoprotein, Hydrolase, Immune response, Innate immunity, Polymorphism, Protease, Secreted, Serine protease, Sushi
;
# 
loop_
_struct_asym.id 
_struct_asym.pdbx_blank_PDB_chainid_flag 
_struct_asym.pdbx_modified 
_struct_asym.entity_id 
_struct_asym.details 
A N N 1 ? 
B N N 2 ? 
# 
_struct_ref.id                         1 
_struct_ref.db_name                    UNP 
_struct_ref.db_code                    CO2_HUMAN 
_struct_ref.pdbx_db_accession          P06681 
_struct_ref.entity_id                  1 
_struct_ref.pdbx_seq_one_letter_code   
;APSCPQNVNISGGTFTLSHGWAPGSLLTYSCPQGLYPSPASRLCKSSGQWQTPGATRSLSKAVCKPVRCPAPVSFENGIY
TPRLGSYPVGGNVSFECEDGFILRGSPVRQCRPNGMWDGETAVCDNGAGHCPNPGISLGAVRTGFRFGHGDKVRYRCSSN
LVLTGSSERECQGNGVWSGTEPICRQPYSYDFPEDVAPALGTSFSHMLGATNPTQKTKESLGR
;
_struct_ref.pdbx_align_begin           21 
_struct_ref.pdbx_db_isoform            ? 
# 
_struct_ref_seq.align_id                      1 
_struct_ref_seq.ref_id                        1 
_struct_ref_seq.pdbx_PDB_id_code              3ERB 
_struct_ref_seq.pdbx_strand_id                A 
_struct_ref_seq.seq_align_beg                 1 
_struct_ref_seq.pdbx_seq_align_beg_ins_code   ? 
_struct_ref_seq.seq_align_end                 223 
_struct_ref_seq.pdbx_seq_align_end_ins_code   ? 
_struct_ref_seq.pdbx_db_accession             P06681 
_struct_ref_seq.db_align_beg                  21 
_struct_ref_seq.pdbx_db_align_beg_ins_code    ? 
_struct_ref_seq.db_align_end                  243 
_struct_ref_seq.pdbx_db_align_end_ins_code    ? 
_struct_ref_seq.pdbx_auth_seq_align_beg       1 
_struct_ref_seq.pdbx_auth_seq_align_end       223 
# 
_pdbx_struct_assembly.id                   1 
_pdbx_struct_assembly.details              author_and_software_defined_assembly 
_pdbx_struct_assembly.method_details       PISA 
_pdbx_struct_assembly.oligomeric_details   monomeric 
_pdbx_struct_assembly.oligomeric_count     1 
# 
_pdbx_struct_assembly_gen.assembly_id       1 
_pdbx_struct_assembly_gen.oper_expression   1 
_pdbx_struct_assembly_gen.asym_id_list      A,B 
# 
_pdbx_struct_oper_list.id                   1 
_pdbx_struct_oper_list.type                 'identity operation' 
_pdbx_struct_oper_list.name                 1_555 
_pdbx_struct_oper_list.symmetry_operation   x,y,z 
_pdbx_struct_oper_list.matrix[1][1]         1.0000000000 
_pdbx_struct_oper_list.matrix[1][2]         0.0000000000 
_pdbx_struct_oper_list.matrix[1][3]         0.0000000000 
_pdbx_struct_oper_list.vector[1]            0.0000000000 
_pdbx_struct_oper_list.matrix[2][1]         0.0000000000 
_pdbx_struct_oper_list.matrix[2][2]         1.0000000000 
_pdbx_struct_oper_list.matrix[2][3]         0.0000000000 
_pdbx_struct_oper_list.vector[2]            0.0000000000 
_pdbx_struct_oper_list.matrix[3][1]         0.0000000000 
_pdbx_struct_oper_list.matrix[3][2]         0.0000000000 
_pdbx_struct_oper_list.matrix[3][3]         1.0000000000 
_pdbx_struct_oper_list.vector[3]            0.0000000000 
# 
_struct_biol.id        1 
_struct_biol.details   ? 
# 
_struct_conf.conf_type_id            HELX_P 
_struct_conf.id                      HELX_P1 
_struct_conf.pdbx_PDB_helix_id       1 
_struct_conf.beg_label_comp_id       GLN 
_struct_conf.beg_label_asym_id       A 
_struct_conf.beg_label_seq_id        186 
_struct_conf.pdbx_beg_PDB_ins_code   ? 
_struct_conf.end_label_comp_id       PHE 
_struct_conf.end_label_asym_id       A 
_struct_conf.end_label_seq_id        192 
_struct_conf.pdbx_end_PDB_ins_code   ? 
_struct_conf.beg_auth_comp_id        GLN 
_struct_conf.beg_auth_asym_id        A 
_struct_conf.beg_auth_seq_id         186 
_struct_conf.end_auth_comp_id        PHE 
_struct_conf.end_auth_asym_id        A 
_struct_conf.end_auth_seq_id         192 
_struct_conf.pdbx_PDB_helix_class    5 
_struct_conf.details                 ? 
_struct_conf.pdbx_PDB_helix_length   7 
# 
_struct_conf_type.id          HELX_P 
_struct_conf_type.criteria    ? 
_struct_conf_type.reference   ? 
# 
loop_
_struct_conn.id 
_struct_conn.conn_type_id 
_struct_conn.pdbx_leaving_atom_flag 
_struct_conn.pdbx_PDB_id 
_struct_conn.ptnr1_label_asym_id 
_struct_conn.ptnr1_label_comp_id 
_struct_conn.ptnr1_label_seq_id 
_struct_conn.ptnr1_label_atom_id 
_struct_conn.pdbx_ptnr1_label_alt_id 
_struct_conn.pdbx_ptnr1_PDB_ins_code 
_struct_conn.pdbx_ptnr1_standard_comp_id 
_struct_conn.ptnr1_symmetry 
_struct_conn.ptnr2_label_asym_id 
_struct_conn.ptnr2_label_comp_id 
_struct_conn.ptnr2_label_seq_id 
_struct_conn.ptnr2_label_atom_id 
_struct_conn.pdbx_ptnr2_label_alt_id 
_struct_conn.pdbx_ptnr2_PDB_ins_code 
_struct_conn.ptnr1_auth_asym_id 
_struct_conn.ptnr1_auth_comp_id 
_struct_conn.ptnr1_auth_seq_id 
_struct_conn.ptnr2_auth_asym_id 
_struct_conn.ptnr2_auth_comp_id 
_struct_conn.ptnr2_auth_seq_id 
_struct_conn.ptnr2_symmetry 
_struct_conn.pdbx_ptnr3_label_atom_id 
_struct_conn.pdbx_ptnr3_label_seq_id 
_struct_conn.pdbx_ptnr3_label_comp_id 
_struct_conn.pdbx_ptnr3_label_asym_id 
_struct_conn.pdbx_ptnr3_label_alt_id 
_struct_conn.pdbx_ptnr3_PDB_ins_code 
_struct_conn.details 
_struct_conn.pdbx_dist_value 
_struct_conn.pdbx_value_order 
_struct_conn.pdbx_role 
disulf1 disulf ? ? A CYS 4   SG ? ? ? 1_555 A CYS 44  SG ? ? A CYS 4   A CYS 44  1_555 ? ? ? ? ? ? ? 2.041 ? ? 
disulf2 disulf ? ? A CYS 31  SG ? ? ? 1_555 A CYS 64  SG ? ? A CYS 31  A CYS 64  1_555 ? ? ? ? ? ? ? 2.036 ? ? 
disulf3 disulf ? ? A CYS 69  SG ? ? ? 1_555 A CYS 111 SG ? ? A CYS 69  A CYS 111 1_555 ? ? ? ? ? ? ? 2.027 ? ? 
disulf4 disulf ? ? A CYS 97  SG ? ? ? 1_555 A CYS 124 SG ? ? A CYS 97  A CYS 124 1_555 ? ? ? ? ? ? ? 2.050 ? ? 
disulf5 disulf ? ? A CYS 131 SG ? ? ? 1_555 A CYS 171 SG ? ? A CYS 131 A CYS 171 1_555 ? ? ? ? ? ? ? 2.026 ? ? 
disulf6 disulf ? ? A CYS 157 SG ? ? ? 1_555 A CYS 184 SG ? ? A CYS 157 A CYS 184 1_555 ? ? ? ? ? ? ? 2.034 ? ? 
# 
_struct_conn_type.id          disulf 
_struct_conn_type.criteria    ? 
_struct_conn_type.reference   ? 
# 
loop_
_pdbx_modification_feature.ordinal 
_pdbx_modification_feature.label_comp_id 
_pdbx_modification_feature.label_asym_id 
_pdbx_modification_feature.label_seq_id 
_pdbx_modification_feature.label_alt_id 
_pdbx_modification_feature.modified_residue_label_comp_id 
_pdbx_modification_feature.modified_residue_label_asym_id 
_pdbx_modification_feature.modified_residue_label_seq_id 
_pdbx_modification_feature.modified_residue_label_alt_id 
_pdbx_modification_feature.auth_comp_id 
_pdbx_modification_feature.auth_asym_id 
_pdbx_modification_feature.auth_seq_id 
_pdbx_modification_feature.PDB_ins_code 
_pdbx_modification_feature.symmetry 
_pdbx_modification_feature.modified_residue_auth_comp_id 
_pdbx_modification_feature.modified_residue_auth_asym_id 
_pdbx_modification_feature.modified_residue_auth_seq_id 
_pdbx_modification_feature.modified_residue_PDB_ins_code 
_pdbx_modification_feature.modified_residue_symmetry 
_pdbx_modification_feature.comp_id_linking_atom 
_pdbx_modification_feature.modified_residue_id_linking_atom 
_pdbx_modification_feature.modified_residue_id 
_pdbx_modification_feature.ref_pcm_id 
_pdbx_modification_feature.ref_comp_id 
_pdbx_modification_feature.type 
_pdbx_modification_feature.category 
1 CYS A 4   ? CYS A 44  ? CYS A 4   ? 1_555 CYS A 44  ? 1_555 SG SG . . . None 'Disulfide bridge' 
2 CYS A 31  ? CYS A 64  ? CYS A 31  ? 1_555 CYS A 64  ? 1_555 SG SG . . . None 'Disulfide bridge' 
3 CYS A 69  ? CYS A 111 ? CYS A 69  ? 1_555 CYS A 111 ? 1_555 SG SG . . . None 'Disulfide bridge' 
4 CYS A 97  ? CYS A 124 ? CYS A 97  ? 1_555 CYS A 124 ? 1_555 SG SG . . . None 'Disulfide bridge' 
5 CYS A 131 ? CYS A 171 ? CYS A 131 ? 1_555 CYS A 171 ? 1_555 SG SG . . . None 'Disulfide bridge' 
6 CYS A 157 ? CYS A 184 ? CYS A 157 ? 1_555 CYS A 184 ? 1_555 SG SG . . . None 'Disulfide bridge' 
# 
loop_
_struct_mon_prot_cis.pdbx_id 
_struct_mon_prot_cis.label_comp_id 
_struct_mon_prot_cis.label_seq_id 
_struct_mon_prot_cis.label_asym_id 
_struct_mon_prot_cis.label_alt_id 
_struct_mon_prot_cis.pdbx_PDB_ins_code 
_struct_mon_prot_cis.auth_comp_id 
_struct_mon_prot_cis.auth_seq_id 
_struct_mon_prot_cis.auth_asym_id 
_struct_mon_prot_cis.pdbx_label_comp_id_2 
_struct_mon_prot_cis.pdbx_label_seq_id_2 
_struct_mon_prot_cis.pdbx_label_asym_id_2 
_struct_mon_prot_cis.pdbx_PDB_ins_code_2 
_struct_mon_prot_cis.pdbx_auth_comp_id_2 
_struct_mon_prot_cis.pdbx_auth_seq_id_2 
_struct_mon_prot_cis.pdbx_auth_asym_id_2 
_struct_mon_prot_cis.pdbx_PDB_model_num 
_struct_mon_prot_cis.pdbx_omega_angle 
1 SER 38 A . ? SER 38 A PRO 39 A ? PRO 39 A 1 -5.44 
2 THR 81 A . ? THR 81 A PRO 82 A ? PRO 82 A 1 -3.27 
# 
loop_
_struct_sheet.id 
_struct_sheet.type 
_struct_sheet.number_strands 
_struct_sheet.details 
A ? 4 ? 
B ? 2 ? 
C ? 2 ? 
D ? 3 ? 
E ? 2 ? 
F ? 3 ? 
G ? 2 ? 
# 
loop_
_struct_sheet_order.sheet_id 
_struct_sheet_order.range_id_1 
_struct_sheet_order.range_id_2 
_struct_sheet_order.offset 
_struct_sheet_order.sense 
A 1 2 ? anti-parallel 
A 2 3 ? anti-parallel 
A 3 4 ? anti-parallel 
B 1 2 ? anti-parallel 
C 1 2 ? anti-parallel 
D 1 2 ? anti-parallel 
D 2 3 ? anti-parallel 
E 1 2 ? anti-parallel 
F 1 2 ? anti-parallel 
F 2 3 ? anti-parallel 
G 1 2 ? anti-parallel 
# 
loop_
_struct_sheet_range.sheet_id 
_struct_sheet_range.id 
_struct_sheet_range.beg_label_comp_id 
_struct_sheet_range.beg_label_asym_id 
_struct_sheet_range.beg_label_seq_id 
_struct_sheet_range.pdbx_beg_PDB_ins_code 
_struct_sheet_range.end_label_comp_id 
_struct_sheet_range.end_label_asym_id 
_struct_sheet_range.end_label_seq_id 
_struct_sheet_range.pdbx_end_PDB_ins_code 
_struct_sheet_range.beg_auth_comp_id 
_struct_sheet_range.beg_auth_asym_id 
_struct_sheet_range.beg_auth_seq_id 
_struct_sheet_range.end_auth_comp_id 
_struct_sheet_range.end_auth_asym_id 
_struct_sheet_range.end_auth_seq_id 
A 1 THR A 14  ? LEU A 17  ? THR A 14  LEU A 17  
A 2 LEU A 26  ? SER A 30  ? LEU A 26  SER A 30  
A 3 SER A 41  ? CYS A 44  ? SER A 41  CYS A 44  
A 4 TRP A 50  ? GLN A 51  ? TRP A 50  GLN A 51  
B 1 LEU A 35  ? SER A 38  ? LEU A 35  SER A 38  
B 2 VAL A 63  ? PRO A 66  ? VAL A 63  PRO A 66  
C 1 ARG A 68  ? PRO A 70  ? ARG A 68  PRO A 70  
C 2 SER A 86  ? PRO A 88  ? SER A 86  PRO A 88  
D 1 GLY A 78  ? THR A 81  ? GLY A 78  THR A 81  
D 2 ASN A 92  ? CYS A 97  ? ASN A 92  CYS A 97  
D 3 VAL A 108 ? GLN A 110 ? VAL A 108 GLN A 110 
E 1 ILE A 102 ? ARG A 104 ? ILE A 102 ARG A 104 
E 2 VAL A 123 ? ASP A 125 ? VAL A 123 ASP A 125 
F 1 ALA A 140 ? THR A 143 ? ALA A 140 THR A 143 
F 2 LYS A 152 ? CYS A 157 ? LYS A 152 CYS A 157 
F 3 GLU A 168 ? GLU A 170 ? GLU A 168 GLU A 170 
G 1 VAL A 162 ? THR A 164 ? VAL A 162 THR A 164 
G 2 ILE A 183 ? ARG A 185 ? ILE A 183 ARG A 185 
# 
loop_
_pdbx_struct_sheet_hbond.sheet_id 
_pdbx_struct_sheet_hbond.range_id_1 
_pdbx_struct_sheet_hbond.range_id_2 
_pdbx_struct_sheet_hbond.range_1_label_atom_id 
_pdbx_struct_sheet_hbond.range_1_label_comp_id 
_pdbx_struct_sheet_hbond.range_1_label_asym_id 
_pdbx_struct_sheet_hbond.range_1_label_seq_id 
_pdbx_struct_sheet_hbond.range_1_PDB_ins_code 
_pdbx_struct_sheet_hbond.range_1_auth_atom_id 
_pdbx_struct_sheet_hbond.range_1_auth_comp_id 
_pdbx_struct_sheet_hbond.range_1_auth_asym_id 
_pdbx_struct_sheet_hbond.range_1_auth_seq_id 
_pdbx_struct_sheet_hbond.range_2_label_atom_id 
_pdbx_struct_sheet_hbond.range_2_label_comp_id 
_pdbx_struct_sheet_hbond.range_2_label_asym_id 
_pdbx_struct_sheet_hbond.range_2_label_seq_id 
_pdbx_struct_sheet_hbond.range_2_PDB_ins_code 
_pdbx_struct_sheet_hbond.range_2_auth_atom_id 
_pdbx_struct_sheet_hbond.range_2_auth_comp_id 
_pdbx_struct_sheet_hbond.range_2_auth_asym_id 
_pdbx_struct_sheet_hbond.range_2_auth_seq_id 
A 1 2 N THR A 14  ? N THR A 14  O SER A 30  ? O SER A 30  
A 2 3 N LEU A 27  ? N LEU A 27  O ARG A 42  ? O ARG A 42  
A 3 4 N LEU A 43  ? N LEU A 43  O GLN A 51  ? O GLN A 51  
B 1 2 N SER A 38  ? N SER A 38  O VAL A 63  ? O VAL A 63  
C 1 2 N CYS A 69  ? N CYS A 69  O TYR A 87  ? O TYR A 87  
D 1 2 N THR A 81  ? N THR A 81  O SER A 94  ? O SER A 94  
D 2 3 N VAL A 93  ? N VAL A 93  O ARG A 109 ? O ARG A 109 
E 1 2 N ARG A 104 ? N ARG A 104 O VAL A 123 ? O VAL A 123 
F 1 2 N THR A 143 ? N THR A 143 O ARG A 154 ? O ARG A 154 
F 2 3 N VAL A 153 ? N VAL A 153 O ARG A 169 ? O ARG A 169 
G 1 2 N VAL A 162 ? N VAL A 162 O ARG A 185 ? O ARG A 185 
# 
_pdbx_entry_details.entry_id                   3ERB 
_pdbx_entry_details.compound_details           ? 
_pdbx_entry_details.source_details             ? 
_pdbx_entry_details.nonpolymer_details         ? 
_pdbx_entry_details.sequence_details           ? 
_pdbx_entry_details.has_ligand_of_interest     ? 
_pdbx_entry_details.has_protein_modification   Y 
# 
_pdbx_validate_torsion.id              1 
_pdbx_validate_torsion.PDB_model_num   1 
_pdbx_validate_torsion.auth_comp_id    SER 
_pdbx_validate_torsion.auth_asym_id    A 
_pdbx_validate_torsion.auth_seq_id     159 
_pdbx_validate_torsion.PDB_ins_code    ? 
_pdbx_validate_torsion.label_alt_id    ? 
_pdbx_validate_torsion.phi             51.84 
_pdbx_validate_torsion.psi             -132.01 
# 
loop_
_pdbx_unobs_or_zero_occ_residues.id 
_pdbx_unobs_or_zero_occ_residues.PDB_model_num 
_pdbx_unobs_or_zero_occ_residues.polymer_flag 
_pdbx_unobs_or_zero_occ_residues.occupancy_flag 
_pdbx_unobs_or_zero_occ_residues.auth_asym_id 
_pdbx_unobs_or_zero_occ_residues.auth_comp_id 
_pdbx_unobs_or_zero_occ_residues.auth_seq_id 
_pdbx_unobs_or_zero_occ_residues.PDB_ins_code 
_pdbx_unobs_or_zero_occ_residues.label_asym_id 
_pdbx_unobs_or_zero_occ_residues.label_comp_id 
_pdbx_unobs_or_zero_occ_residues.label_seq_id 
1  1 Y 1 A ALA 1   ? A ALA 1   
2  1 Y 1 A PRO 2   ? A PRO 2   
3  1 Y 1 A GLY 54  ? A GLY 54  
4  1 Y 1 A ALA 55  ? A ALA 55  
5  1 Y 1 A THR 56  ? A THR 56  
6  1 Y 1 A ARG 57  ? A ARG 57  
7  1 Y 1 A SER 58  ? A SER 58  
8  1 Y 1 A LEU 59  ? A LEU 59  
9  1 Y 1 A SER 60  ? A SER 60  
10 1 Y 1 A PRO 198 ? A PRO 198 
11 1 Y 1 A ALA 199 ? A ALA 199 
12 1 Y 1 A LEU 200 ? A LEU 200 
13 1 Y 1 A GLY 201 ? A GLY 201 
14 1 Y 1 A THR 202 ? A THR 202 
15 1 Y 1 A SER 203 ? A SER 203 
16 1 Y 1 A PHE 204 ? A PHE 204 
17 1 Y 1 A SER 205 ? A SER 205 
18 1 Y 1 A HIS 206 ? A HIS 206 
19 1 Y 1 A MET 207 ? A MET 207 
20 1 Y 1 A LEU 208 ? A LEU 208 
21 1 Y 1 A GLY 209 ? A GLY 209 
22 1 Y 1 A ALA 210 ? A ALA 210 
23 1 Y 1 A THR 211 ? A THR 211 
24 1 Y 1 A ASN 212 ? A ASN 212 
25 1 Y 1 A PRO 213 ? A PRO 213 
26 1 Y 1 A THR 214 ? A THR 214 
27 1 Y 1 A GLN 215 ? A GLN 215 
28 1 Y 1 A LYS 216 ? A LYS 216 
29 1 Y 1 A THR 217 ? A THR 217 
30 1 Y 1 A LYS 218 ? A LYS 218 
31 1 Y 1 A GLU 219 ? A GLU 219 
32 1 Y 1 A SER 220 ? A SER 220 
33 1 Y 1 A LEU 221 ? A LEU 221 
34 1 Y 1 A GLY 222 ? A GLY 222 
35 1 Y 1 A ARG 223 ? A ARG 223 
# 
loop_
_chem_comp_atom.comp_id 
_chem_comp_atom.atom_id 
_chem_comp_atom.type_symbol 
_chem_comp_atom.pdbx_aromatic_flag 
_chem_comp_atom.pdbx_stereo_config 
_chem_comp_atom.pdbx_ordinal 
ALA N    N N N 1   
ALA CA   C N S 2   
ALA C    C N N 3   
ALA O    O N N 4   
ALA CB   C N N 5   
ALA OXT  O N N 6   
ALA H    H N N 7   
ALA H2   H N N 8   
ALA HA   H N N 9   
ALA HB1  H N N 10  
ALA HB2  H N N 11  
ALA HB3  H N N 12  
ALA HXT  H N N 13  
ARG N    N N N 14  
ARG CA   C N S 15  
ARG C    C N N 16  
ARG O    O N N 17  
ARG CB   C N N 18  
ARG CG   C N N 19  
ARG CD   C N N 20  
ARG NE   N N N 21  
ARG CZ   C N N 22  
ARG NH1  N N N 23  
ARG NH2  N N N 24  
ARG OXT  O N N 25  
ARG H    H N N 26  
ARG H2   H N N 27  
ARG HA   H N N 28  
ARG HB2  H N N 29  
ARG HB3  H N N 30  
ARG HG2  H N N 31  
ARG HG3  H N N 32  
ARG HD2  H N N 33  
ARG HD3  H N N 34  
ARG HE   H N N 35  
ARG HH11 H N N 36  
ARG HH12 H N N 37  
ARG HH21 H N N 38  
ARG HH22 H N N 39  
ARG HXT  H N N 40  
ASN N    N N N 41  
ASN CA   C N S 42  
ASN C    C N N 43  
ASN O    O N N 44  
ASN CB   C N N 45  
ASN CG   C N N 46  
ASN OD1  O N N 47  
ASN ND2  N N N 48  
ASN OXT  O N N 49  
ASN H    H N N 50  
ASN H2   H N N 51  
ASN HA   H N N 52  
ASN HB2  H N N 53  
ASN HB3  H N N 54  
ASN HD21 H N N 55  
ASN HD22 H N N 56  
ASN HXT  H N N 57  
ASP N    N N N 58  
ASP CA   C N S 59  
ASP C    C N N 60  
ASP O    O N N 61  
ASP CB   C N N 62  
ASP CG   C N N 63  
ASP OD1  O N N 64  
ASP OD2  O N N 65  
ASP OXT  O N N 66  
ASP H    H N N 67  
ASP H2   H N N 68  
ASP HA   H N N 69  
ASP HB2  H N N 70  
ASP HB3  H N N 71  
ASP HD2  H N N 72  
ASP HXT  H N N 73  
CYS N    N N N 74  
CYS CA   C N R 75  
CYS C    C N N 76  
CYS O    O N N 77  
CYS CB   C N N 78  
CYS SG   S N N 79  
CYS OXT  O N N 80  
CYS H    H N N 81  
CYS H2   H N N 82  
CYS HA   H N N 83  
CYS HB2  H N N 84  
CYS HB3  H N N 85  
CYS HG   H N N 86  
CYS HXT  H N N 87  
GLN N    N N N 88  
GLN CA   C N S 89  
GLN C    C N N 90  
GLN O    O N N 91  
GLN CB   C N N 92  
GLN CG   C N N 93  
GLN CD   C N N 94  
GLN OE1  O N N 95  
GLN NE2  N N N 96  
GLN OXT  O N N 97  
GLN H    H N N 98  
GLN H2   H N N 99  
GLN HA   H N N 100 
GLN HB2  H N N 101 
GLN HB3  H N N 102 
GLN HG2  H N N 103 
GLN HG3  H N N 104 
GLN HE21 H N N 105 
GLN HE22 H N N 106 
GLN HXT  H N N 107 
GLU N    N N N 108 
GLU CA   C N S 109 
GLU C    C N N 110 
GLU O    O N N 111 
GLU CB   C N N 112 
GLU CG   C N N 113 
GLU CD   C N N 114 
GLU OE1  O N N 115 
GLU OE2  O N N 116 
GLU OXT  O N N 117 
GLU H    H N N 118 
GLU H2   H N N 119 
GLU HA   H N N 120 
GLU HB2  H N N 121 
GLU HB3  H N N 122 
GLU HG2  H N N 123 
GLU HG3  H N N 124 
GLU HE2  H N N 125 
GLU HXT  H N N 126 
GLY N    N N N 127 
GLY CA   C N N 128 
GLY C    C N N 129 
GLY O    O N N 130 
GLY OXT  O N N 131 
GLY H    H N N 132 
GLY H2   H N N 133 
GLY HA2  H N N 134 
GLY HA3  H N N 135 
GLY HXT  H N N 136 
HIS N    N N N 137 
HIS CA   C N S 138 
HIS C    C N N 139 
HIS O    O N N 140 
HIS CB   C N N 141 
HIS CG   C Y N 142 
HIS ND1  N Y N 143 
HIS CD2  C Y N 144 
HIS CE1  C Y N 145 
HIS NE2  N Y N 146 
HIS OXT  O N N 147 
HIS H    H N N 148 
HIS H2   H N N 149 
HIS HA   H N N 150 
HIS HB2  H N N 151 
HIS HB3  H N N 152 
HIS HD1  H N N 153 
HIS HD2  H N N 154 
HIS HE1  H N N 155 
HIS HE2  H N N 156 
HIS HXT  H N N 157 
HOH O    O N N 158 
HOH H1   H N N 159 
HOH H2   H N N 160 
ILE N    N N N 161 
ILE CA   C N S 162 
ILE C    C N N 163 
ILE O    O N N 164 
ILE CB   C N S 165 
ILE CG1  C N N 166 
ILE CG2  C N N 167 
ILE CD1  C N N 168 
ILE OXT  O N N 169 
ILE H    H N N 170 
ILE H2   H N N 171 
ILE HA   H N N 172 
ILE HB   H N N 173 
ILE HG12 H N N 174 
ILE HG13 H N N 175 
ILE HG21 H N N 176 
ILE HG22 H N N 177 
ILE HG23 H N N 178 
ILE HD11 H N N 179 
ILE HD12 H N N 180 
ILE HD13 H N N 181 
ILE HXT  H N N 182 
LEU N    N N N 183 
LEU CA   C N S 184 
LEU C    C N N 185 
LEU O    O N N 186 
LEU CB   C N N 187 
LEU CG   C N N 188 
LEU CD1  C N N 189 
LEU CD2  C N N 190 
LEU OXT  O N N 191 
LEU H    H N N 192 
LEU H2   H N N 193 
LEU HA   H N N 194 
LEU HB2  H N N 195 
LEU HB3  H N N 196 
LEU HG   H N N 197 
LEU HD11 H N N 198 
LEU HD12 H N N 199 
LEU HD13 H N N 200 
LEU HD21 H N N 201 
LEU HD22 H N N 202 
LEU HD23 H N N 203 
LEU HXT  H N N 204 
LYS N    N N N 205 
LYS CA   C N S 206 
LYS C    C N N 207 
LYS O    O N N 208 
LYS CB   C N N 209 
LYS CG   C N N 210 
LYS CD   C N N 211 
LYS CE   C N N 212 
LYS NZ   N N N 213 
LYS OXT  O N N 214 
LYS H    H N N 215 
LYS H2   H N N 216 
LYS HA   H N N 217 
LYS HB2  H N N 218 
LYS HB3  H N N 219 
LYS HG2  H N N 220 
LYS HG3  H N N 221 
LYS HD2  H N N 222 
LYS HD3  H N N 223 
LYS HE2  H N N 224 
LYS HE3  H N N 225 
LYS HZ1  H N N 226 
LYS HZ2  H N N 227 
LYS HZ3  H N N 228 
LYS HXT  H N N 229 
MET N    N N N 230 
MET CA   C N S 231 
MET C    C N N 232 
MET O    O N N 233 
MET CB   C N N 234 
MET CG   C N N 235 
MET SD   S N N 236 
MET CE   C N N 237 
MET OXT  O N N 238 
MET H    H N N 239 
MET H2   H N N 240 
MET HA   H N N 241 
MET HB2  H N N 242 
MET HB3  H N N 243 
MET HG2  H N N 244 
MET HG3  H N N 245 
MET HE1  H N N 246 
MET HE2  H N N 247 
MET HE3  H N N 248 
MET HXT  H N N 249 
PHE N    N N N 250 
PHE CA   C N S 251 
PHE C    C N N 252 
PHE O    O N N 253 
PHE CB   C N N 254 
PHE CG   C Y N 255 
PHE CD1  C Y N 256 
PHE CD2  C Y N 257 
PHE CE1  C Y N 258 
PHE CE2  C Y N 259 
PHE CZ   C Y N 260 
PHE OXT  O N N 261 
PHE H    H N N 262 
PHE H2   H N N 263 
PHE HA   H N N 264 
PHE HB2  H N N 265 
PHE HB3  H N N 266 
PHE HD1  H N N 267 
PHE HD2  H N N 268 
PHE HE1  H N N 269 
PHE HE2  H N N 270 
PHE HZ   H N N 271 
PHE HXT  H N N 272 
PRO N    N N N 273 
PRO CA   C N S 274 
PRO C    C N N 275 
PRO O    O N N 276 
PRO CB   C N N 277 
PRO CG   C N N 278 
PRO CD   C N N 279 
PRO OXT  O N N 280 
PRO H    H N N 281 
PRO HA   H N N 282 
PRO HB2  H N N 283 
PRO HB3  H N N 284 
PRO HG2  H N N 285 
PRO HG3  H N N 286 
PRO HD2  H N N 287 
PRO HD3  H N N 288 
PRO HXT  H N N 289 
SER N    N N N 290 
SER CA   C N S 291 
SER C    C N N 292 
SER O    O N N 293 
SER CB   C N N 294 
SER OG   O N N 295 
SER OXT  O N N 296 
SER H    H N N 297 
SER H2   H N N 298 
SER HA   H N N 299 
SER HB2  H N N 300 
SER HB3  H N N 301 
SER HG   H N N 302 
SER HXT  H N N 303 
THR N    N N N 304 
THR CA   C N S 305 
THR C    C N N 306 
THR O    O N N 307 
THR CB   C N R 308 
THR OG1  O N N 309 
THR CG2  C N N 310 
THR OXT  O N N 311 
THR H    H N N 312 
THR H2   H N N 313 
THR HA   H N N 314 
THR HB   H N N 315 
THR HG1  H N N 316 
THR HG21 H N N 317 
THR HG22 H N N 318 
THR HG23 H N N 319 
THR HXT  H N N 320 
TRP N    N N N 321 
TRP CA   C N S 322 
TRP C    C N N 323 
TRP O    O N N 324 
TRP CB   C N N 325 
TRP CG   C Y N 326 
TRP CD1  C Y N 327 
TRP CD2  C Y N 328 
TRP NE1  N Y N 329 
TRP CE2  C Y N 330 
TRP CE3  C Y N 331 
TRP CZ2  C Y N 332 
TRP CZ3  C Y N 333 
TRP CH2  C Y N 334 
TRP OXT  O N N 335 
TRP H    H N N 336 
TRP H2   H N N 337 
TRP HA   H N N 338 
TRP HB2  H N N 339 
TRP HB3  H N N 340 
TRP HD1  H N N 341 
TRP HE1  H N N 342 
TRP HE3  H N N 343 
TRP HZ2  H N N 344 
TRP HZ3  H N N 345 
TRP HH2  H N N 346 
TRP HXT  H N N 347 
TYR N    N N N 348 
TYR CA   C N S 349 
TYR C    C N N 350 
TYR O    O N N 351 
TYR CB   C N N 352 
TYR CG   C Y N 353 
TYR CD1  C Y N 354 
TYR CD2  C Y N 355 
TYR CE1  C Y N 356 
TYR CE2  C Y N 357 
TYR CZ   C Y N 358 
TYR OH   O N N 359 
TYR OXT  O N N 360 
TYR H    H N N 361 
TYR H2   H N N 362 
TYR HA   H N N 363 
TYR HB2  H N N 364 
TYR HB3  H N N 365 
TYR HD1  H N N 366 
TYR HD2  H N N 367 
TYR HE1  H N N 368 
TYR HE2  H N N 369 
TYR HH   H N N 370 
TYR HXT  H N N 371 
VAL N    N N N 372 
VAL CA   C N S 373 
VAL C    C N N 374 
VAL O    O N N 375 
VAL CB   C N N 376 
VAL CG1  C N N 377 
VAL CG2  C N N 378 
VAL OXT  O N N 379 
VAL H    H N N 380 
VAL H2   H N N 381 
VAL HA   H N N 382 
VAL HB   H N N 383 
VAL HG11 H N N 384 
VAL HG12 H N N 385 
VAL HG13 H N N 386 
VAL HG21 H N N 387 
VAL HG22 H N N 388 
VAL HG23 H N N 389 
VAL HXT  H N N 390 
# 
loop_
_chem_comp_bond.comp_id 
_chem_comp_bond.atom_id_1 
_chem_comp_bond.atom_id_2 
_chem_comp_bond.value_order 
_chem_comp_bond.pdbx_aromatic_flag 
_chem_comp_bond.pdbx_stereo_config 
_chem_comp_bond.pdbx_ordinal 
ALA N   CA   sing N N 1   
ALA N   H    sing N N 2   
ALA N   H2   sing N N 3   
ALA CA  C    sing N N 4   
ALA CA  CB   sing N N 5   
ALA CA  HA   sing N N 6   
ALA C   O    doub N N 7   
ALA C   OXT  sing N N 8   
ALA CB  HB1  sing N N 9   
ALA CB  HB2  sing N N 10  
ALA CB  HB3  sing N N 11  
ALA OXT HXT  sing N N 12  
ARG N   CA   sing N N 13  
ARG N   H    sing N N 14  
ARG N   H2   sing N N 15  
ARG CA  C    sing N N 16  
ARG CA  CB   sing N N 17  
ARG CA  HA   sing N N 18  
ARG C   O    doub N N 19  
ARG C   OXT  sing N N 20  
ARG CB  CG   sing N N 21  
ARG CB  HB2  sing N N 22  
ARG CB  HB3  sing N N 23  
ARG CG  CD   sing N N 24  
ARG CG  HG2  sing N N 25  
ARG CG  HG3  sing N N 26  
ARG CD  NE   sing N N 27  
ARG CD  HD2  sing N N 28  
ARG CD  HD3  sing N N 29  
ARG NE  CZ   sing N N 30  
ARG NE  HE   sing N N 31  
ARG CZ  NH1  sing N N 32  
ARG CZ  NH2  doub N N 33  
ARG NH1 HH11 sing N N 34  
ARG NH1 HH12 sing N N 35  
ARG NH2 HH21 sing N N 36  
ARG NH2 HH22 sing N N 37  
ARG OXT HXT  sing N N 38  
ASN N   CA   sing N N 39  
ASN N   H    sing N N 40  
ASN N   H2   sing N N 41  
ASN CA  C    sing N N 42  
ASN CA  CB   sing N N 43  
ASN CA  HA   sing N N 44  
ASN C   O    doub N N 45  
ASN C   OXT  sing N N 46  
ASN CB  CG   sing N N 47  
ASN CB  HB2  sing N N 48  
ASN CB  HB3  sing N N 49  
ASN CG  OD1  doub N N 50  
ASN CG  ND2  sing N N 51  
ASN ND2 HD21 sing N N 52  
ASN ND2 HD22 sing N N 53  
ASN OXT HXT  sing N N 54  
ASP N   CA   sing N N 55  
ASP N   H    sing N N 56  
ASP N   H2   sing N N 57  
ASP CA  C    sing N N 58  
ASP CA  CB   sing N N 59  
ASP CA  HA   sing N N 60  
ASP C   O    doub N N 61  
ASP C   OXT  sing N N 62  
ASP CB  CG   sing N N 63  
ASP CB  HB2  sing N N 64  
ASP CB  HB3  sing N N 65  
ASP CG  OD1  doub N N 66  
ASP CG  OD2  sing N N 67  
ASP OD2 HD2  sing N N 68  
ASP OXT HXT  sing N N 69  
CYS N   CA   sing N N 70  
CYS N   H    sing N N 71  
CYS N   H2   sing N N 72  
CYS CA  C    sing N N 73  
CYS CA  CB   sing N N 74  
CYS CA  HA   sing N N 75  
CYS C   O    doub N N 76  
CYS C   OXT  sing N N 77  
CYS CB  SG   sing N N 78  
CYS CB  HB2  sing N N 79  
CYS CB  HB3  sing N N 80  
CYS SG  HG   sing N N 81  
CYS OXT HXT  sing N N 82  
GLN N   CA   sing N N 83  
GLN N   H    sing N N 84  
GLN N   H2   sing N N 85  
GLN CA  C    sing N N 86  
GLN CA  CB   sing N N 87  
GLN CA  HA   sing N N 88  
GLN C   O    doub N N 89  
GLN C   OXT  sing N N 90  
GLN CB  CG   sing N N 91  
GLN CB  HB2  sing N N 92  
GLN CB  HB3  sing N N 93  
GLN CG  CD   sing N N 94  
GLN CG  HG2  sing N N 95  
GLN CG  HG3  sing N N 96  
GLN CD  OE1  doub N N 97  
GLN CD  NE2  sing N N 98  
GLN NE2 HE21 sing N N 99  
GLN NE2 HE22 sing N N 100 
GLN OXT HXT  sing N N 101 
GLU N   CA   sing N N 102 
GLU N   H    sing N N 103 
GLU N   H2   sing N N 104 
GLU CA  C    sing N N 105 
GLU CA  CB   sing N N 106 
GLU CA  HA   sing N N 107 
GLU C   O    doub N N 108 
GLU C   OXT  sing N N 109 
GLU CB  CG   sing N N 110 
GLU CB  HB2  sing N N 111 
GLU CB  HB3  sing N N 112 
GLU CG  CD   sing N N 113 
GLU CG  HG2  sing N N 114 
GLU CG  HG3  sing N N 115 
GLU CD  OE1  doub N N 116 
GLU CD  OE2  sing N N 117 
GLU OE2 HE2  sing N N 118 
GLU OXT HXT  sing N N 119 
GLY N   CA   sing N N 120 
GLY N   H    sing N N 121 
GLY N   H2   sing N N 122 
GLY CA  C    sing N N 123 
GLY CA  HA2  sing N N 124 
GLY CA  HA3  sing N N 125 
GLY C   O    doub N N 126 
GLY C   OXT  sing N N 127 
GLY OXT HXT  sing N N 128 
HIS N   CA   sing N N 129 
HIS N   H    sing N N 130 
HIS N   H2   sing N N 131 
HIS CA  C    sing N N 132 
HIS CA  CB   sing N N 133 
HIS CA  HA   sing N N 134 
HIS C   O    doub N N 135 
HIS C   OXT  sing N N 136 
HIS CB  CG   sing N N 137 
HIS CB  HB2  sing N N 138 
HIS CB  HB3  sing N N 139 
HIS CG  ND1  sing Y N 140 
HIS CG  CD2  doub Y N 141 
HIS ND1 CE1  doub Y N 142 
HIS ND1 HD1  sing N N 143 
HIS CD2 NE2  sing Y N 144 
HIS CD2 HD2  sing N N 145 
HIS CE1 NE2  sing Y N 146 
HIS CE1 HE1  sing N N 147 
HIS NE2 HE2  sing N N 148 
HIS OXT HXT  sing N N 149 
HOH O   H1   sing N N 150 
HOH O   H2   sing N N 151 
ILE N   CA   sing N N 152 
ILE N   H    sing N N 153 
ILE N   H2   sing N N 154 
ILE CA  C    sing N N 155 
ILE CA  CB   sing N N 156 
ILE CA  HA   sing N N 157 
ILE C   O    doub N N 158 
ILE C   OXT  sing N N 159 
ILE CB  CG1  sing N N 160 
ILE CB  CG2  sing N N 161 
ILE CB  HB   sing N N 162 
ILE CG1 CD1  sing N N 163 
ILE CG1 HG12 sing N N 164 
ILE CG1 HG13 sing N N 165 
ILE CG2 HG21 sing N N 166 
ILE CG2 HG22 sing N N 167 
ILE CG2 HG23 sing N N 168 
ILE CD1 HD11 sing N N 169 
ILE CD1 HD12 sing N N 170 
ILE CD1 HD13 sing N N 171 
ILE OXT HXT  sing N N 172 
LEU N   CA   sing N N 173 
LEU N   H    sing N N 174 
LEU N   H2   sing N N 175 
LEU CA  C    sing N N 176 
LEU CA  CB   sing N N 177 
LEU CA  HA   sing N N 178 
LEU C   O    doub N N 179 
LEU C   OXT  sing N N 180 
LEU CB  CG   sing N N 181 
LEU CB  HB2  sing N N 182 
LEU CB  HB3  sing N N 183 
LEU CG  CD1  sing N N 184 
LEU CG  CD2  sing N N 185 
LEU CG  HG   sing N N 186 
LEU CD1 HD11 sing N N 187 
LEU CD1 HD12 sing N N 188 
LEU CD1 HD13 sing N N 189 
LEU CD2 HD21 sing N N 190 
LEU CD2 HD22 sing N N 191 
LEU CD2 HD23 sing N N 192 
LEU OXT HXT  sing N N 193 
LYS N   CA   sing N N 194 
LYS N   H    sing N N 195 
LYS N   H2   sing N N 196 
LYS CA  C    sing N N 197 
LYS CA  CB   sing N N 198 
LYS CA  HA   sing N N 199 
LYS C   O    doub N N 200 
LYS C   OXT  sing N N 201 
LYS CB  CG   sing N N 202 
LYS CB  HB2  sing N N 203 
LYS CB  HB3  sing N N 204 
LYS CG  CD   sing N N 205 
LYS CG  HG2  sing N N 206 
LYS CG  HG3  sing N N 207 
LYS CD  CE   sing N N 208 
LYS CD  HD2  sing N N 209 
LYS CD  HD3  sing N N 210 
LYS CE  NZ   sing N N 211 
LYS CE  HE2  sing N N 212 
LYS CE  HE3  sing N N 213 
LYS NZ  HZ1  sing N N 214 
LYS NZ  HZ2  sing N N 215 
LYS NZ  HZ3  sing N N 216 
LYS OXT HXT  sing N N 217 
MET N   CA   sing N N 218 
MET N   H    sing N N 219 
MET N   H2   sing N N 220 
MET CA  C    sing N N 221 
MET CA  CB   sing N N 222 
MET CA  HA   sing N N 223 
MET C   O    doub N N 224 
MET C   OXT  sing N N 225 
MET CB  CG   sing N N 226 
MET CB  HB2  sing N N 227 
MET CB  HB3  sing N N 228 
MET CG  SD   sing N N 229 
MET CG  HG2  sing N N 230 
MET CG  HG3  sing N N 231 
MET SD  CE   sing N N 232 
MET CE  HE1  sing N N 233 
MET CE  HE2  sing N N 234 
MET CE  HE3  sing N N 235 
MET OXT HXT  sing N N 236 
PHE N   CA   sing N N 237 
PHE N   H    sing N N 238 
PHE N   H2   sing N N 239 
PHE CA  C    sing N N 240 
PHE CA  CB   sing N N 241 
PHE CA  HA   sing N N 242 
PHE C   O    doub N N 243 
PHE C   OXT  sing N N 244 
PHE CB  CG   sing N N 245 
PHE CB  HB2  sing N N 246 
PHE CB  HB3  sing N N 247 
PHE CG  CD1  doub Y N 248 
PHE CG  CD2  sing Y N 249 
PHE CD1 CE1  sing Y N 250 
PHE CD1 HD1  sing N N 251 
PHE CD2 CE2  doub Y N 252 
PHE CD2 HD2  sing N N 253 
PHE CE1 CZ   doub Y N 254 
PHE CE1 HE1  sing N N 255 
PHE CE2 CZ   sing Y N 256 
PHE CE2 HE2  sing N N 257 
PHE CZ  HZ   sing N N 258 
PHE OXT HXT  sing N N 259 
PRO N   CA   sing N N 260 
PRO N   CD   sing N N 261 
PRO N   H    sing N N 262 
PRO CA  C    sing N N 263 
PRO CA  CB   sing N N 264 
PRO CA  HA   sing N N 265 
PRO C   O    doub N N 266 
PRO C   OXT  sing N N 267 
PRO CB  CG   sing N N 268 
PRO CB  HB2  sing N N 269 
PRO CB  HB3  sing N N 270 
PRO CG  CD   sing N N 271 
PRO CG  HG2  sing N N 272 
PRO CG  HG3  sing N N 273 
PRO CD  HD2  sing N N 274 
PRO CD  HD3  sing N N 275 
PRO OXT HXT  sing N N 276 
SER N   CA   sing N N 277 
SER N   H    sing N N 278 
SER N   H2   sing N N 279 
SER CA  C    sing N N 280 
SER CA  CB   sing N N 281 
SER CA  HA   sing N N 282 
SER C   O    doub N N 283 
SER C   OXT  sing N N 284 
SER CB  OG   sing N N 285 
SER CB  HB2  sing N N 286 
SER CB  HB3  sing N N 287 
SER OG  HG   sing N N 288 
SER OXT HXT  sing N N 289 
THR N   CA   sing N N 290 
THR N   H    sing N N 291 
THR N   H2   sing N N 292 
THR CA  C    sing N N 293 
THR CA  CB   sing N N 294 
THR CA  HA   sing N N 295 
THR C   O    doub N N 296 
THR C   OXT  sing N N 297 
THR CB  OG1  sing N N 298 
THR CB  CG2  sing N N 299 
THR CB  HB   sing N N 300 
THR OG1 HG1  sing N N 301 
THR CG2 HG21 sing N N 302 
THR CG2 HG22 sing N N 303 
THR CG2 HG23 sing N N 304 
THR OXT HXT  sing N N 305 
TRP N   CA   sing N N 306 
TRP N   H    sing N N 307 
TRP N   H2   sing N N 308 
TRP CA  C    sing N N 309 
TRP CA  CB   sing N N 310 
TRP CA  HA   sing N N 311 
TRP C   O    doub N N 312 
TRP C   OXT  sing N N 313 
TRP CB  CG   sing N N 314 
TRP CB  HB2  sing N N 315 
TRP CB  HB3  sing N N 316 
TRP CG  CD1  doub Y N 317 
TRP CG  CD2  sing Y N 318 
TRP CD1 NE1  sing Y N 319 
TRP CD1 HD1  sing N N 320 
TRP CD2 CE2  doub Y N 321 
TRP CD2 CE3  sing Y N 322 
TRP NE1 CE2  sing Y N 323 
TRP NE1 HE1  sing N N 324 
TRP CE2 CZ2  sing Y N 325 
TRP CE3 CZ3  doub Y N 326 
TRP CE3 HE3  sing N N 327 
TRP CZ2 CH2  doub Y N 328 
TRP CZ2 HZ2  sing N N 329 
TRP CZ3 CH2  sing Y N 330 
TRP CZ3 HZ3  sing N N 331 
TRP CH2 HH2  sing N N 332 
TRP OXT HXT  sing N N 333 
TYR N   CA   sing N N 334 
TYR N   H    sing N N 335 
TYR N   H2   sing N N 336 
TYR CA  C    sing N N 337 
TYR CA  CB   sing N N 338 
TYR CA  HA   sing N N 339 
TYR C   O    doub N N 340 
TYR C   OXT  sing N N 341 
TYR CB  CG   sing N N 342 
TYR CB  HB2  sing N N 343 
TYR CB  HB3  sing N N 344 
TYR CG  CD1  doub Y N 345 
TYR CG  CD2  sing Y N 346 
TYR CD1 CE1  sing Y N 347 
TYR CD1 HD1  sing N N 348 
TYR CD2 CE2  doub Y N 349 
TYR CD2 HD2  sing N N 350 
TYR CE1 CZ   doub Y N 351 
TYR CE1 HE1  sing N N 352 
TYR CE2 CZ   sing Y N 353 
TYR CE2 HE2  sing N N 354 
TYR CZ  OH   sing N N 355 
TYR OH  HH   sing N N 356 
TYR OXT HXT  sing N N 357 
VAL N   CA   sing N N 358 
VAL N   H    sing N N 359 
VAL N   H2   sing N N 360 
VAL CA  C    sing N N 361 
VAL CA  CB   sing N N 362 
VAL CA  HA   sing N N 363 
VAL C   O    doub N N 364 
VAL C   OXT  sing N N 365 
VAL CB  CG1  sing N N 366 
VAL CB  CG2  sing N N 367 
VAL CB  HB   sing N N 368 
VAL CG1 HG11 sing N N 369 
VAL CG1 HG12 sing N N 370 
VAL CG1 HG13 sing N N 371 
VAL CG2 HG21 sing N N 372 
VAL CG2 HG22 sing N N 373 
VAL CG2 HG23 sing N N 374 
VAL OXT HXT  sing N N 375 
# 
_pdbx_initial_refinement_model.id               1 
_pdbx_initial_refinement_model.entity_id_list   ? 
_pdbx_initial_refinement_model.type             'experimental model' 
_pdbx_initial_refinement_model.source_name      PDB 
_pdbx_initial_refinement_model.accession_code   2OK5 
_pdbx_initial_refinement_model.details          'PDB ENTRY 2OK5' 
# 
_atom_sites.entry_id                    3ERB 
_atom_sites.fract_transf_matrix[1][1]   -0.01764738 
_atom_sites.fract_transf_matrix[1][2]   -0.00232937 
_atom_sites.fract_transf_matrix[1][3]   0.00726472 
_atom_sites.fract_transf_matrix[2][1]   -0.00419755 
_atom_sites.fract_transf_matrix[2][2]   0.00688726 
_atom_sites.fract_transf_matrix[2][3]   0.01745237 
_atom_sites.fract_transf_matrix[3][1]   -0.00459253 
_atom_sites.fract_transf_matrix[3][2]   0.01405275 
_atom_sites.fract_transf_matrix[3][3]   -0.00665023 
_atom_sites.fract_transf_vector[1]      0.932907 
_atom_sites.fract_transf_vector[2]      0.890048 
_atom_sites.fract_transf_vector[3]      0.602726 
# 
loop_
_atom_type.symbol 
C 
N 
O 
S 
# 
loop_
_atom_site.group_PDB 
_atom_site.id 
_atom_site.type_symbol 
_atom_site.label_atom_id 
_atom_site.label_alt_id 
_atom_site.label_comp_id 
_atom_site.label_asym_id 
_atom_site.label_entity_id 
_atom_site.label_seq_id 
_atom_site.pdbx_PDB_ins_code 
_atom_site.Cartn_x 
_atom_site.Cartn_y 
_atom_site.Cartn_z 
_atom_site.occupancy 
_atom_site.B_iso_or_equiv 
_atom_site.pdbx_formal_charge 
_atom_site.auth_seq_id 
_atom_site.auth_comp_id 
_atom_site.auth_asym_id 
_atom_site.auth_atom_id 
_atom_site.pdbx_PDB_model_num 
ATOM   1    N N   . SER A 1 3   ? -24.612 14.466  25.177  1.00 31.99 ? 3   SER A N   1 
ATOM   2    C CA  . SER A 1 3   ? -23.119 14.574  25.226  1.00 31.34 ? 3   SER A CA  1 
ATOM   3    C C   . SER A 1 3   ? -22.487 13.185  25.086  1.00 29.92 ? 3   SER A C   1 
ATOM   4    O O   . SER A 1 3   ? -22.989 12.227  25.666  1.00 30.31 ? 3   SER A O   1 
ATOM   5    C CB  . SER A 1 3   ? -22.702 15.228  26.543  1.00 32.14 ? 3   SER A CB  1 
ATOM   6    O OG  . SER A 1 3   ? -21.670 16.184  26.335  1.00 35.14 ? 3   SER A OG  1 
ATOM   7    N N   . CYS A 1 4   ? -21.414 13.060  24.299  1.00 28.65 ? 4   CYS A N   1 
ATOM   8    C CA  . CYS A 1 4   ? -20.784 11.745  24.076  1.00 26.77 ? 4   CYS A CA  1 
ATOM   9    C C   . CYS A 1 4   ? -19.793 11.398  25.184  1.00 26.56 ? 4   CYS A C   1 
ATOM   10   O O   . CYS A 1 4   ? -19.086 12.292  25.672  1.00 26.45 ? 4   CYS A O   1 
ATOM   11   C CB  . CYS A 1 4   ? -20.103 11.669  22.699  1.00 26.67 ? 4   CYS A CB  1 
ATOM   12   S SG  . CYS A 1 4   ? -21.262 11.590  21.338  1.00 23.21 ? 4   CYS A SG  1 
ATOM   13   N N   . PRO A 1 5   ? -19.734 10.104  25.575  1.00 26.28 ? 5   PRO A N   1 
ATOM   14   C CA  . PRO A 1 5   ? -18.930 9.655   26.736  1.00 26.80 ? 5   PRO A CA  1 
ATOM   15   C C   . PRO A 1 5   ? -17.421 9.671   26.514  1.00 26.92 ? 5   PRO A C   1 
ATOM   16   O O   . PRO A 1 5   ? -16.955 9.579   25.354  1.00 27.03 ? 5   PRO A O   1 
ATOM   17   C CB  . PRO A 1 5   ? -19.426 8.222   26.972  1.00 26.56 ? 5   PRO A CB  1 
ATOM   18   C CG  . PRO A 1 5   ? -19.855 7.750   25.608  1.00 26.92 ? 5   PRO A CG  1 
ATOM   19   C CD  . PRO A 1 5   ? -20.449 8.979   24.943  1.00 25.64 ? 5   PRO A CD  1 
ATOM   20   N N   . GLN A 1 6   ? -16.671 9.770   27.614  1.00 26.61 ? 6   GLN A N   1 
ATOM   21   C CA  . GLN A 1 6   ? -15.214 9.983   27.566  1.00 27.42 ? 6   GLN A CA  1 
ATOM   22   C C   . GLN A 1 6   ? -14.388 8.691   27.606  1.00 26.82 ? 6   GLN A C   1 
ATOM   23   O O   . GLN A 1 6   ? -13.161 8.742   27.656  1.00 27.78 ? 6   GLN A O   1 
ATOM   24   C CB  . GLN A 1 6   ? -14.767 10.954  28.675  1.00 27.11 ? 6   GLN A CB  1 
ATOM   25   C CG  . GLN A 1 6   ? -15.543 12.258  28.664  1.00 29.03 ? 6   GLN A CG  1 
ATOM   26   C CD  . GLN A 1 6   ? -14.920 13.377  29.489  1.00 30.06 ? 6   GLN A CD  1 
ATOM   27   O OE1 . GLN A 1 6   ? -13.786 13.280  29.983  1.00 33.79 ? 6   GLN A OE1 1 
ATOM   28   N NE2 . GLN A 1 6   ? -15.664 14.469  29.617  1.00 33.59 ? 6   GLN A NE2 1 
ATOM   29   N N   . ASN A 1 7   ? -15.054 7.543   27.553  1.00 26.47 ? 7   ASN A N   1 
ATOM   30   C CA  . ASN A 1 7   ? -14.367 6.251   27.580  1.00 26.96 ? 7   ASN A CA  1 
ATOM   31   C C   . ASN A 1 7   ? -13.815 5.878   26.187  1.00 26.32 ? 7   ASN A C   1 
ATOM   32   O O   . ASN A 1 7   ? -14.184 4.863   25.600  1.00 26.53 ? 7   ASN A O   1 
ATOM   33   C CB  . ASN A 1 7   ? -15.290 5.158   28.154  1.00 27.17 ? 7   ASN A CB  1 
ATOM   34   C CG  . ASN A 1 7   ? -16.484 4.840   27.245  1.00 28.61 ? 7   ASN A CG  1 
ATOM   35   O OD1 . ASN A 1 7   ? -17.163 5.743   26.746  1.00 30.94 ? 7   ASN A OD1 1 
ATOM   36   N ND2 . ASN A 1 7   ? -16.732 3.551   27.024  1.00 30.19 ? 7   ASN A ND2 1 
ATOM   37   N N   . VAL A 1 8   ? -12.929 6.720   25.667  1.00 26.39 ? 8   VAL A N   1 
ATOM   38   C CA  . VAL A 1 8   ? -12.521 6.618   24.261  1.00 26.01 ? 8   VAL A CA  1 
ATOM   39   C C   . VAL A 1 8   ? -11.006 6.674   24.053  1.00 26.48 ? 8   VAL A C   1 
ATOM   40   O O   . VAL A 1 8   ? -10.543 6.959   22.949  1.00 25.69 ? 8   VAL A O   1 
ATOM   41   C CB  . VAL A 1 8   ? -13.214 7.709   23.385  1.00 25.97 ? 8   VAL A CB  1 
ATOM   42   C CG1 . VAL A 1 8   ? -14.711 7.428   23.255  1.00 26.31 ? 8   VAL A CG1 1 
ATOM   43   C CG2 . VAL A 1 8   ? -12.920 9.140   23.907  1.00 25.60 ? 8   VAL A CG2 1 
ATOM   44   N N   . ASN A 1 9   ? -10.244 6.410   25.120  1.00 26.64 ? 9   ASN A N   1 
ATOM   45   C CA  . ASN A 1 9   ? -8.789  6.355   25.044  1.00 27.36 ? 9   ASN A CA  1 
ATOM   46   C C   . ASN A 1 9   ? -8.344  5.257   24.087  1.00 27.01 ? 9   ASN A C   1 
ATOM   47   O O   . ASN A 1 9   ? -9.018  4.251   23.941  1.00 26.85 ? 9   ASN A O   1 
ATOM   48   C CB  . ASN A 1 9   ? -8.180  6.100   26.426  1.00 27.89 ? 9   ASN A CB  1 
ATOM   49   C CG  . ASN A 1 9   ? -8.291  7.297   27.341  1.00 28.93 ? 9   ASN A CG  1 
ATOM   50   O OD1 . ASN A 1 9   ? -8.641  8.395   26.903  1.00 30.85 ? 9   ASN A OD1 1 
ATOM   51   N ND2 . ASN A 1 9   ? -7.985  7.094   28.634  1.00 31.59 ? 9   ASN A ND2 1 
ATOM   52   N N   . ILE A 1 10  ? -7.210  5.470   23.434  1.00 27.72 ? 10  ILE A N   1 
ATOM   53   C CA  . ILE A 1 10  ? -6.643  4.474   22.516  1.00 27.69 ? 10  ILE A CA  1 
ATOM   54   C C   . ILE A 1 10  ? -5.342  3.917   23.101  1.00 28.44 ? 10  ILE A C   1 
ATOM   55   O O   . ILE A 1 10  ? -4.491  4.675   23.575  1.00 28.47 ? 10  ILE A O   1 
ATOM   56   C CB  . ILE A 1 10  ? -6.435  5.069   21.086  1.00 27.34 ? 10  ILE A CB  1 
ATOM   57   C CG1 . ILE A 1 10  ? -5.793  4.042   20.136  1.00 27.04 ? 10  ILE A CG1 1 
ATOM   58   C CG2 . ILE A 1 10  ? -5.675  6.411   21.135  1.00 26.33 ? 10  ILE A CG2 1 
ATOM   59   C CD1 . ILE A 1 10  ? -5.909  4.420   18.661  1.00 27.56 ? 10  ILE A CD1 1 
ATOM   60   N N   . SER A 1 11  ? -5.201  2.591   23.074  1.00 29.07 ? 11  SER A N   1 
ATOM   61   C CA  . SER A 1 11  ? -4.010  1.942   23.614  1.00 29.73 ? 11  SER A CA  1 
ATOM   62   C C   . SER A 1 11  ? -2.815  2.307   22.747  1.00 29.03 ? 11  SER A C   1 
ATOM   63   O O   . SER A 1 11  ? -2.799  2.009   21.548  1.00 30.04 ? 11  SER A O   1 
ATOM   64   C CB  . SER A 1 11  ? -4.175  0.420   23.653  1.00 29.77 ? 11  SER A CB  1 
ATOM   65   O OG  . SER A 1 11  ? -5.427  0.038   24.207  1.00 32.77 ? 11  SER A OG  1 
ATOM   66   N N   . GLY A 1 12  ? -1.841  2.980   23.345  1.00 28.14 ? 12  GLY A N   1 
ATOM   67   C CA  . GLY A 1 12  ? -0.620  3.344   22.642  1.00 27.60 ? 12  GLY A CA  1 
ATOM   68   C C   . GLY A 1 12  ? -0.627  4.677   21.911  1.00 27.06 ? 12  GLY A C   1 
ATOM   69   O O   . GLY A 1 12  ? 0.401   5.075   21.352  1.00 26.76 ? 12  GLY A O   1 
ATOM   70   N N   . GLY A 1 13  ? -1.758  5.384   21.924  1.00 26.76 ? 13  GLY A N   1 
ATOM   71   C CA  . GLY A 1 13  ? -1.885  6.630   21.158  1.00 26.43 ? 13  GLY A CA  1 
ATOM   72   C C   . GLY A 1 13  ? -2.640  7.757   21.845  1.00 26.48 ? 13  GLY A C   1 
ATOM   73   O O   . GLY A 1 13  ? -2.816  7.754   23.066  1.00 26.65 ? 13  GLY A O   1 
ATOM   74   N N   . THR A 1 14  ? -3.090  8.721   21.046  1.00 26.00 ? 14  THR A N   1 
ATOM   75   C CA  . THR A 1 14  ? -3.742  9.932   21.557  1.00 26.31 ? 14  THR A CA  1 
ATOM   76   C C   . THR A 1 14  ? -4.935  10.258  20.663  1.00 25.90 ? 14  THR A C   1 
ATOM   77   O O   . THR A 1 14  ? -5.136  9.616   19.630  1.00 25.50 ? 14  THR A O   1 
ATOM   78   C CB  . THR A 1 14  ? -2.775  11.149  21.548  1.00 26.22 ? 14  THR A CB  1 
ATOM   79   O OG1 . THR A 1 14  ? -2.357  11.427  20.206  1.00 26.89 ? 14  THR A OG1 1 
ATOM   80   C CG2 . THR A 1 14  ? -1.550  10.896  22.440  1.00 27.23 ? 14  THR A CG2 1 
ATOM   81   N N   . PHE A 1 15  ? -5.730  11.253  21.051  1.00 25.74 ? 15  PHE A N   1 
ATOM   82   C CA  . PHE A 1 15  ? -6.778  11.750  20.157  1.00 25.75 ? 15  PHE A CA  1 
ATOM   83   C C   . PHE A 1 15  ? -7.020  13.249  20.316  1.00 25.89 ? 15  PHE A C   1 
ATOM   84   O O   . PHE A 1 15  ? -6.633  13.849  21.325  1.00 25.58 ? 15  PHE A O   1 
ATOM   85   C CB  . PHE A 1 15  ? -8.086  10.953  20.303  1.00 25.69 ? 15  PHE A CB  1 
ATOM   86   C CG  . PHE A 1 15  ? -8.727  11.077  21.655  1.00 26.50 ? 15  PHE A CG  1 
ATOM   87   C CD1 . PHE A 1 15  ? -9.605  12.134  21.936  1.00 26.14 ? 15  PHE A CD1 1 
ATOM   88   C CD2 . PHE A 1 15  ? -8.452  10.137  22.652  1.00 26.63 ? 15  PHE A CD2 1 
ATOM   89   C CE1 . PHE A 1 15  ? -10.196 12.253  23.197  1.00 27.67 ? 15  PHE A CE1 1 
ATOM   90   C CE2 . PHE A 1 15  ? -9.043  10.241  23.914  1.00 26.24 ? 15  PHE A CE2 1 
ATOM   91   C CZ  . PHE A 1 15  ? -9.906  11.305  24.189  1.00 26.70 ? 15  PHE A CZ  1 
ATOM   92   N N   . THR A 1 16  ? -7.643  13.846  19.303  1.00 26.04 ? 16  THR A N   1 
ATOM   93   C CA  . THR A 1 16  ? -8.122  15.234  19.374  1.00 25.91 ? 16  THR A CA  1 
ATOM   94   C C   . THR A 1 16  ? -9.630  15.253  19.169  1.00 25.56 ? 16  THR A C   1 
ATOM   95   O O   . THR A 1 16  ? -10.188 14.358  18.528  1.00 25.02 ? 16  THR A O   1 
ATOM   96   C CB  . THR A 1 16  ? -7.440  16.168  18.313  1.00 26.53 ? 16  THR A CB  1 
ATOM   97   O OG1 . THR A 1 16  ? -7.774  15.743  16.984  1.00 27.65 ? 16  THR A OG1 1 
ATOM   98   C CG2 . THR A 1 16  ? -5.915  16.191  18.490  1.00 27.49 ? 16  THR A CG2 1 
ATOM   99   N N   . LEU A 1 17  ? -10.288 16.265  19.728  1.00 24.62 ? 17  LEU A N   1 
ATOM   100  C CA  . LEU A 1 17  ? -11.720 16.488  19.500  1.00 24.59 ? 17  LEU A CA  1 
ATOM   101  C C   . LEU A 1 17  ? -11.907 17.774  18.719  1.00 24.44 ? 17  LEU A C   1 
ATOM   102  O O   . LEU A 1 17  ? -11.249 18.778  19.028  1.00 24.40 ? 17  LEU A O   1 
ATOM   103  C CB  . LEU A 1 17  ? -12.478 16.568  20.829  1.00 24.66 ? 17  LEU A CB  1 
ATOM   104  C CG  . LEU A 1 17  ? -12.398 15.336  21.735  1.00 24.93 ? 17  LEU A CG  1 
ATOM   105  C CD1 . LEU A 1 17  ? -12.831 15.718  23.152  1.00 25.54 ? 17  LEU A CD1 1 
ATOM   106  C CD2 . LEU A 1 17  ? -13.249 14.196  21.209  1.00 25.63 ? 17  LEU A CD2 1 
ATOM   107  N N   . SER A 1 18  ? -12.769 17.745  17.702  1.00 23.65 ? 18  SER A N   1 
ATOM   108  C CA  . SER A 1 18  ? -13.038 18.951  16.921  1.00 23.98 ? 18  SER A CA  1 
ATOM   109  C C   . SER A 1 18  ? -13.879 19.973  17.703  1.00 23.98 ? 18  SER A C   1 
ATOM   110  O O   . SER A 1 18  ? -13.603 21.174  17.657  1.00 23.68 ? 18  SER A O   1 
ATOM   111  C CB  . SER A 1 18  ? -13.680 18.623  15.554  1.00 23.63 ? 18  SER A CB  1 
ATOM   112  O OG  . SER A 1 18  ? -15.033 18.212  15.688  1.00 21.42 ? 18  SER A OG  1 
ATOM   113  N N   . HIS A 1 19  ? -14.900 19.479  18.407  1.00 24.11 ? 19  HIS A N   1 
ATOM   114  C CA  . HIS A 1 19  ? -15.868 20.325  19.141  1.00 24.70 ? 19  HIS A CA  1 
ATOM   115  C C   . HIS A 1 19  ? -16.171 19.706  20.509  1.00 24.41 ? 19  HIS A C   1 
ATOM   116  O O   . HIS A 1 19  ? -17.336 19.486  20.869  1.00 25.20 ? 19  HIS A O   1 
ATOM   117  C CB  . HIS A 1 19  ? -17.159 20.479  18.324  1.00 24.03 ? 19  HIS A CB  1 
ATOM   118  C CG  . HIS A 1 19  ? -16.970 21.201  17.028  1.00 26.30 ? 19  HIS A CG  1 
ATOM   119  N ND1 . HIS A 1 19  ? -16.398 20.608  15.922  1.00 26.25 ? 19  HIS A ND1 1 
ATOM   120  C CD2 . HIS A 1 19  ? -17.286 22.465  16.655  1.00 27.12 ? 19  HIS A CD2 1 
ATOM   121  C CE1 . HIS A 1 19  ? -16.358 21.480  14.929  1.00 27.80 ? 19  HIS A CE1 1 
ATOM   122  N NE2 . HIS A 1 19  ? -16.906 22.609  15.343  1.00 26.71 ? 19  HIS A NE2 1 
ATOM   123  N N   . GLY A 1 20  ? -15.112 19.417  21.261  1.00 24.72 ? 20  GLY A N   1 
ATOM   124  C CA  . GLY A 1 20  ? -15.218 18.785  22.575  1.00 25.01 ? 20  GLY A CA  1 
ATOM   125  C C   . GLY A 1 20  ? -16.029 17.507  22.536  1.00 25.13 ? 20  GLY A C   1 
ATOM   126  O O   . GLY A 1 20  ? -15.813 16.660  21.668  1.00 25.52 ? 20  GLY A O   1 
ATOM   127  N N   . TRP A 1 21  ? -16.977 17.383  23.466  1.00 25.16 ? 21  TRP A N   1 
ATOM   128  C CA  . TRP A 1 21  ? -17.825 16.183  23.612  1.00 24.86 ? 21  TRP A CA  1 
ATOM   129  C C   . TRP A 1 21  ? -19.239 16.352  23.055  1.00 24.49 ? 21  TRP A C   1 
ATOM   130  O O   . TRP A 1 21  ? -20.128 15.531  23.327  1.00 23.92 ? 21  TRP A O   1 
ATOM   131  C CB  . TRP A 1 21  ? -17.882 15.747  25.091  1.00 25.29 ? 21  TRP A CB  1 
ATOM   132  C CG  . TRP A 1 21  ? -16.525 15.596  25.688  1.00 25.77 ? 21  TRP A CG  1 
ATOM   133  C CD1 . TRP A 1 21  ? -15.865 16.501  26.466  1.00 26.60 ? 21  TRP A CD1 1 
ATOM   134  C CD2 . TRP A 1 21  ? -15.638 14.478  25.527  1.00 26.64 ? 21  TRP A CD2 1 
ATOM   135  N NE1 . TRP A 1 21  ? -14.618 16.018  26.812  1.00 26.77 ? 21  TRP A NE1 1 
ATOM   136  C CE2 . TRP A 1 21  ? -14.454 14.777  26.246  1.00 26.43 ? 21  TRP A CE2 1 
ATOM   137  C CE3 . TRP A 1 21  ? -15.728 13.255  24.844  1.00 25.83 ? 21  TRP A CE3 1 
ATOM   138  C CZ2 . TRP A 1 21  ? -13.366 13.897  26.300  1.00 26.03 ? 21  TRP A CZ2 1 
ATOM   139  C CZ3 . TRP A 1 21  ? -14.648 12.378  24.902  1.00 25.99 ? 21  TRP A CZ3 1 
ATOM   140  C CH2 . TRP A 1 21  ? -13.481 12.706  25.625  1.00 26.26 ? 21  TRP A CH2 1 
ATOM   141  N N   . ALA A 1 22  ? -19.445 17.405  22.268  1.00 24.66 ? 22  ALA A N   1 
ATOM   142  C CA  . ALA A 1 22  ? -20.779 17.757  21.759  1.00 24.77 ? 22  ALA A CA  1 
ATOM   143  C C   . ALA A 1 22  ? -21.144 16.970  20.498  1.00 24.47 ? 22  ALA A C   1 
ATOM   144  O O   . ALA A 1 22  ? -20.258 16.578  19.740  1.00 24.37 ? 22  ALA A O   1 
ATOM   145  C CB  . ALA A 1 22  ? -20.865 19.248  21.478  1.00 24.36 ? 22  ALA A CB  1 
ATOM   146  N N   . PRO A 1 23  ? -22.450 16.730  20.277  1.00 24.88 ? 23  PRO A N   1 
ATOM   147  C CA  . PRO A 1 23  ? -22.911 16.210  18.983  1.00 24.38 ? 23  PRO A CA  1 
ATOM   148  C C   . PRO A 1 23  ? -22.346 17.014  17.817  1.00 23.78 ? 23  PRO A C   1 
ATOM   149  O O   . PRO A 1 23  ? -22.339 18.253  17.864  1.00 23.87 ? 23  PRO A O   1 
ATOM   150  C CB  . PRO A 1 23  ? -24.425 16.373  19.072  1.00 24.74 ? 23  PRO A CB  1 
ATOM   151  C CG  . PRO A 1 23  ? -24.693 16.196  20.529  1.00 25.35 ? 23  PRO A CG  1 
ATOM   152  C CD  . PRO A 1 23  ? -23.573 16.895  21.225  1.00 24.21 ? 23  PRO A CD  1 
ATOM   153  N N   . GLY A 1 24  ? -21.855 16.305  16.797  1.00 22.80 ? 24  GLY A N   1 
ATOM   154  C CA  . GLY A 1 24  ? -21.134 16.920  15.674  1.00 21.80 ? 24  GLY A CA  1 
ATOM   155  C C   . GLY A 1 24  ? -19.619 16.902  15.846  1.00 21.41 ? 24  GLY A C   1 
ATOM   156  O O   . GLY A 1 24  ? -18.873 17.095  14.887  1.00 20.17 ? 24  GLY A O   1 
ATOM   157  N N   . SER A 1 25  ? -19.144 16.700  17.076  1.00 20.58 ? 25  SER A N   1 
ATOM   158  C CA  . SER A 1 25  ? -17.709 16.652  17.313  1.00 20.30 ? 25  SER A CA  1 
ATOM   159  C C   . SER A 1 25  ? -17.071 15.409  16.684  1.00 19.91 ? 25  SER A C   1 
ATOM   160  O O   . SER A 1 25  ? -17.546 14.288  16.876  1.00 19.48 ? 25  SER A O   1 
ATOM   161  C CB  . SER A 1 25  ? -17.377 16.671  18.800  1.00 20.53 ? 25  SER A CB  1 
ATOM   162  O OG  . SER A 1 25  ? -15.972 16.747  18.985  1.00 21.23 ? 25  SER A OG  1 
ATOM   163  N N   . LEU A 1 26  ? -16.004 15.640  15.932  1.00 19.86 ? 26  LEU A N   1 
ATOM   164  C CA  . LEU A 1 26  ? -15.220 14.554  15.347  1.00 19.77 ? 26  LEU A CA  1 
ATOM   165  C C   . LEU A 1 26  ? -13.988 14.238  16.204  1.00 19.21 ? 26  LEU A C   1 
ATOM   166  O O   . LEU A 1 26  ? -13.147 15.116  16.479  1.00 19.12 ? 26  LEU A O   1 
ATOM   167  C CB  . LEU A 1 26  ? -14.822 14.891  13.898  1.00 20.05 ? 26  LEU A CB  1 
ATOM   168  C CG  . LEU A 1 26  ? -14.015 13.823  13.137  1.00 20.17 ? 26  LEU A CG  1 
ATOM   169  C CD1 . LEU A 1 26  ? -14.843 12.554  12.918  1.00 21.20 ? 26  LEU A CD1 1 
ATOM   170  C CD2 . LEU A 1 26  ? -13.497 14.393  11.799  1.00 20.79 ? 26  LEU A CD2 1 
ATOM   171  N N   . LEU A 1 27  ? -13.884 12.980  16.619  1.00 18.43 ? 27  LEU A N   1 
ATOM   172  C CA  . LEU A 1 27  ? -12.708 12.510  17.341  1.00 17.71 ? 27  LEU A CA  1 
ATOM   173  C C   . LEU A 1 27  ? -11.736 11.917  16.311  1.00 17.85 ? 27  LEU A C   1 
ATOM   174  O O   . LEU A 1 27  ? -12.151 11.113  15.489  1.00 17.37 ? 27  LEU A O   1 
ATOM   175  C CB  . LEU A 1 27  ? -13.100 11.448  18.374  1.00 17.78 ? 27  LEU A CB  1 
ATOM   176  C CG  . LEU A 1 27  ? -12.026 10.879  19.292  1.00 17.66 ? 27  LEU A CG  1 
ATOM   177  C CD1 . LEU A 1 27  ? -12.665 10.324  20.549  1.00 20.95 ? 27  LEU A CD1 1 
ATOM   178  C CD2 . LEU A 1 27  ? -11.189 9.779   18.587  1.00 18.73 ? 27  LEU A CD2 1 
ATOM   179  N N   . THR A 1 28  ? -10.478 12.350  16.351  1.00 18.04 ? 28  THR A N   1 
ATOM   180  C CA  . THR A 1 28  ? -9.418  11.816  15.465  1.00 18.81 ? 28  THR A CA  1 
ATOM   181  C C   . THR A 1 28  ? -8.293  11.152  16.251  1.00 19.18 ? 28  THR A C   1 
ATOM   182  O O   . THR A 1 28  ? -7.598  11.812  17.047  1.00 20.39 ? 28  THR A O   1 
ATOM   183  C CB  . THR A 1 28  ? -8.831  12.914  14.539  1.00 18.58 ? 28  THR A CB  1 
ATOM   184  O OG1 . THR A 1 28  ? -9.887  13.517  13.795  1.00 18.99 ? 28  THR A OG1 1 
ATOM   185  C CG2 . THR A 1 28  ? -7.828  12.320  13.552  1.00 19.33 ? 28  THR A CG2 1 
ATOM   186  N N   . TYR A 1 29  ? -8.090  9.852   16.028  1.00 19.08 ? 29  TYR A N   1 
ATOM   187  C CA  . TYR A 1 29  ? -6.996  9.140   16.702  1.00 19.89 ? 29  TYR A CA  1 
ATOM   188  C C   . TYR A 1 29  ? -5.662  9.295   15.982  1.00 21.08 ? 29  TYR A C   1 
ATOM   189  O O   . TYR A 1 29  ? -5.624  9.388   14.744  1.00 20.70 ? 29  TYR A O   1 
ATOM   190  C CB  . TYR A 1 29  ? -7.290  7.654   16.807  1.00 19.91 ? 29  TYR A CB  1 
ATOM   191  C CG  . TYR A 1 29  ? -8.356  7.284   17.804  1.00 20.38 ? 29  TYR A CG  1 
ATOM   192  C CD1 . TYR A 1 29  ? -9.543  6.688   17.388  1.00 21.22 ? 29  TYR A CD1 1 
ATOM   193  C CD2 . TYR A 1 29  ? -8.170  7.518   19.175  1.00 20.44 ? 29  TYR A CD2 1 
ATOM   194  C CE1 . TYR A 1 29  ? -10.535 6.307   18.320  1.00 21.07 ? 29  TYR A CE1 1 
ATOM   195  C CE2 . TYR A 1 29  ? -9.156  7.158   20.110  1.00 20.99 ? 29  TYR A CE2 1 
ATOM   196  C CZ  . TYR A 1 29  ? -10.322 6.552   19.681  1.00 21.00 ? 29  TYR A CZ  1 
ATOM   197  O OH  . TYR A 1 29  ? -11.284 6.201   20.610  1.00 19.43 ? 29  TYR A OH  1 
ATOM   198  N N   . SER A 1 30  ? -4.585  9.275   16.767  1.00 21.48 ? 30  SER A N   1 
ATOM   199  C CA  . SER A 1 30  ? -3.216  9.276   16.257  1.00 22.30 ? 30  SER A CA  1 
ATOM   200  C C   . SER A 1 30  ? -2.386  8.229   16.986  1.00 23.03 ? 30  SER A C   1 
ATOM   201  O O   . SER A 1 30  ? -2.560  8.017   18.192  1.00 23.09 ? 30  SER A O   1 
ATOM   202  C CB  . SER A 1 30  ? -2.575  10.638  16.470  1.00 22.21 ? 30  SER A CB  1 
ATOM   203  O OG  . SER A 1 30  ? -3.108  11.587  15.565  1.00 24.13 ? 30  SER A OG  1 
ATOM   204  N N   . CYS A 1 31  ? -1.475  7.591   16.254  1.00 23.09 ? 31  CYS A N   1 
ATOM   205  C CA  . CYS A 1 31  ? -0.580  6.580   16.819  1.00 23.43 ? 31  CYS A CA  1 
ATOM   206  C C   . CYS A 1 31  ? 0.864   6.970   16.475  1.00 23.65 ? 31  CYS A C   1 
ATOM   207  O O   . CYS A 1 31  ? 1.085   7.740   15.529  1.00 23.42 ? 31  CYS A O   1 
ATOM   208  C CB  . CYS A 1 31  ? -0.909  5.190   16.253  1.00 23.50 ? 31  CYS A CB  1 
ATOM   209  S SG  . CYS A 1 31  ? -2.521  4.507   16.736  1.00 23.77 ? 31  CYS A SG  1 
ATOM   210  N N   . PRO A 1 32  ? 1.848   6.453   17.241  1.00 23.55 ? 32  PRO A N   1 
ATOM   211  C CA  . PRO A 1 32  ? 3.243   6.743   16.907  1.00 23.65 ? 32  PRO A CA  1 
ATOM   212  C C   . PRO A 1 32  ? 3.573   6.235   15.502  1.00 23.57 ? 32  PRO A C   1 
ATOM   213  O O   . PRO A 1 32  ? 2.869   5.373   14.962  1.00 22.89 ? 32  PRO A O   1 
ATOM   214  C CB  . PRO A 1 32  ? 4.033   5.962   17.965  1.00 23.87 ? 32  PRO A CB  1 
ATOM   215  C CG  . PRO A 1 32  ? 3.051   5.786   19.115  1.00 24.31 ? 32  PRO A CG  1 
ATOM   216  C CD  . PRO A 1 32  ? 1.732   5.596   18.437  1.00 23.65 ? 32  PRO A CD  1 
ATOM   217  N N   . GLN A 1 33  ? 4.638   6.778   14.925  1.00 24.01 ? 33  GLN A N   1 
ATOM   218  C CA  . GLN A 1 33  ? 5.057   6.420   13.572  1.00 24.13 ? 33  GLN A CA  1 
ATOM   219  C C   . GLN A 1 33  ? 5.157   4.896   13.411  1.00 23.64 ? 33  GLN A C   1 
ATOM   220  O O   . GLN A 1 33  ? 5.645   4.199   14.309  1.00 23.14 ? 33  GLN A O   1 
ATOM   221  C CB  . GLN A 1 33  ? 6.405   7.073   13.300  1.00 24.81 ? 33  GLN A CB  1 
ATOM   222  C CG  . GLN A 1 33  ? 6.750   7.238   11.840  1.00 26.69 ? 33  GLN A CG  1 
ATOM   223  C CD  . GLN A 1 33  ? 8.193   7.663   11.633  1.00 30.81 ? 33  GLN A CD  1 
ATOM   224  O OE1 . GLN A 1 33  ? 9.104   7.229   12.362  1.00 30.78 ? 33  GLN A OE1 1 
ATOM   225  N NE2 . GLN A 1 33  ? 8.413   8.515   10.633  1.00 30.75 ? 33  GLN A NE2 1 
ATOM   226  N N   . GLY A 1 34  ? 4.661   4.379   12.287  1.00 23.40 ? 34  GLY A N   1 
ATOM   227  C CA  . GLY A 1 34  ? 4.710   2.939   12.021  1.00 22.84 ? 34  GLY A CA  1 
ATOM   228  C C   . GLY A 1 34  ? 3.569   2.134   12.649  1.00 22.68 ? 34  GLY A C   1 
ATOM   229  O O   . GLY A 1 34  ? 3.550   0.912   12.556  1.00 22.25 ? 34  GLY A O   1 
ATOM   230  N N   . LEU A 1 35  ? 2.632   2.821   13.307  1.00 22.31 ? 35  LEU A N   1 
ATOM   231  C CA  . LEU A 1 35  ? 1.418   2.185   13.827  1.00 22.11 ? 35  LEU A CA  1 
ATOM   232  C C   . LEU A 1 35  ? 0.224   2.946   13.296  1.00 21.52 ? 35  LEU A C   1 
ATOM   233  O O   . LEU A 1 35  ? 0.346   4.115   12.913  1.00 21.49 ? 35  LEU A O   1 
ATOM   234  C CB  . LEU A 1 35  ? 1.379   2.182   15.356  1.00 22.67 ? 35  LEU A CB  1 
ATOM   235  C CG  . LEU A 1 35  ? 2.434   1.383   16.133  1.00 25.22 ? 35  LEU A CG  1 
ATOM   236  C CD1 . LEU A 1 35  ? 2.722   2.108   17.446  1.00 28.53 ? 35  LEU A CD1 1 
ATOM   237  C CD2 . LEU A 1 35  ? 1.943   -0.012  16.424  1.00 28.36 ? 35  LEU A CD2 1 
ATOM   238  N N   . TYR A 1 36  ? -0.934  2.298   13.277  1.00 19.82 ? 36  TYR A N   1 
ATOM   239  C CA  . TYR A 1 36  ? -2.153  2.971   12.849  1.00 19.37 ? 36  TYR A CA  1 
ATOM   240  C C   . TYR A 1 36  ? -3.284  2.733   13.848  1.00 18.44 ? 36  TYR A C   1 
ATOM   241  O O   . TYR A 1 36  ? -3.336  1.673   14.468  1.00 17.89 ? 36  TYR A O   1 
ATOM   242  C CB  . TYR A 1 36  ? -2.568  2.517   11.444  1.00 19.59 ? 36  TYR A CB  1 
ATOM   243  C CG  . TYR A 1 36  ? -3.123  1.120   11.385  1.00 19.48 ? 36  TYR A CG  1 
ATOM   244  C CD1 . TYR A 1 36  ? -4.490  0.891   11.562  1.00 20.19 ? 36  TYR A CD1 1 
ATOM   245  C CD2 . TYR A 1 36  ? -2.287  0.020   11.157  1.00 19.50 ? 36  TYR A CD2 1 
ATOM   246  C CE1 . TYR A 1 36  ? -5.014  -0.384  11.520  1.00 19.33 ? 36  TYR A CE1 1 
ATOM   247  C CE2 . TYR A 1 36  ? -2.808  -1.268  11.096  1.00 18.80 ? 36  TYR A CE2 1 
ATOM   248  C CZ  . TYR A 1 36  ? -4.179  -1.457  11.281  1.00 20.48 ? 36  TYR A CZ  1 
ATOM   249  O OH  . TYR A 1 36  ? -4.735  -2.711  11.222  1.00 21.41 ? 36  TYR A OH  1 
ATOM   250  N N   . PRO A 1 37  ? -4.189  3.720   13.991  1.00 18.79 ? 37  PRO A N   1 
ATOM   251  C CA  . PRO A 1 37  ? -5.350  3.581   14.870  1.00 18.34 ? 37  PRO A CA  1 
ATOM   252  C C   . PRO A 1 37  ? -6.507  2.768   14.297  1.00 18.84 ? 37  PRO A C   1 
ATOM   253  O O   . PRO A 1 37  ? -6.965  2.986   13.150  1.00 17.56 ? 37  PRO A O   1 
ATOM   254  C CB  . PRO A 1 37  ? -5.785  5.027   15.108  1.00 18.53 ? 37  PRO A CB  1 
ATOM   255  C CG  . PRO A 1 37  ? -5.288  5.787   13.936  1.00 19.15 ? 37  PRO A CG  1 
ATOM   256  C CD  . PRO A 1 37  ? -4.143  5.051   13.344  1.00 18.40 ? 37  PRO A CD  1 
ATOM   257  N N   . SER A 1 38  ? -6.982  1.840   15.115  1.00 18.70 ? 38  SER A N   1 
ATOM   258  C CA  . SER A 1 38  ? -8.150  1.056   14.797  1.00 19.74 ? 38  SER A CA  1 
ATOM   259  C C   . SER A 1 38  ? -9.155  1.182   15.949  1.00 20.46 ? 38  SER A C   1 
ATOM   260  O O   . SER A 1 38  ? -8.859  0.708   17.056  1.00 19.81 ? 38  SER A O   1 
ATOM   261  C CB  . SER A 1 38  ? -7.751  -0.417  14.621  1.00 20.32 ? 38  SER A CB  1 
ATOM   262  O OG  . SER A 1 38  ? -8.901  -1.190  14.380  1.00 21.96 ? 38  SER A OG  1 
ATOM   263  N N   . PRO A 1 39  ? -10.300 1.865   15.718  1.00 20.85 ? 39  PRO A N   1 
ATOM   264  C CA  . PRO A 1 39  ? -10.663 2.615   14.498  1.00 20.51 ? 39  PRO A CA  1 
ATOM   265  C C   . PRO A 1 39  ? -9.880  3.920   14.398  1.00 19.93 ? 39  PRO A C   1 
ATOM   266  O O   . PRO A 1 39  ? -9.160  4.272   15.328  1.00 19.45 ? 39  PRO A O   1 
ATOM   267  C CB  . PRO A 1 39  ? -12.137 2.945   14.721  1.00 20.84 ? 39  PRO A CB  1 
ATOM   268  C CG  . PRO A 1 39  ? -12.271 3.034   16.219  1.00 21.08 ? 39  PRO A CG  1 
ATOM   269  C CD  . PRO A 1 39  ? -11.335 2.004   16.766  1.00 21.37 ? 39  PRO A CD  1 
ATOM   270  N N   . ALA A 1 40  ? -10.047 4.652   13.291  1.00 18.97 ? 40  ALA A N   1 
ATOM   271  C CA  . ALA A 1 40  ? -9.279  5.886   13.076  1.00 18.47 ? 40  ALA A CA  1 
ATOM   272  C C   . ALA A 1 40  ? -9.973  7.148   13.618  1.00 18.01 ? 40  ALA A C   1 
ATOM   273  O O   . ALA A 1 40  ? -9.331  8.156   13.884  1.00 18.24 ? 40  ALA A O   1 
ATOM   274  C CB  . ALA A 1 40  ? -8.969  6.061   11.595  1.00 18.17 ? 40  ALA A CB  1 
ATOM   275  N N   . SER A 1 41  ? -11.288 7.083   13.772  1.00 18.13 ? 41  SER A N   1 
ATOM   276  C CA  . SER A 1 41  ? -12.062 8.249   14.188  1.00 17.97 ? 41  SER A CA  1 
ATOM   277  C C   . SER A 1 41  ? -13.403 7.803   14.750  1.00 18.07 ? 41  SER A C   1 
ATOM   278  O O   . SER A 1 41  ? -13.804 6.642   14.588  1.00 17.90 ? 41  SER A O   1 
ATOM   279  C CB  . SER A 1 41  ? -12.294 9.219   13.017  1.00 17.49 ? 41  SER A CB  1 
ATOM   280  O OG  . SER A 1 41  ? -13.077 8.610   12.003  1.00 18.79 ? 41  SER A OG  1 
ATOM   281  N N   . ARG A 1 42  ? -14.074 8.732   15.427  1.00 17.87 ? 42  ARG A N   1 
ATOM   282  C CA  . ARG A 1 42  ? -15.456 8.543   15.864  1.00 18.65 ? 42  ARG A CA  1 
ATOM   283  C C   . ARG A 1 42  ? -16.181 9.873   15.714  1.00 18.71 ? 42  ARG A C   1 
ATOM   284  O O   . ARG A 1 42  ? -15.594 10.932  15.943  1.00 18.72 ? 42  ARG A O   1 
ATOM   285  C CB  . ARG A 1 42  ? -15.542 8.103   17.337  1.00 18.23 ? 42  ARG A CB  1 
ATOM   286  C CG  . ARG A 1 42  ? -14.803 6.833   17.707  1.00 19.80 ? 42  ARG A CG  1 
ATOM   287  C CD  . ARG A 1 42  ? -14.915 6.585   19.223  1.00 19.43 ? 42  ARG A CD  1 
ATOM   288  N NE  . ARG A 1 42  ? -13.945 5.613   19.728  1.00 19.45 ? 42  ARG A NE  1 
ATOM   289  C CZ  . ARG A 1 42  ? -14.110 4.290   19.721  1.00 21.16 ? 42  ARG A CZ  1 
ATOM   290  N NH1 . ARG A 1 42  ? -15.203 3.745   19.207  1.00 20.25 ? 42  ARG A NH1 1 
ATOM   291  N NH2 . ARG A 1 42  ? -13.169 3.501   20.224  1.00 22.72 ? 42  ARG A NH2 1 
ATOM   292  N N   . LEU A 1 43  ? -17.463 9.817   15.352  1.00 19.45 ? 43  LEU A N   1 
ATOM   293  C CA  . LEU A 1 43  ? -18.288 11.025  15.285  1.00 19.80 ? 43  LEU A CA  1 
ATOM   294  C C   . LEU A 1 43  ? -19.311 11.043  16.431  1.00 20.11 ? 43  LEU A C   1 
ATOM   295  O O   . LEU A 1 43  ? -20.032 10.076  16.642  1.00 19.90 ? 43  LEU A O   1 
ATOM   296  C CB  . LEU A 1 43  ? -19.020 11.108  13.937  1.00 19.96 ? 43  LEU A CB  1 
ATOM   297  C CG  . LEU A 1 43  ? -19.965 12.293  13.650  1.00 18.81 ? 43  LEU A CG  1 
ATOM   298  C CD1 . LEU A 1 43  ? -19.242 13.627  13.654  1.00 18.25 ? 43  LEU A CD1 1 
ATOM   299  C CD2 . LEU A 1 43  ? -20.698 12.105  12.358  1.00 20.72 ? 43  LEU A CD2 1 
ATOM   300  N N   . CYS A 1 44  ? -19.356 12.142  17.172  1.00 20.39 ? 44  CYS A N   1 
ATOM   301  C CA  . CYS A 1 44  ? -20.368 12.267  18.235  1.00 21.01 ? 44  CYS A CA  1 
ATOM   302  C C   . CYS A 1 44  ? -21.755 12.516  17.643  1.00 20.74 ? 44  CYS A C   1 
ATOM   303  O O   . CYS A 1 44  ? -21.983 13.535  17.000  1.00 21.12 ? 44  CYS A O   1 
ATOM   304  C CB  . CYS A 1 44  ? -19.976 13.357  19.216  1.00 20.99 ? 44  CYS A CB  1 
ATOM   305  S SG  . CYS A 1 44  ? -21.170 13.477  20.564  1.00 21.97 ? 44  CYS A SG  1 
ATOM   306  N N   . LYS A 1 45  ? -22.678 11.581  17.849  1.00 20.82 ? 45  LYS A N   1 
ATOM   307  C CA  . LYS A 1 45  ? -24.025 11.726  17.306  1.00 21.63 ? 45  LYS A CA  1 
ATOM   308  C C   . LYS A 1 45  ? -24.938 12.601  18.171  1.00 22.58 ? 45  LYS A C   1 
ATOM   309  O O   . LYS A 1 45  ? -24.667 12.820  19.357  1.00 22.75 ? 45  LYS A O   1 
ATOM   310  C CB  . LYS A 1 45  ? -24.675 10.367  17.067  1.00 21.91 ? 45  LYS A CB  1 
ATOM   311  C CG  . LYS A 1 45  ? -24.032 9.544   15.940  1.00 21.43 ? 45  LYS A CG  1 
ATOM   312  C CD  . LYS A 1 45  ? -24.821 8.246   15.691  1.00 22.77 ? 45  LYS A CD  1 
ATOM   313  C CE  . LYS A 1 45  ? -24.753 7.321   16.915  1.00 24.75 ? 45  LYS A CE  1 
ATOM   314  N NZ  . LYS A 1 45  ? -25.382 5.992   16.650  1.00 24.02 ? 45  LYS A NZ  1 
ATOM   315  N N   . SER A 1 46  ? -26.021 13.092  17.572  1.00 22.61 ? 46  SER A N   1 
ATOM   316  C CA  . SER A 1 46  ? -27.032 13.864  18.324  1.00 23.50 ? 46  SER A CA  1 
ATOM   317  C C   . SER A 1 46  ? -27.656 13.052  19.489  1.00 23.97 ? 46  SER A C   1 
ATOM   318  O O   . SER A 1 46  ? -28.200 13.627  20.446  1.00 23.28 ? 46  SER A O   1 
ATOM   319  C CB  . SER A 1 46  ? -28.099 14.411  17.372  1.00 23.23 ? 46  SER A CB  1 
ATOM   320  O OG  . SER A 1 46  ? -28.758 13.362  16.667  1.00 24.24 ? 46  SER A OG  1 
ATOM   321  N N   . SER A 1 47  ? -27.549 11.721  19.410  1.00 24.24 ? 47  SER A N   1 
ATOM   322  C CA  . SER A 1 47  ? -27.996 10.824  20.489  1.00 24.46 ? 47  SER A CA  1 
ATOM   323  C C   . SER A 1 47  ? -27.098 10.833  21.735  1.00 24.75 ? 47  SER A C   1 
ATOM   324  O O   . SER A 1 47  ? -27.470 10.252  22.771  1.00 25.02 ? 47  SER A O   1 
ATOM   325  C CB  . SER A 1 47  ? -28.084 9.395   19.973  1.00 24.53 ? 47  SER A CB  1 
ATOM   326  O OG  . SER A 1 47  ? -26.792 8.912   19.648  1.00 24.72 ? 47  SER A OG  1 
ATOM   327  N N   . GLY A 1 48  ? -25.923 11.453  21.630  1.00 24.14 ? 48  GLY A N   1 
ATOM   328  C CA  . GLY A 1 48  ? -24.911 11.422  22.692  1.00 24.58 ? 48  GLY A CA  1 
ATOM   329  C C   . GLY A 1 48  ? -24.090 10.138  22.703  1.00 24.85 ? 48  GLY A C   1 
ATOM   330  O O   . GLY A 1 48  ? -23.460 9.807   23.715  1.00 24.86 ? 48  GLY A O   1 
ATOM   331  N N   . GLN A 1 49  ? -24.105 9.400   21.594  1.00 24.42 ? 49  GLN A N   1 
ATOM   332  C CA  . GLN A 1 49  ? -23.197 8.265   21.445  1.00 24.68 ? 49  GLN A CA  1 
ATOM   333  C C   . GLN A 1 49  ? -22.291 8.382   20.227  1.00 23.49 ? 49  GLN A C   1 
ATOM   334  O O   . GLN A 1 49  ? -22.688 8.925   19.203  1.00 22.61 ? 49  GLN A O   1 
ATOM   335  C CB  . GLN A 1 49  ? -23.941 6.924   21.467  1.00 25.72 ? 49  GLN A CB  1 
ATOM   336  C CG  . GLN A 1 49  ? -24.932 6.686   20.343  1.00 30.27 ? 49  GLN A CG  1 
ATOM   337  C CD  . GLN A 1 49  ? -26.159 5.845   20.751  1.00 35.38 ? 49  GLN A CD  1 
ATOM   338  O OE1 . GLN A 1 49  ? -26.090 4.988   21.646  1.00 39.29 ? 49  GLN A OE1 1 
ATOM   339  N NE2 . GLN A 1 49  ? -27.287 6.080   20.064  1.00 34.78 ? 49  GLN A NE2 1 
ATOM   340  N N   . TRP A 1 50  ? -21.076 7.852   20.361  1.00 23.38 ? 50  TRP A N   1 
ATOM   341  C CA  . TRP A 1 50  ? -20.096 7.864   19.276  1.00 22.32 ? 50  TRP A CA  1 
ATOM   342  C C   . TRP A 1 50  ? -20.478 6.887   18.174  1.00 23.23 ? 50  TRP A C   1 
ATOM   343  O O   . TRP A 1 50  ? -21.056 5.810   18.433  1.00 22.77 ? 50  TRP A O   1 
ATOM   344  C CB  . TRP A 1 50  ? -18.698 7.494   19.783  1.00 21.65 ? 50  TRP A CB  1 
ATOM   345  C CG  . TRP A 1 50  ? -18.112 8.481   20.721  1.00 20.91 ? 50  TRP A CG  1 
ATOM   346  C CD1 . TRP A 1 50  ? -18.002 8.350   22.073  1.00 20.02 ? 50  TRP A CD1 1 
ATOM   347  C CD2 . TRP A 1 50  ? -17.530 9.751   20.389  1.00 21.60 ? 50  TRP A CD2 1 
ATOM   348  N NE1 . TRP A 1 50  ? -17.371 9.446   22.605  1.00 21.02 ? 50  TRP A NE1 1 
ATOM   349  C CE2 . TRP A 1 50  ? -17.086 10.335  21.601  1.00 19.88 ? 50  TRP A CE2 1 
ATOM   350  C CE3 . TRP A 1 50  ? -17.352 10.460  19.187  1.00 19.87 ? 50  TRP A CE3 1 
ATOM   351  C CZ2 . TRP A 1 50  ? -16.463 11.586  21.653  1.00 21.25 ? 50  TRP A CZ2 1 
ATOM   352  C CZ3 . TRP A 1 50  ? -16.727 11.715  19.234  1.00 20.20 ? 50  TRP A CZ3 1 
ATOM   353  C CH2 . TRP A 1 50  ? -16.289 12.266  20.460  1.00 20.25 ? 50  TRP A CH2 1 
ATOM   354  N N   . GLN A 1 51  ? -20.113 7.264   16.946  1.00 23.95 ? 51  GLN A N   1 
ATOM   355  C CA  . GLN A 1 51  ? -20.277 6.416   15.780  1.00 25.43 ? 51  GLN A CA  1 
ATOM   356  C C   . GLN A 1 51  ? -18.975 6.428   14.971  1.00 26.34 ? 51  GLN A C   1 
ATOM   357  O O   . GLN A 1 51  ? -18.510 7.499   14.581  1.00 27.17 ? 51  GLN A O   1 
ATOM   358  C CB  . GLN A 1 51  ? -21.392 6.962   14.891  1.00 25.23 ? 51  GLN A CB  1 
ATOM   359  C CG  . GLN A 1 51  ? -21.679 6.080   13.674  1.00 27.62 ? 51  GLN A CG  1 
ATOM   360  C CD  . GLN A 1 51  ? -22.207 4.713   14.097  1.00 31.66 ? 51  GLN A CD  1 
ATOM   361  O OE1 . GLN A 1 51  ? -23.292 4.600   14.689  1.00 31.80 ? 51  GLN A OE1 1 
ATOM   362  N NE2 . GLN A 1 51  ? -21.421 3.667   13.823  1.00 34.20 ? 51  GLN A NE2 1 
ATOM   363  N N   . THR A 1 52  ? -18.416 5.255   14.686  1.00 26.67 ? 52  THR A N   1 
ATOM   364  C CA  . THR A 1 52  ? -17.288 5.168   13.730  1.00 28.02 ? 52  THR A CA  1 
ATOM   365  C C   . THR A 1 52  ? -17.826 5.237   12.293  1.00 28.21 ? 52  THR A C   1 
ATOM   366  O O   . THR A 1 52  ? -18.745 4.498   11.958  1.00 27.79 ? 52  THR A O   1 
ATOM   367  C CB  . THR A 1 52  ? -16.480 3.884   13.946  1.00 28.37 ? 52  THR A CB  1 
ATOM   368  O OG1 . THR A 1 52  ? -16.171 3.761   15.340  1.00 29.43 ? 52  THR A OG1 1 
ATOM   369  C CG2 . THR A 1 52  ? -15.170 3.895   13.112  1.00 29.00 ? 52  THR A CG2 1 
ATOM   370  N N   . PRO A 1 53  ? -17.281 6.147   11.445  1.00 29.06 ? 53  PRO A N   1 
ATOM   371  C CA  . PRO A 1 53  ? -17.805 6.257   10.067  1.00 29.49 ? 53  PRO A CA  1 
ATOM   372  C C   . PRO A 1 53  ? -17.862 4.917   9.314   1.00 29.90 ? 53  PRO A C   1 
ATOM   373  O O   . PRO A 1 53  ? -16.931 4.113   9.424   1.00 31.82 ? 53  PRO A O   1 
ATOM   374  C CB  . PRO A 1 53  ? -16.814 7.221   9.389   1.00 29.43 ? 53  PRO A CB  1 
ATOM   375  C CG  . PRO A 1 53  ? -16.327 8.085   10.497  1.00 29.57 ? 53  PRO A CG  1 
ATOM   376  C CD  . PRO A 1 53  ? -16.215 7.134   11.696  1.00 28.86 ? 53  PRO A CD  1 
ATOM   377  N N   . LYS A 1 61  ? -13.272 -0.708  21.245  1.00 27.51 ? 61  LYS A N   1 
ATOM   378  C CA  . LYS A 1 61  ? -12.113 -0.201  21.996  1.00 27.93 ? 61  LYS A CA  1 
ATOM   379  C C   . LYS A 1 61  ? -10.921 0.089   21.082  1.00 27.16 ? 61  LYS A C   1 
ATOM   380  O O   . LYS A 1 61  ? -10.400 -0.834  20.452  1.00 27.61 ? 61  LYS A O   1 
ATOM   381  C CB  . LYS A 1 61  ? -11.673 -1.219  23.052  1.00 28.28 ? 61  LYS A CB  1 
ATOM   382  C CG  . LYS A 1 61  ? -10.407 -0.797  23.825  1.00 29.85 ? 61  LYS A CG  1 
ATOM   383  C CD  . LYS A 1 61  ? -10.651 0.478   24.632  1.00 33.91 ? 61  LYS A CD  1 
ATOM   384  C CE  . LYS A 1 61  ? -9.474  1.435   24.552  1.00 34.42 ? 61  LYS A CE  1 
ATOM   385  N NZ  . LYS A 1 61  ? -8.379  1.161   25.525  1.00 36.16 ? 61  LYS A NZ  1 
ATOM   386  N N   . ALA A 1 62  ? -10.464 1.342   21.046  1.00 25.81 ? 62  ALA A N   1 
ATOM   387  C CA  . ALA A 1 62  ? -9.410  1.737   20.094  1.00 24.68 ? 62  ALA A CA  1 
ATOM   388  C C   . ALA A 1 62  ? -8.010  1.244   20.466  1.00 24.17 ? 62  ALA A C   1 
ATOM   389  O O   . ALA A 1 62  ? -7.588  1.334   21.625  1.00 23.24 ? 62  ALA A O   1 
ATOM   390  C CB  . ALA A 1 62  ? -9.397  3.236   19.908  1.00 24.56 ? 62  ALA A CB  1 
ATOM   391  N N   . VAL A 1 63  ? -7.292  0.743   19.457  1.00 23.32 ? 63  VAL A N   1 
ATOM   392  C CA  . VAL A 1 63  ? -5.928  0.259   19.626  1.00 23.52 ? 63  VAL A CA  1 
ATOM   393  C C   . VAL A 1 63  ? -5.024  0.727   18.481  1.00 23.36 ? 63  VAL A C   1 
ATOM   394  O O   . VAL A 1 63  ? -5.484  0.936   17.348  1.00 22.70 ? 63  VAL A O   1 
ATOM   395  C CB  . VAL A 1 63  ? -5.855  -1.308  19.757  1.00 23.28 ? 63  VAL A CB  1 
ATOM   396  C CG1 . VAL A 1 63  ? -6.556  -1.801  21.024  1.00 25.01 ? 63  VAL A CG1 1 
ATOM   397  C CG2 . VAL A 1 63  ? -6.432  -1.999  18.530  1.00 24.29 ? 63  VAL A CG2 1 
ATOM   398  N N   . CYS A 1 64  ? -3.744  0.884   18.798  1.00 23.46 ? 64  CYS A N   1 
ATOM   399  C CA  . CYS A 1 64  ? -2.718  1.162   17.800  1.00 23.46 ? 64  CYS A CA  1 
ATOM   400  C C   . CYS A 1 64  ? -2.137  -0.189  17.351  1.00 23.28 ? 64  CYS A C   1 
ATOM   401  O O   . CYS A 1 64  ? -1.746  -1.019  18.190  1.00 23.70 ? 64  CYS A O   1 
ATOM   402  C CB  . CYS A 1 64  ? -1.653  2.101   18.380  1.00 24.32 ? 64  CYS A CB  1 
ATOM   403  S SG  . CYS A 1 64  ? -2.224  3.829   18.633  1.00 25.43 ? 64  CYS A SG  1 
ATOM   404  N N   . LYS A 1 65  ? -2.124  -0.418  16.033  1.00 21.70 ? 65  LYS A N   1 
ATOM   405  C CA  . LYS A 1 65  ? -1.709  -1.700  15.437  1.00 20.72 ? 65  LYS A CA  1 
ATOM   406  C C   . LYS A 1 65  ? -0.504  -1.482  14.505  1.00 20.10 ? 65  LYS A C   1 
ATOM   407  O O   . LYS A 1 65  ? -0.356  -0.389  13.954  1.00 19.92 ? 65  LYS A O   1 
ATOM   408  C CB  . LYS A 1 65  ? -2.888  -2.355  14.684  1.00 21.12 ? 65  LYS A CB  1 
ATOM   409  C CG  . LYS A 1 65  ? -4.122  -2.652  15.555  1.00 20.95 ? 65  LYS A CG  1 
ATOM   410  C CD  . LYS A 1 65  ? -5.270  -3.246  14.733  1.00 22.16 ? 65  LYS A CD  1 
ATOM   411  C CE  . LYS A 1 65  ? -6.451  -3.613  15.623  1.00 28.04 ? 65  LYS A CE  1 
ATOM   412  N NZ  . LYS A 1 65  ? -7.644  -4.146  14.884  1.00 30.28 ? 65  LYS A NZ  1 
ATOM   413  N N   . PRO A 1 66  ? 0.401   -2.478  14.378  1.00 19.64 ? 66  PRO A N   1 
ATOM   414  C CA  . PRO A 1 66  ? 1.555   -2.233  13.502  1.00 19.24 ? 66  PRO A CA  1 
ATOM   415  C C   . PRO A 1 66  ? 1.173   -2.103  12.019  1.00 18.26 ? 66  PRO A C   1 
ATOM   416  O O   . PRO A 1 66  ? 0.368   -2.887  11.513  1.00 18.22 ? 66  PRO A O   1 
ATOM   417  C CB  . PRO A 1 66  ? 2.446   -3.476  13.718  1.00 19.39 ? 66  PRO A CB  1 
ATOM   418  C CG  . PRO A 1 66  ? 1.952   -4.114  14.974  1.00 20.14 ? 66  PRO A CG  1 
ATOM   419  C CD  . PRO A 1 66  ? 0.470   -3.816  14.991  1.00 20.13 ? 66  PRO A CD  1 
ATOM   420  N N   . VAL A 1 67  ? 1.710   -1.079  11.365  1.00 17.48 ? 67  VAL A N   1 
ATOM   421  C CA  . VAL A 1 67  ? 1.748   -0.985  9.899   1.00 17.07 ? 67  VAL A CA  1 
ATOM   422  C C   . VAL A 1 67  ? 2.588   -2.153  9.332   1.00 17.16 ? 67  VAL A C   1 
ATOM   423  O O   . VAL A 1 67  ? 3.606   -2.547  9.922   1.00 16.61 ? 67  VAL A O   1 
ATOM   424  C CB  . VAL A 1 67  ? 2.338   0.409   9.440   1.00 17.42 ? 67  VAL A CB  1 
ATOM   425  C CG1 . VAL A 1 67  ? 2.573   0.470   7.892   1.00 17.05 ? 67  VAL A CG1 1 
ATOM   426  C CG2 . VAL A 1 67  ? 1.430   1.554   9.893   1.00 16.27 ? 67  VAL A CG2 1 
ATOM   427  N N   . ARG A 1 68  ? 2.143   -2.728  8.212   1.00 16.10 ? 68  ARG A N   1 
ATOM   428  C CA  . ARG A 1 68  ? 2.945   -3.691  7.457   1.00 15.54 ? 68  ARG A CA  1 
ATOM   429  C C   . ARG A 1 68  ? 2.921   -3.311  5.983   1.00 15.43 ? 68  ARG A C   1 
ATOM   430  O O   . ARG A 1 68  ? 1.896   -2.832  5.485   1.00 15.05 ? 68  ARG A O   1 
ATOM   431  C CB  . ARG A 1 68  ? 2.402   -5.114  7.635   1.00 15.91 ? 68  ARG A CB  1 
ATOM   432  C CG  . ARG A 1 68  ? 2.615   -5.669  9.035   1.00 16.42 ? 68  ARG A CG  1 
ATOM   433  C CD  . ARG A 1 68  ? 2.060   -7.085  9.160   1.00 17.51 ? 68  ARG A CD  1 
ATOM   434  N NE  . ARG A 1 68  ? 0.606   -7.073  9.338   1.00 19.90 ? 68  ARG A NE  1 
ATOM   435  C CZ  . ARG A 1 68  ? -0.174  -8.153  9.278   1.00 22.20 ? 68  ARG A CZ  1 
ATOM   436  N NH1 . ARG A 1 68  ? 0.335   -9.347  9.028   1.00 23.76 ? 68  ARG A NH1 1 
ATOM   437  N NH2 . ARG A 1 68  ? -1.476  -8.036  9.467   1.00 25.33 ? 68  ARG A NH2 1 
ATOM   438  N N   . CYS A 1 69  ? 4.039   -3.524  5.287   1.00 14.96 ? 69  CYS A N   1 
ATOM   439  C CA  . CYS A 1 69  ? 4.064   -3.331  3.835   1.00 15.96 ? 69  CYS A CA  1 
ATOM   440  C C   . CYS A 1 69  ? 3.597   -4.595  3.095   1.00 15.73 ? 69  CYS A C   1 
ATOM   441  O O   . CYS A 1 69  ? 3.829   -5.723  3.572   1.00 15.58 ? 69  CYS A O   1 
ATOM   442  C CB  . CYS A 1 69  ? 5.463   -2.935  3.365   1.00 15.46 ? 69  CYS A CB  1 
ATOM   443  S SG  . CYS A 1 69  ? 6.054   -1.347  3.993   1.00 16.27 ? 69  CYS A SG  1 
ATOM   444  N N   . PRO A 1 70  ? 2.945   -4.421  1.921   1.00 16.02 ? 70  PRO A N   1 
ATOM   445  C CA  . PRO A 1 70  ? 2.451   -5.594  1.173   1.00 15.84 ? 70  PRO A CA  1 
ATOM   446  C C   . PRO A 1 70  ? 3.547   -6.524  0.661   1.00 15.07 ? 70  PRO A C   1 
ATOM   447  O O   . PRO A 1 70  ? 4.599   -6.052  0.218   1.00 14.34 ? 70  PRO A O   1 
ATOM   448  C CB  . PRO A 1 70  ? 1.714   -4.968  -0.035  1.00 16.74 ? 70  PRO A CB  1 
ATOM   449  C CG  . PRO A 1 70  ? 1.477   -3.555  0.339   1.00 18.56 ? 70  PRO A CG  1 
ATOM   450  C CD  . PRO A 1 70  ? 2.603   -3.149  1.248   1.00 16.19 ? 70  PRO A CD  1 
ATOM   451  N N   . ALA A 1 71  ? 3.286   -7.829  0.711   1.00 14.75 ? 71  ALA A N   1 
ATOM   452  C CA  . ALA A 1 71  ? 4.206   -8.828  0.177   1.00 15.13 ? 71  ALA A CA  1 
ATOM   453  C C   . ALA A 1 71  ? 3.970   -9.040  -1.319  1.00 15.42 ? 71  ALA A C   1 
ATOM   454  O O   . ALA A 1 71  ? 2.862   -8.759  -1.820  1.00 15.36 ? 71  ALA A O   1 
ATOM   455  C CB  . ALA A 1 71  ? 4.027   -10.165 0.912   1.00 14.65 ? 71  ALA A CB  1 
ATOM   456  N N   . PRO A 1 72  ? 4.989   -9.566  -2.042  1.00 15.91 ? 72  PRO A N   1 
ATOM   457  C CA  . PRO A 1 72  ? 4.655   -9.980  -3.415  1.00 16.32 ? 72  PRO A CA  1 
ATOM   458  C C   . PRO A 1 72  ? 3.608   -11.096 -3.408  1.00 17.19 ? 72  PRO A C   1 
ATOM   459  O O   . PRO A 1 72  ? 3.633   -11.988 -2.537  1.00 17.21 ? 72  PRO A O   1 
ATOM   460  C CB  . PRO A 1 72  ? 5.990   -10.500 -3.986  1.00 16.93 ? 72  PRO A CB  1 
ATOM   461  C CG  . PRO A 1 72  ? 7.071   -9.981  -3.060  1.00 15.86 ? 72  PRO A CG  1 
ATOM   462  C CD  . PRO A 1 72  ? 6.417   -9.776  -1.713  1.00 15.72 ? 72  PRO A CD  1 
ATOM   463  N N   . VAL A 1 73  ? 2.669   -11.024 -4.336  1.00 17.09 ? 73  VAL A N   1 
ATOM   464  C CA  . VAL A 1 73  ? 1.754   -12.139 -4.588  1.00 18.02 ? 73  VAL A CA  1 
ATOM   465  C C   . VAL A 1 73  ? 2.404   -13.088 -5.607  1.00 19.21 ? 73  VAL A C   1 
ATOM   466  O O   . VAL A 1 73  ? 2.155   -14.297 -5.617  1.00 20.27 ? 73  VAL A O   1 
ATOM   467  C CB  . VAL A 1 73  ? 0.382   -11.647 -5.090  1.00 17.65 ? 73  VAL A CB  1 
ATOM   468  C CG1 . VAL A 1 73  ? -0.583  -12.828 -5.303  1.00 18.08 ? 73  VAL A CG1 1 
ATOM   469  C CG2 . VAL A 1 73  ? -0.226  -10.636 -4.080  1.00 19.57 ? 73  VAL A CG2 1 
ATOM   470  N N   . SER A 1 74  ? 3.218   -12.510 -6.479  1.00 20.27 ? 74  SER A N   1 
ATOM   471  C CA  . SER A 1 74  ? 4.081   -13.275 -7.379  1.00 20.85 ? 74  SER A CA  1 
ATOM   472  C C   . SER A 1 74  ? 5.318   -12.445 -7.657  1.00 20.72 ? 74  SER A C   1 
ATOM   473  O O   . SER A 1 74  ? 5.304   -11.222 -7.546  1.00 21.66 ? 74  SER A O   1 
ATOM   474  C CB  . SER A 1 74  ? 3.355   -13.653 -8.666  1.00 21.67 ? 74  SER A CB  1 
ATOM   475  O OG  . SER A 1 74  ? 3.064   -12.528 -9.459  1.00 24.29 ? 74  SER A OG  1 
ATOM   476  N N   . PHE A 1 75  ? 6.409   -13.109 -7.980  1.00 20.15 ? 75  PHE A N   1 
ATOM   477  C CA  . PHE A 1 75  ? 7.602   -12.405 -8.448  1.00 20.03 ? 75  PHE A CA  1 
ATOM   478  C C   . PHE A 1 75  ? 8.218   -13.327 -9.459  1.00 20.07 ? 75  PHE A C   1 
ATOM   479  O O   . PHE A 1 75  ? 8.775   -14.350 -9.098  1.00 19.12 ? 75  PHE A O   1 
ATOM   480  C CB  . PHE A 1 75  ? 8.590   -12.145 -7.309  1.00 19.82 ? 75  PHE A CB  1 
ATOM   481  C CG  . PHE A 1 75  ? 9.815   -11.400 -7.750  1.00 19.39 ? 75  PHE A CG  1 
ATOM   482  C CD1 . PHE A 1 75  ? 9.726   -10.059 -8.169  1.00 18.58 ? 75  PHE A CD1 1 
ATOM   483  C CD2 . PHE A 1 75  ? 11.056  -12.034 -7.788  1.00 19.43 ? 75  PHE A CD2 1 
ATOM   484  C CE1 . PHE A 1 75  ? 10.868  -9.368  -8.609  1.00 17.59 ? 75  PHE A CE1 1 
ATOM   485  C CE2 . PHE A 1 75  ? 12.197  -11.343 -8.206  1.00 19.32 ? 75  PHE A CE2 1 
ATOM   486  C CZ  . PHE A 1 75  ? 12.103  -10.015 -8.628  1.00 19.42 ? 75  PHE A CZ  1 
ATOM   487  N N   . GLU A 1 76  ? 8.092   -12.968 -10.726 1.00 20.57 ? 76  GLU A N   1 
ATOM   488  C CA  . GLU A 1 76  ? 8.364   -13.918 -11.794 1.00 21.90 ? 76  GLU A CA  1 
ATOM   489  C C   . GLU A 1 76  ? 9.844   -13.973 -12.138 1.00 21.22 ? 76  GLU A C   1 
ATOM   490  O O   . GLU A 1 76  ? 10.531  -12.958 -12.088 1.00 21.70 ? 76  GLU A O   1 
ATOM   491  C CB  . GLU A 1 76  ? 7.540   -13.541 -13.023 1.00 22.25 ? 76  GLU A CB  1 
ATOM   492  C CG  . GLU A 1 76  ? 6.058   -13.399 -12.701 1.00 24.78 ? 76  GLU A CG  1 
ATOM   493  C CD  . GLU A 1 76  ? 5.210   -13.130 -13.924 1.00 29.29 ? 76  GLU A CD  1 
ATOM   494  O OE1 . GLU A 1 76  ? 5.747   -12.587 -14.926 1.00 30.80 ? 76  GLU A OE1 1 
ATOM   495  O OE2 . GLU A 1 76  ? 4.006   -13.467 -13.885 1.00 29.72 ? 76  GLU A OE2 1 
ATOM   496  N N   . ASN A 1 77  ? 10.313  -15.174 -12.474 1.00 22.52 ? 77  ASN A N   1 
ATOM   497  C CA  . ASN A 1 77  ? 11.673  -15.404 -12.981 1.00 22.58 ? 77  ASN A CA  1 
ATOM   498  C C   . ASN A 1 77  ? 12.762  -14.893 -12.047 1.00 22.34 ? 77  ASN A C   1 
ATOM   499  O O   . ASN A 1 77  ? 13.821  -14.400 -12.479 1.00 22.17 ? 77  ASN A O   1 
ATOM   500  C CB  . ASN A 1 77  ? 11.814  -14.823 -14.380 1.00 23.50 ? 77  ASN A CB  1 
ATOM   501  C CG  . ASN A 1 77  ? 10.730  -15.334 -15.315 1.00 23.71 ? 77  ASN A CG  1 
ATOM   502  O OD1 . ASN A 1 77  ? 9.906   -14.568 -15.793 1.00 25.35 ? 77  ASN A OD1 1 
ATOM   503  N ND2 . ASN A 1 77  ? 10.707  -16.649 -15.539 1.00 24.44 ? 77  ASN A ND2 1 
ATOM   504  N N   . GLY A 1 78  ? 12.482  -15.038 -10.755 1.00 21.60 ? 78  GLY A N   1 
ATOM   505  C CA  . GLY A 1 78  ? 13.392  -14.603 -9.717  1.00 20.86 ? 78  GLY A CA  1 
ATOM   506  C C   . GLY A 1 78  ? 12.932  -15.080 -8.354  1.00 19.97 ? 78  GLY A C   1 
ATOM   507  O O   . GLY A 1 78  ? 11.947  -15.817 -8.238  1.00 19.49 ? 78  GLY A O   1 
ATOM   508  N N   . ILE A 1 79  ? 13.652  -14.639 -7.335  1.00 19.08 ? 79  ILE A N   1 
ATOM   509  C CA  . ILE A 1 79  ? 13.355  -14.986 -5.950  1.00 20.32 ? 79  ILE A CA  1 
ATOM   510  C C   . ILE A 1 79  ? 13.508  -13.731 -5.106  1.00 19.50 ? 79  ILE A C   1 
ATOM   511  O O   . ILE A 1 79  ? 14.218  -12.806 -5.493  1.00 19.82 ? 79  ILE A O   1 
ATOM   512  C CB  . ILE A 1 79  ? 14.321  -16.104 -5.431  1.00 20.87 ? 79  ILE A CB  1 
ATOM   513  C CG1 . ILE A 1 79  ? 15.779  -15.653 -5.501  1.00 23.51 ? 79  ILE A CG1 1 
ATOM   514  C CG2 . ILE A 1 79  ? 14.133  -17.400 -6.234  1.00 21.98 ? 79  ILE A CG2 1 
ATOM   515  C CD1 . ILE A 1 79  ? 16.354  -15.244 -4.169  1.00 30.15 ? 79  ILE A CD1 1 
ATOM   516  N N   . TYR A 1 80  ? 12.828  -13.704 -3.970  1.00 19.09 ? 80  TYR A N   1 
ATOM   517  C CA  . TYR A 1 80  ? 12.949  -12.619 -3.002  1.00 18.93 ? 80  TYR A CA  1 
ATOM   518  C C   . TYR A 1 80  ? 13.161  -13.228 -1.609  1.00 19.27 ? 80  TYR A C   1 
ATOM   519  O O   . TYR A 1 80  ? 12.728  -14.365 -1.325  1.00 19.49 ? 80  TYR A O   1 
ATOM   520  C CB  . TYR A 1 80  ? 11.725  -11.670 -3.040  1.00 18.49 ? 80  TYR A CB  1 
ATOM   521  C CG  . TYR A 1 80  ? 10.369  -12.328 -2.789  1.00 18.57 ? 80  TYR A CG  1 
ATOM   522  C CD1 . TYR A 1 80  ? 9.667   -12.967 -3.834  1.00 18.04 ? 80  TYR A CD1 1 
ATOM   523  C CD2 . TYR A 1 80  ? 9.770   -12.299 -1.522  1.00 17.47 ? 80  TYR A CD2 1 
ATOM   524  C CE1 . TYR A 1 80  ? 8.435   -13.550 -3.621  1.00 17.80 ? 80  TYR A CE1 1 
ATOM   525  C CE2 . TYR A 1 80  ? 8.511   -12.890 -1.301  1.00 16.24 ? 80  TYR A CE2 1 
ATOM   526  C CZ  . TYR A 1 80  ? 7.862   -13.532 -2.346  1.00 15.76 ? 80  TYR A CZ  1 
ATOM   527  O OH  . TYR A 1 80  ? 6.622   -14.111 -2.175  1.00 18.14 ? 80  TYR A OH  1 
ATOM   528  N N   . THR A 1 81  ? 13.844  -12.475 -0.754  1.00 19.55 ? 81  THR A N   1 
ATOM   529  C CA  . THR A 1 81  ? 14.162  -12.929 0.594   1.00 20.09 ? 81  THR A CA  1 
ATOM   530  C C   . THR A 1 81  ? 14.178  -11.727 1.554   1.00 19.86 ? 81  THR A C   1 
ATOM   531  O O   . THR A 1 81  ? 14.593  -10.638 1.153   1.00 19.28 ? 81  THR A O   1 
ATOM   532  C CB  . THR A 1 81  ? 15.518  -13.733 0.621   1.00 20.51 ? 81  THR A CB  1 
ATOM   533  O OG1 . THR A 1 81  ? 15.587  -14.524 1.814   1.00 25.20 ? 81  THR A OG1 1 
ATOM   534  C CG2 . THR A 1 81  ? 16.713  -12.828 0.520   1.00 21.85 ? 81  THR A CG2 1 
ATOM   535  N N   . PRO A 1 82  ? 13.639  -11.903 2.785   1.00 20.11 ? 82  PRO A N   1 
ATOM   536  C CA  . PRO A 1 82  ? 12.994  -13.136 3.211   1.00 19.69 ? 82  PRO A CA  1 
ATOM   537  C C   . PRO A 1 82  ? 11.606  -13.205 2.569   1.00 20.00 ? 82  PRO A C   1 
ATOM   538  O O   . PRO A 1 82  ? 11.115  -12.183 2.046   1.00 18.60 ? 82  PRO A O   1 
ATOM   539  C CB  . PRO A 1 82  ? 12.867  -12.953 4.725   1.00 19.96 ? 82  PRO A CB  1 
ATOM   540  C CG  . PRO A 1 82  ? 12.647  -11.487 4.889   1.00 19.83 ? 82  PRO A CG  1 
ATOM   541  C CD  . PRO A 1 82  ? 13.571  -10.865 3.837   1.00 20.19 ? 82  PRO A CD  1 
ATOM   542  N N   . ARG A 1 83  ? 11.011  -14.394 2.604   1.00 19.51 ? 83  ARG A N   1 
ATOM   543  C CA  . ARG A 1 83  ? 9.694   -14.634 2.023   1.00 19.83 ? 83  ARG A CA  1 
ATOM   544  C C   . ARG A 1 83  ? 8.617   -14.642 3.125   1.00 19.36 ? 83  ARG A C   1 
ATOM   545  O O   . ARG A 1 83  ? 8.537   -15.568 3.940   1.00 19.69 ? 83  ARG A O   1 
ATOM   546  C CB  . ARG A 1 83  ? 9.669   -15.949 1.217   1.00 20.57 ? 83  ARG A CB  1 
ATOM   547  C CG  . ARG A 1 83  ? 8.463   -16.021 0.269   1.00 24.51 ? 83  ARG A CG  1 
ATOM   548  C CD  . ARG A 1 83  ? 7.674   -17.311 0.349   1.00 33.14 ? 83  ARG A CD  1 
ATOM   549  N NE  . ARG A 1 83  ? 7.253   -17.649 1.713   1.00 36.12 ? 83  ARG A NE  1 
ATOM   550  C CZ  . ARG A 1 83  ? 6.180   -17.170 2.343   1.00 36.78 ? 83  ARG A CZ  1 
ATOM   551  N NH1 . ARG A 1 83  ? 5.924   -17.576 3.577   1.00 39.82 ? 83  ARG A NH1 1 
ATOM   552  N NH2 . ARG A 1 83  ? 5.376   -16.288 1.770   1.00 37.30 ? 83  ARG A NH2 1 
ATOM   553  N N   . LEU A 1 84  ? 7.807   -13.585 3.152   1.00 17.78 ? 84  LEU A N   1 
ATOM   554  C CA  . LEU A 1 84  ? 6.782   -13.396 4.180   1.00 16.91 ? 84  LEU A CA  1 
ATOM   555  C C   . LEU A 1 84  ? 5.459   -12.976 3.532   1.00 17.14 ? 84  LEU A C   1 
ATOM   556  O O   . LEU A 1 84  ? 5.458   -12.452 2.420   1.00 16.83 ? 84  LEU A O   1 
ATOM   557  C CB  . LEU A 1 84  ? 7.236   -12.287 5.150   1.00 16.50 ? 84  LEU A CB  1 
ATOM   558  C CG  . LEU A 1 84  ? 8.544   -12.441 5.933   1.00 16.19 ? 84  LEU A CG  1 
ATOM   559  C CD1 . LEU A 1 84  ? 8.882   -11.140 6.657   1.00 14.10 ? 84  LEU A CD1 1 
ATOM   560  C CD2 . LEU A 1 84  ? 8.408   -13.605 6.935   1.00 14.91 ? 84  LEU A CD2 1 
ATOM   561  N N   . GLY A 1 85  ? 4.340   -13.175 4.238   1.00 17.12 ? 85  GLY A N   1 
ATOM   562  C CA  . GLY A 1 85  ? 3.025   -12.760 3.735   1.00 16.60 ? 85  GLY A CA  1 
ATOM   563  C C   . GLY A 1 85  ? 2.719   -11.270 3.823   1.00 16.20 ? 85  GLY A C   1 
ATOM   564  O O   . GLY A 1 85  ? 1.698   -10.812 3.294   1.00 16.46 ? 85  GLY A O   1 
ATOM   565  N N   . SER A 1 86  ? 3.610   -10.526 4.483   1.00 15.69 ? 86  SER A N   1 
ATOM   566  C CA  . SER A 1 86  ? 3.563   -9.051  4.627   1.00 15.43 ? 86  SER A CA  1 
ATOM   567  C C   . SER A 1 86  ? 4.856   -8.708  5.374   1.00 15.04 ? 86  SER A C   1 
ATOM   568  O O   . SER A 1 86  ? 5.550   -9.629  5.834   1.00 14.46 ? 86  SER A O   1 
ATOM   569  C CB  . SER A 1 86  ? 2.324   -8.592  5.410   1.00 15.33 ? 86  SER A CB  1 
ATOM   570  O OG  . SER A 1 86  ? 2.280   -9.228  6.681   1.00 16.27 ? 86  SER A OG  1 
ATOM   571  N N   . TYR A 1 87  ? 5.212   -7.428  5.485   1.00 14.62 ? 87  TYR A N   1 
ATOM   572  C CA  . TYR A 1 87  ? 6.560   -7.083  5.958   1.00 15.45 ? 87  TYR A CA  1 
ATOM   573  C C   . TYR A 1 87  ? 6.540   -6.020  7.054   1.00 15.17 ? 87  TYR A C   1 
ATOM   574  O O   . TYR A 1 87  ? 5.702   -5.126  7.016   1.00 14.62 ? 87  TYR A O   1 
ATOM   575  C CB  . TYR A 1 87  ? 7.471   -6.672  4.772   1.00 15.34 ? 87  TYR A CB  1 
ATOM   576  C CG  . TYR A 1 87  ? 7.824   -7.843  3.888   1.00 16.28 ? 87  TYR A CG  1 
ATOM   577  C CD1 . TYR A 1 87  ? 6.891   -8.370  2.983   1.00 15.99 ? 87  TYR A CD1 1 
ATOM   578  C CD2 . TYR A 1 87  ? 9.092   -8.437  3.964   1.00 17.30 ? 87  TYR A CD2 1 
ATOM   579  C CE1 . TYR A 1 87  ? 7.192   -9.465  2.208   1.00 16.48 ? 87  TYR A CE1 1 
ATOM   580  C CE2 . TYR A 1 87  ? 9.412   -9.541  3.186   1.00 16.90 ? 87  TYR A CE2 1 
ATOM   581  C CZ  . TYR A 1 87  ? 8.461   -10.049 2.304   1.00 17.13 ? 87  TYR A CZ  1 
ATOM   582  O OH  . TYR A 1 87  ? 8.760   -11.135 1.532   1.00 16.07 ? 87  TYR A OH  1 
ATOM   583  N N   . PRO A 1 88  ? 7.465   -6.123  8.032   1.00 15.43 ? 88  PRO A N   1 
ATOM   584  C CA  . PRO A 1 88  ? 7.461   -5.146  9.105   1.00 15.26 ? 88  PRO A CA  1 
ATOM   585  C C   . PRO A 1 88  ? 8.076   -3.824  8.635   1.00 15.38 ? 88  PRO A C   1 
ATOM   586  O O   . PRO A 1 88  ? 8.931   -3.797  7.728   1.00 15.12 ? 88  PRO A O   1 
ATOM   587  C CB  . PRO A 1 88  ? 8.343   -5.805  10.174  1.00 15.44 ? 88  PRO A CB  1 
ATOM   588  C CG  . PRO A 1 88  ? 9.387   -6.525  9.371   1.00 15.28 ? 88  PRO A CG  1 
ATOM   589  C CD  . PRO A 1 88  ? 8.575   -7.091  8.179   1.00 15.48 ? 88  PRO A CD  1 
ATOM   590  N N   . VAL A 1 89  ? 7.620   -2.748  9.257   1.00 15.55 ? 89  VAL A N   1 
ATOM   591  C CA  . VAL A 1 89  ? 8.242   -1.441  9.116   1.00 16.49 ? 89  VAL A CA  1 
ATOM   592  C C   . VAL A 1 89  ? 9.729   -1.565  9.478   1.00 16.33 ? 89  VAL A C   1 
ATOM   593  O O   . VAL A 1 89  ? 10.100  -2.151  10.521  1.00 15.42 ? 89  VAL A O   1 
ATOM   594  C CB  . VAL A 1 89  ? 7.534   -0.372  10.008  1.00 16.23 ? 89  VAL A CB  1 
ATOM   595  C CG1 . VAL A 1 89  ? 8.331   0.920   9.989   1.00 17.38 ? 89  VAL A CG1 1 
ATOM   596  C CG2 . VAL A 1 89  ? 6.069   -0.151  9.566   1.00 16.40 ? 89  VAL A CG2 1 
ATOM   597  N N   . GLY A 1 90  ? 10.566  -1.047  8.585   1.00 16.30 ? 90  GLY A N   1 
ATOM   598  C CA  . GLY A 1 90  ? 12.011  -1.045  8.731   1.00 17.68 ? 90  GLY A CA  1 
ATOM   599  C C   . GLY A 1 90  ? 12.687  -2.248  8.104   1.00 18.13 ? 90  GLY A C   1 
ATOM   600  O O   . GLY A 1 90  ? 13.891  -2.248  7.902   1.00 19.54 ? 90  GLY A O   1 
ATOM   601  N N   . GLY A 1 91  ? 11.904  -3.286  7.823   1.00 18.18 ? 91  GLY A N   1 
ATOM   602  C CA  . GLY A 1 91  ? 12.404  -4.513  7.224   1.00 19.01 ? 91  GLY A CA  1 
ATOM   603  C C   . GLY A 1 91  ? 12.823  -4.325  5.774   1.00 19.25 ? 91  GLY A C   1 
ATOM   604  O O   . GLY A 1 91  ? 12.228  -3.529  5.046   1.00 18.87 ? 91  GLY A O   1 
ATOM   605  N N   . ASN A 1 92  ? 13.858  -5.048  5.357   1.00 19.87 ? 92  ASN A N   1 
ATOM   606  C CA  . ASN A 1 92  ? 14.242  -5.102  3.929   1.00 19.75 ? 92  ASN A CA  1 
ATOM   607  C C   . ASN A 1 92  ? 13.813  -6.388  3.223   1.00 20.07 ? 92  ASN A C   1 
ATOM   608  O O   . ASN A 1 92  ? 13.742  -7.462  3.850   1.00 19.71 ? 92  ASN A O   1 
ATOM   609  C CB  . ASN A 1 92  ? 15.758  -4.928  3.743   1.00 21.13 ? 92  ASN A CB  1 
ATOM   610  C CG  . ASN A 1 92  ? 16.281  -3.651  4.343   1.00 22.76 ? 92  ASN A CG  1 
ATOM   611  O OD1 . ASN A 1 92  ? 15.579  -2.639  4.412   1.00 26.03 ? 92  ASN A OD1 1 
ATOM   612  N ND2 . ASN A 1 92  ? 17.531  -3.684  4.783   1.00 25.47 ? 92  ASN A ND2 1 
ATOM   613  N N   . VAL A 1 93  ? 13.527  -6.273  1.918   1.00 19.16 ? 93  VAL A N   1 
ATOM   614  C CA  . VAL A 1 93  ? 13.327  -7.428  1.034   1.00 18.45 ? 93  VAL A CA  1 
ATOM   615  C C   . VAL A 1 93  ? 14.309  -7.319  -0.149  1.00 19.20 ? 93  VAL A C   1 
ATOM   616  O O   . VAL A 1 93  ? 14.535  -6.225  -0.680  1.00 18.24 ? 93  VAL A O   1 
ATOM   617  C CB  . VAL A 1 93  ? 11.824  -7.609  0.589   1.00 19.27 ? 93  VAL A CB  1 
ATOM   618  C CG1 . VAL A 1 93  ? 11.319  -6.418  -0.273  1.00 17.07 ? 93  VAL A CG1 1 
ATOM   619  C CG2 . VAL A 1 93  ? 11.583  -8.966  -0.123  1.00 17.56 ? 93  VAL A CG2 1 
ATOM   620  N N   . SER A 1 94  ? 14.911  -8.446  -0.522  1.00 19.03 ? 94  SER A N   1 
ATOM   621  C CA  . SER A 1 94  ? 15.917  -8.459  -1.573  1.00 19.30 ? 94  SER A CA  1 
ATOM   622  C C   . SER A 1 94  ? 15.464  -9.318  -2.729  1.00 19.28 ? 94  SER A C   1 
ATOM   623  O O   . SER A 1 94  ? 14.934  -10.402 -2.508  1.00 19.73 ? 94  SER A O   1 
ATOM   624  C CB  . SER A 1 94  ? 17.263  -8.967  -1.032  1.00 19.46 ? 94  SER A CB  1 
ATOM   625  O OG  . SER A 1 94  ? 17.719  -8.092  -0.025  1.00 22.47 ? 94  SER A OG  1 
ATOM   626  N N   . PHE A 1 95  ? 15.700  -8.836  -3.947  1.00 18.66 ? 95  PHE A N   1 
ATOM   627  C CA  . PHE A 1 95  ? 15.270  -9.499  -5.177  1.00 19.14 ? 95  PHE A CA  1 
ATOM   628  C C   . PHE A 1 95  ? 16.476  -9.905  -6.033  1.00 20.41 ? 95  PHE A C   1 
ATOM   629  O O   . PHE A 1 95  ? 17.465  -9.158  -6.120  1.00 20.41 ? 95  PHE A O   1 
ATOM   630  C CB  . PHE A 1 95  ? 14.356  -8.580  -5.993  1.00 18.56 ? 95  PHE A CB  1 
ATOM   631  C CG  . PHE A 1 95  ? 13.150  -8.111  -5.238  1.00 18.51 ? 95  PHE A CG  1 
ATOM   632  C CD1 . PHE A 1 95  ? 11.986  -8.874  -5.254  1.00 18.07 ? 95  PHE A CD1 1 
ATOM   633  C CD2 . PHE A 1 95  ? 13.174  -6.925  -4.503  1.00 18.23 ? 95  PHE A CD2 1 
ATOM   634  C CE1 . PHE A 1 95  ? 10.849  -8.452  -4.547  1.00 19.06 ? 95  PHE A CE1 1 
ATOM   635  C CE2 . PHE A 1 95  ? 12.033  -6.501  -3.782  1.00 16.47 ? 95  PHE A CE2 1 
ATOM   636  C CZ  . PHE A 1 95  ? 10.897  -7.272  -3.805  1.00 15.85 ? 95  PHE A CZ  1 
ATOM   637  N N   . GLU A 1 96  ? 16.357  -11.070 -6.658  1.00 21.00 ? 96  GLU A N   1 
ATOM   638  C CA  . GLU A 1 96  ? 17.398  -11.653 -7.503  1.00 23.62 ? 96  GLU A CA  1 
ATOM   639  C C   . GLU A 1 96  ? 16.725  -12.383 -8.670  1.00 23.04 ? 96  GLU A C   1 
ATOM   640  O O   . GLU A 1 96  ? 15.714  -13.069 -8.478  1.00 22.48 ? 96  GLU A O   1 
ATOM   641  C CB  . GLU A 1 96  ? 18.247  -12.631 -6.678  1.00 23.24 ? 96  GLU A CB  1 
ATOM   642  C CG  . GLU A 1 96  ? 19.557  -13.059 -7.322  1.00 27.44 ? 96  GLU A CG  1 
ATOM   643  C CD  . GLU A 1 96  ? 20.237  -14.227 -6.585  1.00 28.05 ? 96  GLU A CD  1 
ATOM   644  O OE1 . GLU A 1 96  ? 19.643  -14.796 -5.636  1.00 34.57 ? 96  GLU A OE1 1 
ATOM   645  O OE2 . GLU A 1 96  ? 21.374  -14.577 -6.964  1.00 35.54 ? 96  GLU A OE2 1 
ATOM   646  N N   . CYS A 1 97  ? 17.285  -12.253 -9.870  1.00 23.34 ? 97  CYS A N   1 
ATOM   647  C CA  . CYS A 1 97  ? 16.676  -12.842 -11.064 1.00 24.29 ? 97  CYS A CA  1 
ATOM   648  C C   . CYS A 1 97  ? 17.366  -14.131 -11.473 1.00 24.88 ? 97  CYS A C   1 
ATOM   649  O O   . CYS A 1 97  ? 18.560  -14.316 -11.206 1.00 24.94 ? 97  CYS A O   1 
ATOM   650  C CB  . CYS A 1 97  ? 16.729  -11.865 -12.237 1.00 24.51 ? 97  CYS A CB  1 
ATOM   651  S SG  . CYS A 1 97  ? 15.827  -10.331 -11.942 1.00 26.51 ? 97  CYS A SG  1 
ATOM   652  N N   . GLU A 1 98  ? 16.615  -15.014 -12.121 1.00 25.43 ? 98  GLU A N   1 
ATOM   653  C CA  . GLU A 1 98  ? 17.205  -16.231 -12.668 1.00 27.54 ? 98  GLU A CA  1 
ATOM   654  C C   . GLU A 1 98  ? 18.018  -15.913 -13.938 1.00 27.22 ? 98  GLU A C   1 
ATOM   655  O O   . GLU A 1 98  ? 17.889  -14.825 -14.522 1.00 26.41 ? 98  GLU A O   1 
ATOM   656  C CB  . GLU A 1 98  ? 16.156  -17.345 -12.844 1.00 27.29 ? 98  GLU A CB  1 
ATOM   657  C CG  . GLU A 1 98  ? 15.035  -17.101 -13.826 1.00 30.37 ? 98  GLU A CG  1 
ATOM   658  C CD  . GLU A 1 98  ? 13.869  -18.078 -13.629 1.00 31.37 ? 98  GLU A CD  1 
ATOM   659  O OE1 . GLU A 1 98  ? 13.613  -18.488 -12.464 1.00 36.97 ? 98  GLU A OE1 1 
ATOM   660  O OE2 . GLU A 1 98  ? 13.191  -18.415 -14.632 1.00 35.94 ? 98  GLU A OE2 1 
ATOM   661  N N   . ASP A 1 99  ? 18.887  -16.837 -14.343 1.00 27.63 ? 99  ASP A N   1 
ATOM   662  C CA  . ASP A 1 99  ? 19.695  -16.632 -15.546 1.00 28.11 ? 99  ASP A CA  1 
ATOM   663  C C   . ASP A 1 99  ? 18.834  -16.318 -16.769 1.00 27.21 ? 99  ASP A C   1 
ATOM   664  O O   . ASP A 1 99  ? 17.768  -16.919 -16.953 1.00 26.82 ? 99  ASP A O   1 
ATOM   665  C CB  . ASP A 1 99  ? 20.575  -17.853 -15.824 1.00 29.27 ? 99  ASP A CB  1 
ATOM   666  C CG  . ASP A 1 99  ? 21.590  -18.105 -14.725 1.00 32.66 ? 99  ASP A CG  1 
ATOM   667  O OD1 . ASP A 1 99  ? 21.966  -17.155 -13.998 1.00 36.20 ? 99  ASP A OD1 1 
ATOM   668  O OD2 . ASP A 1 99  ? 22.025  -19.273 -14.585 1.00 38.32 ? 99  ASP A OD2 1 
ATOM   669  N N   . GLY A 1 100 ? 19.301  -15.364 -17.578 1.00 26.41 ? 100 GLY A N   1 
ATOM   670  C CA  . GLY A 1 100 ? 18.612  -14.952 -18.805 1.00 26.01 ? 100 GLY A CA  1 
ATOM   671  C C   . GLY A 1 100 ? 17.712  -13.744 -18.596 1.00 25.55 ? 100 GLY A C   1 
ATOM   672  O O   . GLY A 1 100 ? 17.065  -13.265 -19.538 1.00 25.49 ? 100 GLY A O   1 
ATOM   673  N N   . PHE A 1 101 ? 17.689  -13.266 -17.350 1.00 24.55 ? 101 PHE A N   1 
ATOM   674  C CA  . PHE A 1 101 ? 16.899  -12.117 -16.932 1.00 24.12 ? 101 PHE A CA  1 
ATOM   675  C C   . PHE A 1 101 ? 17.810  -11.153 -16.210 1.00 23.86 ? 101 PHE A C   1 
ATOM   676  O O   . PHE A 1 101 ? 18.740  -11.558 -15.500 1.00 23.99 ? 101 PHE A O   1 
ATOM   677  C CB  . PHE A 1 101 ? 15.779  -12.561 -15.975 1.00 23.70 ? 101 PHE A CB  1 
ATOM   678  C CG  . PHE A 1 101 ? 14.771  -13.484 -16.594 1.00 23.08 ? 101 PHE A CG  1 
ATOM   679  C CD1 . PHE A 1 101 ? 13.623  -12.978 -17.199 1.00 24.19 ? 101 PHE A CD1 1 
ATOM   680  C CD2 . PHE A 1 101 ? 14.960  -14.861 -16.568 1.00 23.93 ? 101 PHE A CD2 1 
ATOM   681  C CE1 . PHE A 1 101 ? 12.681  -13.822 -17.761 1.00 22.51 ? 101 PHE A CE1 1 
ATOM   682  C CE2 . PHE A 1 101 ? 14.019  -15.723 -17.139 1.00 22.36 ? 101 PHE A CE2 1 
ATOM   683  C CZ  . PHE A 1 101 ? 12.884  -15.196 -17.745 1.00 24.77 ? 101 PHE A CZ  1 
ATOM   684  N N   . ILE A 1 102 ? 17.537  -9.873  -16.389 1.00 22.76 ? 102 ILE A N   1 
ATOM   685  C CA  . ILE A 1 102 ? 18.283  -8.834  -15.735 1.00 22.90 ? 102 ILE A CA  1 
ATOM   686  C C   . ILE A 1 102 ? 17.306  -8.043  -14.869 1.00 22.39 ? 102 ILE A C   1 
ATOM   687  O O   . ILE A 1 102 ? 16.214  -7.687  -15.323 1.00 21.63 ? 102 ILE A O   1 
ATOM   688  C CB  . ILE A 1 102 ? 18.992  -7.924  -16.777 1.00 23.04 ? 102 ILE A CB  1 
ATOM   689  C CG1 . ILE A 1 102 ? 19.987  -8.744  -17.634 1.00 24.34 ? 102 ILE A CG1 1 
ATOM   690  C CG2 . ILE A 1 102 ? 19.680  -6.726  -16.105 1.00 23.68 ? 102 ILE A CG2 1 
ATOM   691  C CD1 . ILE A 1 102 ? 21.065  -9.519  -16.848 1.00 27.24 ? 102 ILE A CD1 1 
ATOM   692  N N   . LEU A 1 103 ? 17.694  -7.807  -13.620 1.00 22.39 ? 103 LEU A N   1 
ATOM   693  C CA  . LEU A 1 103 ? 16.864  -7.045  -12.692 1.00 22.39 ? 103 LEU A CA  1 
ATOM   694  C C   . LEU A 1 103 ? 16.824  -5.559  -13.047 1.00 22.42 ? 103 LEU A C   1 
ATOM   695  O O   . LEU A 1 103 ? 17.868  -4.911  -13.139 1.00 22.13 ? 103 LEU A O   1 
ATOM   696  C CB  . LEU A 1 103 ? 17.326  -7.252  -11.242 1.00 22.99 ? 103 LEU A CB  1 
ATOM   697  C CG  . LEU A 1 103 ? 16.303  -6.757  -10.210 1.00 23.59 ? 103 LEU A CG  1 
ATOM   698  C CD1 . LEU A 1 103 ? 15.987  -7.849  -9.223  1.00 27.15 ? 103 LEU A CD1 1 
ATOM   699  C CD2 . LEU A 1 103 ? 16.722  -5.470  -9.519  1.00 25.56 ? 103 LEU A CD2 1 
ATOM   700  N N   . ARG A 1 104 ? 15.613  -5.046  -13.271 1.00 21.74 ? 104 ARG A N   1 
ATOM   701  C CA  . ARG A 1 104 ? 15.335  -3.613  -13.394 1.00 22.26 ? 104 ARG A CA  1 
ATOM   702  C C   . ARG A 1 104 ? 14.643  -3.203  -12.092 1.00 21.75 ? 104 ARG A C   1 
ATOM   703  O O   . ARG A 1 104 ? 13.982  -4.045  -11.458 1.00 21.38 ? 104 ARG A O   1 
ATOM   704  C CB  . ARG A 1 104 ? 14.416  -3.341  -14.589 1.00 22.56 ? 104 ARG A CB  1 
ATOM   705  C CG  . ARG A 1 104 ? 14.234  -1.838  -14.929 1.00 24.91 ? 104 ARG A CG  1 
ATOM   706  C CD  . ARG A 1 104 ? 13.441  -1.620  -16.254 1.00 25.42 ? 104 ARG A CD  1 
ATOM   707  N NE  . ARG A 1 104 ? 12.023  -1.464  -15.970 1.00 29.45 ? 104 ARG A NE  1 
ATOM   708  C CZ  . ARG A 1 104 ? 11.101  -2.402  -16.186 1.00 32.22 ? 104 ARG A CZ  1 
ATOM   709  N NH1 . ARG A 1 104 ? 11.435  -3.580  -16.728 1.00 28.62 ? 104 ARG A NH1 1 
ATOM   710  N NH2 . ARG A 1 104 ? 9.829   -2.155  -15.853 1.00 33.40 ? 104 ARG A NH2 1 
ATOM   711  N N   . GLY A 1 105 ? 14.799  -1.943  -11.685 1.00 20.67 ? 105 GLY A N   1 
ATOM   712  C CA  . GLY A 1 105 ? 14.237  -1.469  -10.403 1.00 20.33 ? 105 GLY A CA  1 
ATOM   713  C C   . GLY A 1 105 ? 15.177  -1.742  -9.230  1.00 20.64 ? 105 GLY A C   1 
ATOM   714  O O   . GLY A 1 105 ? 16.374  -2.038  -9.421  1.00 20.18 ? 105 GLY A O   1 
ATOM   715  N N   . SER A 1 106 ? 14.643  -1.658  -8.013  1.00 20.09 ? 106 SER A N   1 
ATOM   716  C CA  . SER A 1 106 ? 15.464  -1.748  -6.798  1.00 19.90 ? 106 SER A CA  1 
ATOM   717  C C   . SER A 1 106 ? 15.694  -3.209  -6.350  1.00 19.95 ? 106 SER A C   1 
ATOM   718  O O   . SER A 1 106 ? 14.735  -3.903  -6.011  1.00 20.34 ? 106 SER A O   1 
ATOM   719  C CB  . SER A 1 106 ? 14.811  -0.939  -5.654  1.00 19.90 ? 106 SER A CB  1 
ATOM   720  O OG  . SER A 1 106 ? 14.525  0.407   -6.035  1.00 21.27 ? 106 SER A OG  1 
ATOM   721  N N   . PRO A 1 107 ? 16.964  -3.684  -6.331  1.00 19.63 ? 107 PRO A N   1 
ATOM   722  C CA  . PRO A 1 107 ? 17.213  -5.057  -5.855  1.00 19.62 ? 107 PRO A CA  1 
ATOM   723  C C   . PRO A 1 107 ? 17.029  -5.254  -4.331  1.00 18.94 ? 107 PRO A C   1 
ATOM   724  O O   . PRO A 1 107 ? 16.827  -6.386  -3.883  1.00 19.62 ? 107 PRO A O   1 
ATOM   725  C CB  . PRO A 1 107 ? 18.678  -5.297  -6.247  1.00 19.75 ? 107 PRO A CB  1 
ATOM   726  C CG  . PRO A 1 107 ? 19.281  -3.915  -6.263  1.00 20.91 ? 107 PRO A CG  1 
ATOM   727  C CD  . PRO A 1 107 ? 18.208  -3.011  -6.763  1.00 19.79 ? 107 PRO A CD  1 
ATOM   728  N N   . VAL A 1 108 ? 17.183  -4.182  -3.561  1.00 18.40 ? 108 VAL A N   1 
ATOM   729  C CA  . VAL A 1 108 ? 16.860  -4.158  -2.119  1.00 18.39 ? 108 VAL A CA  1 
ATOM   730  C C   . VAL A 1 108 ? 15.887  -3.005  -1.833  1.00 17.95 ? 108 VAL A C   1 
ATOM   731  O O   . VAL A 1 108 ? 16.101  -1.872  -2.283  1.00 18.65 ? 108 VAL A O   1 
ATOM   732  C CB  . VAL A 1 108 ? 18.120  -4.024  -1.208  1.00 18.98 ? 108 VAL A CB  1 
ATOM   733  C CG1 . VAL A 1 108 ? 17.733  -4.077  0.271   1.00 19.63 ? 108 VAL A CG1 1 
ATOM   734  C CG2 . VAL A 1 108 ? 19.138  -5.123  -1.531  1.00 20.49 ? 108 VAL A CG2 1 
ATOM   735  N N   . ARG A 1 109 ? 14.823  -3.302  -1.095  1.00 17.02 ? 109 ARG A N   1 
ATOM   736  C CA  . ARG A 1 109 ? 13.808  -2.300  -0.768  1.00 17.34 ? 109 ARG A CA  1 
ATOM   737  C C   . ARG A 1 109 ? 13.434  -2.375  0.710   1.00 17.68 ? 109 ARG A C   1 
ATOM   738  O O   . ARG A 1 109 ? 13.364  -3.464  1.288   1.00 18.25 ? 109 ARG A O   1 
ATOM   739  C CB  . ARG A 1 109 ? 12.563  -2.496  -1.639  1.00 17.32 ? 109 ARG A CB  1 
ATOM   740  C CG  . ARG A 1 109 ? 12.865  -2.586  -3.156  1.00 16.99 ? 109 ARG A CG  1 
ATOM   741  C CD  . ARG A 1 109 ? 11.562  -2.709  -3.933  1.00 17.05 ? 109 ARG A CD  1 
ATOM   742  N NE  . ARG A 1 109 ? 10.807  -1.457  -3.930  1.00 15.52 ? 109 ARG A NE  1 
ATOM   743  C CZ  . ARG A 1 109 ? 9.557   -1.331  -4.381  1.00 15.53 ? 109 ARG A CZ  1 
ATOM   744  N NH1 . ARG A 1 109 ? 8.906   -2.396  -4.840  1.00 13.93 ? 109 ARG A NH1 1 
ATOM   745  N NH2 . ARG A 1 109 ? 8.951   -0.140  -4.355  1.00 13.48 ? 109 ARG A NH2 1 
ATOM   746  N N   . GLN A 1 110 ? 13.213  -1.216  1.306   1.00 18.06 ? 110 GLN A N   1 
ATOM   747  C CA  . GLN A 1 110 ? 12.874  -1.113  2.731   1.00 18.61 ? 110 GLN A CA  1 
ATOM   748  C C   . GLN A 1 110 ? 11.422  -0.694  2.923   1.00 17.43 ? 110 GLN A C   1 
ATOM   749  O O   . GLN A 1 110 ? 10.913  0.205   2.229   1.00 17.11 ? 110 GLN A O   1 
ATOM   750  C CB  . GLN A 1 110 ? 13.808  -0.125  3.438   1.00 18.27 ? 110 GLN A CB  1 
ATOM   751  C CG  . GLN A 1 110 ? 13.621  -0.051  4.959   1.00 19.98 ? 110 GLN A CG  1 
ATOM   752  C CD  . GLN A 1 110 ? 14.702  0.777   5.644   1.00 21.54 ? 110 GLN A CD  1 
ATOM   753  O OE1 . GLN A 1 110 ? 15.422  1.540   4.996   1.00 28.85 ? 110 GLN A OE1 1 
ATOM   754  N NE2 . GLN A 1 110 ? 14.837  0.610   6.944   1.00 26.97 ? 110 GLN A NE2 1 
ATOM   755  N N   . CYS A 1 111 ? 10.763  -1.334  3.881   1.00 15.64 ? 111 CYS A N   1 
ATOM   756  C CA  . CYS A 1 111 ? 9.395   -1.015  4.234   1.00 16.00 ? 111 CYS A CA  1 
ATOM   757  C C   . CYS A 1 111 ? 9.344   0.254   5.124   1.00 16.55 ? 111 CYS A C   1 
ATOM   758  O O   . CYS A 1 111 ? 9.890   0.281   6.231   1.00 16.58 ? 111 CYS A O   1 
ATOM   759  C CB  . CYS A 1 111 ? 8.743   -2.221  4.929   1.00 15.74 ? 111 CYS A CB  1 
ATOM   760  S SG  . CYS A 1 111 ? 7.099   -1.918  5.634   1.00 15.91 ? 111 CYS A SG  1 
ATOM   761  N N   . ARG A 1 112 ? 8.704   1.305   4.618   1.00 17.35 ? 112 ARG A N   1 
ATOM   762  C CA  . ARG A 1 112 ? 8.617   2.587   5.348   1.00 18.72 ? 112 ARG A CA  1 
ATOM   763  C C   . ARG A 1 112 ? 7.455   2.595   6.342   1.00 18.41 ? 112 ARG A C   1 
ATOM   764  O O   . ARG A 1 112 ? 6.554   1.765   6.226   1.00 18.90 ? 112 ARG A O   1 
ATOM   765  C CB  . ARG A 1 112 ? 8.451   3.729   4.352   1.00 19.11 ? 112 ARG A CB  1 
ATOM   766  C CG  . ARG A 1 112 ? 9.576   3.846   3.369   1.00 22.31 ? 112 ARG A CG  1 
ATOM   767  C CD  . ARG A 1 112 ? 9.517   5.186   2.642   1.00 30.37 ? 112 ARG A CD  1 
ATOM   768  N NE  . ARG A 1 112 ? 8.399   5.326   1.710   1.00 35.01 ? 112 ARG A NE  1 
ATOM   769  C CZ  . ARG A 1 112 ? 7.476   6.294   1.760   1.00 36.76 ? 112 ARG A CZ  1 
ATOM   770  N NH1 . ARG A 1 112 ? 7.491   7.217   2.719   1.00 38.25 ? 112 ARG A NH1 1 
ATOM   771  N NH2 . ARG A 1 112 ? 6.528   6.345   0.832   1.00 36.51 ? 112 ARG A NH2 1 
ATOM   772  N N   . PRO A 1 113 ? 7.466   3.531   7.328   1.00 19.16 ? 113 PRO A N   1 
ATOM   773  C CA  . PRO A 1 113 ? 6.418   3.571   8.350   1.00 19.72 ? 113 PRO A CA  1 
ATOM   774  C C   . PRO A 1 113 ? 5.001   3.793   7.816   1.00 19.51 ? 113 PRO A C   1 
ATOM   775  O O   . PRO A 1 113 ? 4.028   3.450   8.494   1.00 19.59 ? 113 PRO A O   1 
ATOM   776  C CB  . PRO A 1 113 ? 6.847   4.750   9.253   1.00 19.84 ? 113 PRO A CB  1 
ATOM   777  C CG  . PRO A 1 113 ? 8.304   4.877   9.034   1.00 20.16 ? 113 PRO A CG  1 
ATOM   778  C CD  . PRO A 1 113 ? 8.476   4.572   7.570   1.00 19.87 ? 113 PRO A CD  1 
ATOM   779  N N   . ASN A 1 114 ? 4.880   4.335   6.602   1.00 19.62 ? 114 ASN A N   1 
ATOM   780  C CA  . ASN A 1 114 ? 3.560   4.552   6.019   1.00 19.54 ? 114 ASN A CA  1 
ATOM   781  C C   . ASN A 1 114 ? 3.026   3.327   5.262   1.00 18.99 ? 114 ASN A C   1 
ATOM   782  O O   . ASN A 1 114 ? 1.941   3.385   4.673   1.00 19.07 ? 114 ASN A O   1 
ATOM   783  C CB  . ASN A 1 114 ? 3.568   5.787   5.095   1.00 19.73 ? 114 ASN A CB  1 
ATOM   784  C CG  . ASN A 1 114 ? 4.399   5.580   3.831   1.00 20.63 ? 114 ASN A CG  1 
ATOM   785  O OD1 . ASN A 1 114 ? 5.162   4.620   3.712   1.00 19.84 ? 114 ASN A OD1 1 
ATOM   786  N ND2 . ASN A 1 114 ? 4.245   6.496   2.868   1.00 21.77 ? 114 ASN A ND2 1 
ATOM   787  N N   . GLY A 1 115 ? 3.774   2.226   5.285   1.00 17.95 ? 115 GLY A N   1 
ATOM   788  C CA  . GLY A 1 115 ? 3.307   0.998   4.658   1.00 18.08 ? 115 GLY A CA  1 
ATOM   789  C C   . GLY A 1 115 ? 3.706   0.879   3.195   1.00 18.39 ? 115 GLY A C   1 
ATOM   790  O O   . GLY A 1 115 ? 3.300   -0.066  2.518   1.00 18.49 ? 115 GLY A O   1 
ATOM   791  N N   . MET A 1 116 ? 4.496   1.833   2.705   1.00 18.41 ? 116 MET A N   1 
ATOM   792  C CA  . MET A 1 116 ? 5.008   1.763   1.336   1.00 20.09 ? 116 MET A CA  1 
ATOM   793  C C   . MET A 1 116 ? 6.461   1.334   1.311   1.00 18.38 ? 116 MET A C   1 
ATOM   794  O O   . MET A 1 116 ? 7.247   1.684   2.200   1.00 16.86 ? 116 MET A O   1 
ATOM   795  C CB  . MET A 1 116 ? 4.875   3.105   0.616   1.00 19.53 ? 116 MET A CB  1 
ATOM   796  C CG  . MET A 1 116 ? 3.450   3.644   0.617   1.00 22.70 ? 116 MET A CG  1 
ATOM   797  S SD  . MET A 1 116 ? 3.245   4.957   -0.579  1.00 29.21 ? 116 MET A SD  1 
ATOM   798  C CE  . MET A 1 116 ? 3.486   6.393   0.396   1.00 30.92 ? 116 MET A CE  1 
ATOM   799  N N   . TRP A 1 117 ? 6.819   0.633   0.245   1.00 16.91 ? 117 TRP A N   1 
ATOM   800  C CA  . TRP A 1 117 ? 8.200   0.274   -0.022  1.00 16.86 ? 117 TRP A CA  1 
ATOM   801  C C   . TRP A 1 117 ? 8.948   1.471   -0.606  1.00 17.35 ? 117 TRP A C   1 
ATOM   802  O O   . TRP A 1 117 ? 8.372   2.237   -1.397  1.00 17.59 ? 117 TRP A O   1 
ATOM   803  C CB  . TRP A 1 117 ? 8.226   -0.870  -1.030  1.00 16.49 ? 117 TRP A CB  1 
ATOM   804  C CG  . TRP A 1 117 ? 7.709   -2.135  -0.452  1.00 16.64 ? 117 TRP A CG  1 
ATOM   805  C CD1 . TRP A 1 117 ? 6.471   -2.680  -0.644  1.00 16.46 ? 117 TRP A CD1 1 
ATOM   806  C CD2 . TRP A 1 117 ? 8.398   -2.997  0.453   1.00 15.31 ? 117 TRP A CD2 1 
ATOM   807  N NE1 . TRP A 1 117 ? 6.355   -3.853  0.073   1.00 16.19 ? 117 TRP A NE1 1 
ATOM   808  C CE2 . TRP A 1 117 ? 7.524   -4.067  0.756   1.00 17.15 ? 117 TRP A CE2 1 
ATOM   809  C CE3 . TRP A 1 117 ? 9.685   -2.983  1.020   1.00 17.45 ? 117 TRP A CE3 1 
ATOM   810  C CZ2 . TRP A 1 117 ? 7.885   -5.118  1.613   1.00 16.88 ? 117 TRP A CZ2 1 
ATOM   811  C CZ3 . TRP A 1 117 ? 10.050  -4.029  1.883   1.00 17.64 ? 117 TRP A CZ3 1 
ATOM   812  C CH2 . TRP A 1 117 ? 9.151   -5.085  2.163   1.00 16.34 ? 117 TRP A CH2 1 
ATOM   813  N N   . ASP A 1 118 ? 10.211  1.650   -0.212  1.00 17.29 ? 118 ASP A N   1 
ATOM   814  C CA  . ASP A 1 118 ? 11.027  2.671   -0.874  1.00 18.08 ? 118 ASP A CA  1 
ATOM   815  C C   . ASP A 1 118 ? 11.535  2.155   -2.223  1.00 17.99 ? 118 ASP A C   1 
ATOM   816  O O   . ASP A 1 118 ? 11.207  1.045   -2.618  1.00 16.68 ? 118 ASP A O   1 
ATOM   817  C CB  . ASP A 1 118 ? 12.150  3.205   0.030   1.00 18.46 ? 118 ASP A CB  1 
ATOM   818  C CG  . ASP A 1 118 ? 13.250  2.195   0.281   1.00 19.01 ? 118 ASP A CG  1 
ATOM   819  O OD1 . ASP A 1 118 ? 13.228  1.069   -0.285  1.00 18.21 ? 118 ASP A OD1 1 
ATOM   820  O OD2 . ASP A 1 118 ? 14.152  2.553   1.059   1.00 21.58 ? 118 ASP A OD2 1 
ATOM   821  N N   . GLY A 1 119 ? 12.293  2.979   -2.943  1.00 17.61 ? 119 GLY A N   1 
ATOM   822  C CA  . GLY A 1 119 ? 12.798  2.603   -4.256  1.00 18.55 ? 119 GLY A CA  1 
ATOM   823  C C   . GLY A 1 119 ? 11.666  2.331   -5.237  1.00 19.07 ? 119 GLY A C   1 
ATOM   824  O O   . GLY A 1 119 ? 10.570  2.909   -5.130  1.00 18.63 ? 119 GLY A O   1 
ATOM   825  N N   . GLU A 1 120 ? 11.934  1.459   -6.199  1.00 19.32 ? 120 GLU A N   1 
ATOM   826  C CA  . GLU A 1 120 ? 10.959  1.155   -7.226  1.00 20.21 ? 120 GLU A CA  1 
ATOM   827  C C   . GLU A 1 120 ? 10.861  -0.335  -7.484  1.00 19.09 ? 120 GLU A C   1 
ATOM   828  O O   . GLU A 1 120 ? 11.783  -1.125  -7.165  1.00 17.99 ? 120 GLU A O   1 
ATOM   829  C CB  . GLU A 1 120 ? 11.272  1.897   -8.516  1.00 21.56 ? 120 GLU A CB  1 
ATOM   830  C CG  . GLU A 1 120 ? 12.556  1.491   -9.138  1.00 24.93 ? 120 GLU A CG  1 
ATOM   831  C CD  . GLU A 1 120 ? 13.073  2.500   -10.158 1.00 32.74 ? 120 GLU A CD  1 
ATOM   832  O OE1 . GLU A 1 120 ? 12.340  3.454   -10.508 1.00 35.91 ? 120 GLU A OE1 1 
ATOM   833  O OE2 . GLU A 1 120 ? 14.226  2.326   -10.605 1.00 34.29 ? 120 GLU A OE2 1 
ATOM   834  N N   . THR A 1 121 ? 9.733   -0.692  -8.076  1.00 17.93 ? 121 THR A N   1 
ATOM   835  C CA  . THR A 1 121 ? 9.352   -2.073  -8.346  1.00 17.47 ? 121 THR A CA  1 
ATOM   836  C C   . THR A 1 121 ? 10.475  -2.860  -9.036  1.00 17.47 ? 121 THR A C   1 
ATOM   837  O O   . THR A 1 121 ? 10.942  -2.474  -10.106 1.00 16.85 ? 121 THR A O   1 
ATOM   838  C CB  . THR A 1 121 ? 8.049   -2.110  -9.207  1.00 16.87 ? 121 THR A CB  1 
ATOM   839  O OG1 . THR A 1 121 ? 6.976   -1.504  -8.468  1.00 16.83 ? 121 THR A OG1 1 
ATOM   840  C CG2 . THR A 1 121 ? 7.635   -3.554  -9.576  1.00 17.35 ? 121 THR A CG2 1 
ATOM   841  N N   . ALA A 1 122 ? 10.901  -3.951  -8.403  1.00 17.63 ? 122 ALA A N   1 
ATOM   842  C CA  . ALA A 1 122 ? 11.881  -4.889  -9.002  1.00 17.45 ? 122 ALA A CA  1 
ATOM   843  C C   . ALA A 1 122 ? 11.213  -5.765  -10.064 1.00 17.99 ? 122 ALA A C   1 
ATOM   844  O O   . ALA A 1 122 ? 10.104  -6.270  -9.854  1.00 17.23 ? 122 ALA A O   1 
ATOM   845  C CB  . ALA A 1 122 ? 12.524  -5.757  -7.906  1.00 17.21 ? 122 ALA A CB  1 
ATOM   846  N N   . VAL A 1 123 ? 11.887  -5.950  -11.199 1.00 17.57 ? 123 VAL A N   1 
ATOM   847  C CA  . VAL A 1 123 ? 11.357  -6.718  -12.320 1.00 18.73 ? 123 VAL A CA  1 
ATOM   848  C C   . VAL A 1 123 ? 12.507  -7.504  -12.956 1.00 18.58 ? 123 VAL A C   1 
ATOM   849  O O   . VAL A 1 123 ? 13.568  -6.937  -13.207 1.00 19.06 ? 123 VAL A O   1 
ATOM   850  C CB  . VAL A 1 123 ? 10.786  -5.796  -13.443 1.00 19.57 ? 123 VAL A CB  1 
ATOM   851  C CG1 . VAL A 1 123 ? 9.926   -6.623  -14.399 1.00 20.05 ? 123 VAL A CG1 1 
ATOM   852  C CG2 . VAL A 1 123 ? 9.985   -4.608  -12.841 1.00 21.38 ? 123 VAL A CG2 1 
ATOM   853  N N   . CYS A 1 124 ? 12.279  -8.785  -13.215 1.00 18.54 ? 124 CYS A N   1 
ATOM   854  C CA  . CYS A 1 124 ? 13.248  -9.628  -13.944 1.00 20.48 ? 124 CYS A CA  1 
ATOM   855  C C   . CYS A 1 124 ? 12.851  -9.647  -15.420 1.00 20.09 ? 124 CYS A C   1 
ATOM   856  O O   . CYS A 1 124 ? 11.826  -10.218 -15.789 1.00 20.86 ? 124 CYS A O   1 
ATOM   857  C CB  . CYS A 1 124 ? 13.255  -11.043 -13.343 1.00 20.75 ? 124 CYS A CB  1 
ATOM   858  S SG  . CYS A 1 124 ? 13.911  -11.002 -11.655 1.00 23.46 ? 124 CYS A SG  1 
ATOM   859  N N   . ASP A 1 125 ? 13.655  -8.998  -16.256 1.00 21.05 ? 125 ASP A N   1 
ATOM   860  C CA  . ASP A 1 125 ? 13.261  -8.712  -17.638 1.00 21.44 ? 125 ASP A CA  1 
ATOM   861  C C   . ASP A 1 125 ? 14.269  -9.405  -18.554 1.00 22.57 ? 125 ASP A C   1 
ATOM   862  O O   . ASP A 1 125 ? 15.482  -9.225  -18.381 1.00 22.13 ? 125 ASP A O   1 
ATOM   863  C CB  . ASP A 1 125 ? 13.273  -7.180  -17.856 1.00 22.02 ? 125 ASP A CB  1 
ATOM   864  C CG  . ASP A 1 125 ? 12.545  -6.734  -19.130 1.00 21.25 ? 125 ASP A CG  1 
ATOM   865  O OD1 . ASP A 1 125 ? 12.337  -7.546  -20.060 1.00 23.56 ? 125 ASP A OD1 1 
ATOM   866  O OD2 . ASP A 1 125 ? 12.166  -5.547  -19.182 1.00 19.20 ? 125 ASP A OD2 1 
ATOM   867  N N   . ASN A 1 126 ? 13.758  -10.221 -19.482 1.00 23.35 ? 126 ASN A N   1 
ATOM   868  C CA  . ASN A 1 126 ? 14.591  -10.876 -20.514 1.00 24.38 ? 126 ASN A CA  1 
ATOM   869  C C   . ASN A 1 126 ? 14.899  -9.987  -21.727 1.00 25.01 ? 126 ASN A C   1 
ATOM   870  O O   . ASN A 1 126 ? 15.599  -10.414 -22.658 1.00 24.99 ? 126 ASN A O   1 
ATOM   871  C CB  . ASN A 1 126 ? 13.976  -12.213 -20.956 1.00 24.47 ? 126 ASN A CB  1 
ATOM   872  C CG  . ASN A 1 126 ? 12.606  -12.063 -21.644 1.00 25.56 ? 126 ASN A CG  1 
ATOM   873  O OD1 . ASN A 1 126 ? 11.914  -13.060 -21.865 1.00 29.88 ? 126 ASN A OD1 1 
ATOM   874  N ND2 . ASN A 1 126 ? 12.220  -10.844 -21.985 1.00 23.86 ? 126 ASN A ND2 1 
ATOM   875  N N   . GLY A 1 127 ? 14.354  -8.772  -21.715 1.00 24.81 ? 127 GLY A N   1 
ATOM   876  C CA  . GLY A 1 127 ? 14.585  -7.766  -22.766 1.00 25.77 ? 127 GLY A CA  1 
ATOM   877  C C   . GLY A 1 127 ? 13.950  -8.053  -24.117 1.00 25.62 ? 127 GLY A C   1 
ATOM   878  O O   . GLY A 1 127 ? 14.305  -7.412  -25.117 1.00 26.53 ? 127 GLY A O   1 
ATOM   879  N N   . ALA A 1 128 ? 13.002  -8.991  -24.155 1.00 25.41 ? 128 ALA A N   1 
ATOM   880  C CA  . ALA A 1 128 ? 12.391  -9.462  -25.414 1.00 26.11 ? 128 ALA A CA  1 
ATOM   881  C C   . ALA A 1 128 ? 11.212  -8.627  -25.964 1.00 25.86 ? 128 ALA A C   1 
ATOM   882  O O   . ALA A 1 128 ? 10.891  -8.719  -27.139 1.00 26.52 ? 128 ALA A O   1 
ATOM   883  C CB  . ALA A 1 128 ? 11.987  -10.921 -25.292 1.00 25.73 ? 128 ALA A CB  1 
ATOM   884  N N   . GLY A 1 129 ? 10.565  -7.833  -25.120 1.00 25.92 ? 129 GLY A N   1 
ATOM   885  C CA  . GLY A 1 129 ? 9.389   -7.081  -25.556 1.00 24.97 ? 129 GLY A CA  1 
ATOM   886  C C   . GLY A 1 129 ? 9.705   -5.784  -26.289 1.00 24.68 ? 129 GLY A C   1 
ATOM   887  O O   . GLY A 1 129 ? 10.758  -5.161  -26.084 1.00 23.81 ? 129 GLY A O   1 
ATOM   888  N N   . HIS A 1 130 ? 8.768   -5.365  -27.137 1.00 24.84 ? 130 HIS A N   1 
ATOM   889  C CA  . HIS A 1 130 ? 8.770   -3.993  -27.638 1.00 24.90 ? 130 HIS A CA  1 
ATOM   890  C C   . HIS A 1 130 ? 8.765   -2.990  -26.467 1.00 24.43 ? 130 HIS A C   1 
ATOM   891  O O   . HIS A 1 130 ? 9.511   -1.989  -26.464 1.00 23.63 ? 130 HIS A O   1 
ATOM   892  C CB  . HIS A 1 130 ? 7.577   -3.757  -28.565 1.00 25.31 ? 130 HIS A CB  1 
ATOM   893  C CG  . HIS A 1 130 ? 7.608   -2.419  -29.222 1.00 28.77 ? 130 HIS A CG  1 
ATOM   894  N ND1 . HIS A 1 130 ? 6.702   -1.420  -28.929 1.00 30.37 ? 130 HIS A ND1 1 
ATOM   895  C CD2 . HIS A 1 130 ? 8.464   -1.895  -30.132 1.00 30.94 ? 130 HIS A CD2 1 
ATOM   896  C CE1 . HIS A 1 130 ? 6.990   -0.347  -29.643 1.00 29.67 ? 130 HIS A CE1 1 
ATOM   897  N NE2 . HIS A 1 130 ? 8.052   -0.608  -30.379 1.00 31.86 ? 130 HIS A NE2 1 
ATOM   898  N N   . CYS A 1 131 ? 7.933   -3.290  -25.465 1.00 23.57 ? 131 CYS A N   1 
ATOM   899  C CA  . CYS A 1 131 ? 7.953   -2.606  -24.174 1.00 23.14 ? 131 CYS A CA  1 
ATOM   900  C C   . CYS A 1 131 ? 8.711   -3.458  -23.139 1.00 22.58 ? 131 CYS A C   1 
ATOM   901  O O   . CYS A 1 131 ? 8.715   -4.694  -23.234 1.00 22.63 ? 131 CYS A O   1 
ATOM   902  C CB  . CYS A 1 131 ? 6.526   -2.357  -23.690 1.00 22.96 ? 131 CYS A CB  1 
ATOM   903  S SG  . CYS A 1 131 ? 5.624   -1.133  -24.621 1.00 26.35 ? 131 CYS A SG  1 
ATOM   904  N N   . PRO A 1 132 ? 9.337   -2.797  -22.151 1.00 22.36 ? 132 PRO A N   1 
ATOM   905  C CA  . PRO A 1 132 ? 9.963   -3.526  -21.041 1.00 21.75 ? 132 PRO A CA  1 
ATOM   906  C C   . PRO A 1 132 ? 8.901   -4.360  -20.337 1.00 20.98 ? 132 PRO A C   1 
ATOM   907  O O   . PRO A 1 132 ? 7.711   -4.109  -20.482 1.00 20.80 ? 132 PRO A O   1 
ATOM   908  C CB  . PRO A 1 132 ? 10.400  -2.413  -20.081 1.00 21.82 ? 132 PRO A CB  1 
ATOM   909  C CG  . PRO A 1 132 ? 10.456  -1.192  -20.878 1.00 22.95 ? 132 PRO A CG  1 
ATOM   910  C CD  . PRO A 1 132 ? 9.450   -1.339  -21.982 1.00 22.38 ? 132 PRO A CD  1 
ATOM   911  N N   . ASN A 1 133 ? 9.325   -5.362  -19.591 1.00 19.65 ? 133 ASN A N   1 
ATOM   912  C CA  . ASN A 1 133 ? 8.413   -6.031  -18.679 1.00 19.32 ? 133 ASN A CA  1 
ATOM   913  C C   . ASN A 1 133 ? 7.900   -4.956  -17.702 1.00 18.61 ? 133 ASN A C   1 
ATOM   914  O O   . ASN A 1 133 ? 8.710   -4.288  -17.043 1.00 18.61 ? 133 ASN A O   1 
ATOM   915  C CB  . ASN A 1 133 ? 9.178   -7.152  -17.956 1.00 19.00 ? 133 ASN A CB  1 
ATOM   916  C CG  . ASN A 1 133 ? 8.286   -8.032  -17.102 1.00 20.35 ? 133 ASN A CG  1 
ATOM   917  O OD1 . ASN A 1 133 ? 7.288   -7.580  -16.545 1.00 20.21 ? 133 ASN A OD1 1 
ATOM   918  N ND2 . ASN A 1 133 ? 8.645   -9.308  -17.005 1.00 21.22 ? 133 ASN A ND2 1 
ATOM   919  N N   . PRO A 1 134 ? 6.554   -4.743  -17.642 1.00 18.75 ? 134 PRO A N   1 
ATOM   920  C CA  . PRO A 1 134 ? 6.030   -3.668  -16.793 1.00 18.70 ? 134 PRO A CA  1 
ATOM   921  C C   . PRO A 1 134 ? 6.114   -4.022  -15.308 1.00 18.37 ? 134 PRO A C   1 
ATOM   922  O O   . PRO A 1 134 ? 5.948   -3.148  -14.450 1.00 18.55 ? 134 PRO A O   1 
ATOM   923  C CB  . PRO A 1 134 ? 4.550   -3.532  -17.252 1.00 18.85 ? 134 PRO A CB  1 
ATOM   924  C CG  . PRO A 1 134 ? 4.181   -4.857  -17.748 1.00 18.56 ? 134 PRO A CG  1 
ATOM   925  C CD  . PRO A 1 134 ? 5.471   -5.472  -18.328 1.00 18.63 ? 134 PRO A CD  1 
ATOM   926  N N   . GLY A 1 135 ? 6.401   -5.289  -15.022 1.00 18.23 ? 135 GLY A N   1 
ATOM   927  C CA  . GLY A 1 135 ? 6.541   -5.768  -13.644 1.00 17.58 ? 135 GLY A CA  1 
ATOM   928  C C   . GLY A 1 135 ? 5.212   -5.903  -12.908 1.00 17.29 ? 135 GLY A C   1 
ATOM   929  O O   . GLY A 1 135 ? 4.136   -5.697  -13.475 1.00 17.29 ? 135 GLY A O   1 
ATOM   930  N N   . ILE A 1 136 ? 5.298   -6.266  -11.634 1.00 16.43 ? 136 ILE A N   1 
ATOM   931  C CA  . ILE A 1 136 ? 4.112   -6.431  -10.811 1.00 16.40 ? 136 ILE A CA  1 
ATOM   932  C C   . ILE A 1 136 ? 4.427   -5.802  -9.461  1.00 16.12 ? 136 ILE A C   1 
ATOM   933  O O   . ILE A 1 136 ? 5.229   -6.358  -8.697  1.00 15.30 ? 136 ILE A O   1 
ATOM   934  C CB  . ILE A 1 136 ? 3.741   -7.928  -10.638 1.00 16.25 ? 136 ILE A CB  1 
ATOM   935  C CG1 . ILE A 1 136 ? 3.536   -8.624  -12.001 1.00 17.33 ? 136 ILE A CG1 1 
ATOM   936  C CG2 . ILE A 1 136 ? 2.506   -8.081  -9.714  1.00 15.80 ? 136 ILE A CG2 1 
ATOM   937  C CD1 . ILE A 1 136 ? 3.239   -10.146 -11.877 1.00 18.15 ? 136 ILE A CD1 1 
ATOM   938  N N   . SER A 1 137 ? 3.816   -4.653  -9.168  1.00 15.02 ? 137 SER A N   1 
ATOM   939  C CA  . SER A 1 137 ? 4.123   -3.948  -7.926  1.00 15.53 ? 137 SER A CA  1 
ATOM   940  C C   . SER A 1 137 ? 3.637   -4.792  -6.736  1.00 15.34 ? 137 SER A C   1 
ATOM   941  O O   . SER A 1 137 ? 2.723   -5.629  -6.859  1.00 14.52 ? 137 SER A O   1 
ATOM   942  C CB  . SER A 1 137 ? 3.537   -2.526  -7.908  1.00 15.88 ? 137 SER A CB  1 
ATOM   943  O OG  . SER A 1 137 ? 2.136   -2.593  -7.959  1.00 17.45 ? 137 SER A OG  1 
ATOM   944  N N   . LEU A 1 138 ? 4.290   -4.610  -5.595  1.00 15.87 ? 138 LEU A N   1 
ATOM   945  C CA  . LEU A 1 138 ? 4.075   -5.506  -4.457  1.00 16.30 ? 138 LEU A CA  1 
ATOM   946  C C   . LEU A 1 138 ? 2.632   -5.396  -3.947  1.00 15.80 ? 138 LEU A C   1 
ATOM   947  O O   . LEU A 1 138 ? 2.173   -4.308  -3.568  1.00 15.27 ? 138 LEU A O   1 
ATOM   948  C CB  . LEU A 1 138 ? 5.141   -5.253  -3.369  1.00 16.01 ? 138 LEU A CB  1 
ATOM   949  C CG  . LEU A 1 138 ? 6.606   -5.367  -3.870  1.00 18.32 ? 138 LEU A CG  1 
ATOM   950  C CD1 . LEU A 1 138 ? 7.618   -5.284  -2.728  1.00 18.85 ? 138 LEU A CD1 1 
ATOM   951  C CD2 . LEU A 1 138 ? 6.823   -6.644  -4.661  1.00 17.68 ? 138 LEU A CD2 1 
ATOM   952  N N   . GLY A 1 139 ? 1.937   -6.531  -3.984  1.00 15.58 ? 139 GLY A N   1 
ATOM   953  C CA  . GLY A 1 139 ? 0.549   -6.682  -3.520  1.00 16.49 ? 139 GLY A CA  1 
ATOM   954  C C   . GLY A 1 139 ? -0.412  -6.766  -4.694  1.00 16.09 ? 139 GLY A C   1 
ATOM   955  O O   . GLY A 1 139 ? -1.559  -7.164  -4.528  1.00 16.26 ? 139 GLY A O   1 
ATOM   956  N N   . ALA A 1 140 ? 0.071   -6.408  -5.890  1.00 15.06 ? 140 ALA A N   1 
ATOM   957  C CA  . ALA A 1 140 ? -0.746  -6.483  -7.109  1.00 15.25 ? 140 ALA A CA  1 
ATOM   958  C C   . ALA A 1 140 ? -0.752  -7.875  -7.742  1.00 15.75 ? 140 ALA A C   1 
ATOM   959  O O   . ALA A 1 140 ? 0.179   -8.680  -7.562  1.00 15.44 ? 140 ALA A O   1 
ATOM   960  C CB  . ALA A 1 140 ? -0.286  -5.436  -8.163  1.00 14.15 ? 140 ALA A CB  1 
ATOM   961  N N   . VAL A 1 141 ? -1.811  -8.117  -8.502  1.00 15.66 ? 141 VAL A N   1 
ATOM   962  C CA  . VAL A 1 141 ? -1.937  -9.302  -9.350  1.00 16.73 ? 141 VAL A CA  1 
ATOM   963  C C   . VAL A 1 141 ? -2.141  -8.797  -10.799 1.00 16.80 ? 141 VAL A C   1 
ATOM   964  O O   . VAL A 1 141 ? -2.987  -7.942  -11.060 1.00 16.93 ? 141 VAL A O   1 
ATOM   965  C CB  . VAL A 1 141 ? -3.120  -10.213 -8.904  1.00 16.96 ? 141 VAL A CB  1 
ATOM   966  C CG1 . VAL A 1 141 ? -3.326  -11.355 -9.906  1.00 17.74 ? 141 VAL A CG1 1 
ATOM   967  C CG2 . VAL A 1 141 ? -2.916  -10.748 -7.466  1.00 17.07 ? 141 VAL A CG2 1 
ATOM   968  N N   . ARG A 1 142 ? -1.329  -9.309  -11.713 1.00 17.26 ? 142 ARG A N   1 
ATOM   969  C CA  . ARG A 1 142 ? -1.367  -8.893  -13.119 1.00 17.78 ? 142 ARG A CA  1 
ATOM   970  C C   . ARG A 1 142 ? -1.901  -9.989  -14.034 1.00 18.86 ? 142 ARG A C   1 
ATOM   971  O O   . ARG A 1 142 ? -1.711  -11.191 -13.791 1.00 19.07 ? 142 ARG A O   1 
ATOM   972  C CB  . ARG A 1 142 ? 0.045   -8.475  -13.563 1.00 17.97 ? 142 ARG A CB  1 
ATOM   973  C CG  . ARG A 1 142 ? 0.158   -7.746  -14.933 1.00 16.34 ? 142 ARG A CG  1 
ATOM   974  C CD  . ARG A 1 142 ? 1.626   -7.481  -15.248 1.00 18.25 ? 142 ARG A CD  1 
ATOM   975  N NE  . ARG A 1 142 ? 2.329   -8.714  -15.652 1.00 20.77 ? 142 ARG A NE  1 
ATOM   976  C CZ  . ARG A 1 142 ? 3.649   -8.846  -15.762 1.00 20.86 ? 142 ARG A CZ  1 
ATOM   977  N NH1 . ARG A 1 142 ? 4.463   -7.830  -15.530 1.00 20.81 ? 142 ARG A NH1 1 
ATOM   978  N NH2 . ARG A 1 142 ? 4.160   -10.006 -16.152 1.00 23.72 ? 142 ARG A NH2 1 
ATOM   979  N N   . THR A 1 143 ? -2.525  -9.531  -15.119 1.00 20.46 ? 143 THR A N   1 
ATOM   980  C CA  . THR A 1 143 ? -3.009  -10.351 -16.208 1.00 21.62 ? 143 THR A CA  1 
ATOM   981  C C   . THR A 1 143 ? -2.335  -9.864  -17.478 1.00 21.18 ? 143 THR A C   1 
ATOM   982  O O   . THR A 1 143 ? -2.256  -8.669  -17.706 1.00 21.16 ? 143 THR A O   1 
ATOM   983  C CB  . THR A 1 143 ? -4.530  -10.145 -16.400 1.00 22.69 ? 143 THR A CB  1 
ATOM   984  O OG1 . THR A 1 143 ? -5.180  -10.266 -15.137 1.00 24.74 ? 143 THR A OG1 1 
ATOM   985  C CG2 . THR A 1 143 ? -5.092  -11.184 -17.337 1.00 23.96 ? 143 THR A CG2 1 
ATOM   986  N N   . GLY A 1 144 ? -1.880  -10.790 -18.315 1.00 21.57 ? 144 GLY A N   1 
ATOM   987  C CA  . GLY A 1 144 ? -1.197  -10.424 -19.547 1.00 22.30 ? 144 GLY A CA  1 
ATOM   988  C C   . GLY A 1 144 ? 0.276   -10.776 -19.509 1.00 22.75 ? 144 GLY A C   1 
ATOM   989  O O   . GLY A 1 144 ? 0.954   -10.570 -18.496 1.00 22.08 ? 144 GLY A O   1 
ATOM   990  N N   . PHE A 1 145 ? 0.775   -11.292 -20.637 1.00 23.46 ? 145 PHE A N   1 
ATOM   991  C CA  . PHE A 1 145 ? 2.111   -11.890 -20.727 1.00 24.17 ? 145 PHE A CA  1 
ATOM   992  C C   . PHE A 1 145 ? 2.865   -11.481 -21.998 1.00 24.46 ? 145 PHE A C   1 
ATOM   993  O O   . PHE A 1 145 ? 3.981   -11.940 -22.232 1.00 24.73 ? 145 PHE A O   1 
ATOM   994  C CB  . PHE A 1 145 ? 1.980   -13.415 -20.720 1.00 24.86 ? 145 PHE A CB  1 
ATOM   995  C CG  . PHE A 1 145 ? 1.187   -13.974 -21.898 1.00 26.19 ? 145 PHE A CG  1 
ATOM   996  C CD1 . PHE A 1 145 ? 1.824   -14.759 -22.869 1.00 28.92 ? 145 PHE A CD1 1 
ATOM   997  C CD2 . PHE A 1 145 ? -0.191  -13.728 -22.030 1.00 24.45 ? 145 PHE A CD2 1 
ATOM   998  C CE1 . PHE A 1 145 ? 1.119   -15.283 -23.938 1.00 27.55 ? 145 PHE A CE1 1 
ATOM   999  C CE2 . PHE A 1 145 ? -0.904  -14.238 -23.092 1.00 27.65 ? 145 PHE A CE2 1 
ATOM   1000 C CZ  . PHE A 1 145 ? -0.251  -15.025 -24.062 1.00 27.93 ? 145 PHE A CZ  1 
ATOM   1001 N N   . ARG A 1 146 ? 2.231   -10.667 -22.829 1.00 24.71 ? 146 ARG A N   1 
ATOM   1002 C CA  . ARG A 1 146 ? 2.838   -10.213 -24.079 1.00 25.80 ? 146 ARG A CA  1 
ATOM   1003 C C   . ARG A 1 146 ? 3.113   -8.717  -24.011 1.00 24.78 ? 146 ARG A C   1 
ATOM   1004 O O   . ARG A 1 146 ? 2.237   -7.931  -23.614 1.00 24.32 ? 146 ARG A O   1 
ATOM   1005 C CB  . ARG A 1 146 ? 1.928   -10.533 -25.266 1.00 25.51 ? 146 ARG A CB  1 
ATOM   1006 C CG  . ARG A 1 146 ? 1.774   -12.019 -25.582 1.00 27.73 ? 146 ARG A CG  1 
ATOM   1007 C CD  . ARG A 1 146 ? 0.894   -12.218 -26.830 1.00 29.55 ? 146 ARG A CD  1 
ATOM   1008 N NE  . ARG A 1 146 ? 0.491   -13.617 -27.027 1.00 36.72 ? 146 ARG A NE  1 
ATOM   1009 C CZ  . ARG A 1 146 ? 1.082   -14.468 -27.866 1.00 39.88 ? 146 ARG A CZ  1 
ATOM   1010 N NH1 . ARG A 1 146 ? 2.112   -14.081 -28.609 1.00 41.64 ? 146 ARG A NH1 1 
ATOM   1011 N NH2 . ARG A 1 146 ? 0.642   -15.720 -27.963 1.00 41.12 ? 146 ARG A NH2 1 
ATOM   1012 N N   . PHE A 1 147 ? 4.336   -8.322  -24.382 1.00 23.90 ? 147 PHE A N   1 
ATOM   1013 C CA  . PHE A 1 147 ? 4.773   -6.925  -24.235 1.00 23.39 ? 147 PHE A CA  1 
ATOM   1014 C C   . PHE A 1 147 ? 5.147   -6.280  -25.577 1.00 23.40 ? 147 PHE A C   1 
ATOM   1015 O O   . PHE A 1 147 ? 6.144   -5.556  -25.680 1.00 23.06 ? 147 PHE A O   1 
ATOM   1016 C CB  . PHE A 1 147 ? 5.949   -6.816  -23.254 1.00 23.18 ? 147 PHE A CB  1 
ATOM   1017 C CG  . PHE A 1 147 ? 5.765   -7.605  -21.970 1.00 23.63 ? 147 PHE A CG  1 
ATOM   1018 C CD1 . PHE A 1 147 ? 4.541   -7.614  -21.298 1.00 22.42 ? 147 PHE A CD1 1 
ATOM   1019 C CD2 . PHE A 1 147 ? 6.843   -8.309  -21.416 1.00 23.41 ? 147 PHE A CD2 1 
ATOM   1020 C CE1 . PHE A 1 147 ? 4.384   -8.337  -20.088 1.00 21.32 ? 147 PHE A CE1 1 
ATOM   1021 C CE2 . PHE A 1 147 ? 6.694   -9.038  -20.222 1.00 23.61 ? 147 PHE A CE2 1 
ATOM   1022 C CZ  . PHE A 1 147 ? 5.460   -9.052  -19.563 1.00 22.61 ? 147 PHE A CZ  1 
ATOM   1023 N N   . GLY A 1 148 ? 4.333   -6.547  -26.587 1.00 24.32 ? 148 GLY A N   1 
ATOM   1024 C CA  . GLY A 1 148 ? 4.512   -5.931  -27.903 1.00 24.46 ? 148 GLY A CA  1 
ATOM   1025 C C   . GLY A 1 148 ? 3.580   -4.758  -28.113 1.00 24.95 ? 148 GLY A C   1 
ATOM   1026 O O   . GLY A 1 148 ? 2.631   -4.558  -27.347 1.00 23.62 ? 148 GLY A O   1 
ATOM   1027 N N   . HIS A 1 149 ? 3.855   -3.981  -29.166 1.00 25.50 ? 149 HIS A N   1 
ATOM   1028 C CA  . HIS A 1 149 ? 3.031   -2.824  -29.532 1.00 26.39 ? 149 HIS A CA  1 
ATOM   1029 C C   . HIS A 1 149 ? 1.554   -3.199  -29.600 1.00 26.27 ? 149 HIS A C   1 
ATOM   1030 O O   . HIS A 1 149 ? 1.154   -4.062  -30.396 1.00 26.48 ? 149 HIS A O   1 
ATOM   1031 C CB  . HIS A 1 149 ? 3.498   -2.238  -30.878 1.00 26.94 ? 149 HIS A CB  1 
ATOM   1032 C CG  . HIS A 1 149 ? 2.805   -0.965  -31.275 1.00 30.19 ? 149 HIS A CG  1 
ATOM   1033 N ND1 . HIS A 1 149 ? 2.887   -0.445  -32.551 1.00 31.61 ? 149 HIS A ND1 1 
ATOM   1034 C CD2 . HIS A 1 149 ? 2.025   -0.106  -30.572 1.00 31.49 ? 149 HIS A CD2 1 
ATOM   1035 C CE1 . HIS A 1 149 ? 2.193   0.678   -32.616 1.00 31.79 ? 149 HIS A CE1 1 
ATOM   1036 N NE2 . HIS A 1 149 ? 1.659   0.906   -31.430 1.00 32.32 ? 149 HIS A NE2 1 
ATOM   1037 N N   . GLY A 1 150 ? 0.755   -2.542  -28.761 1.00 25.19 ? 150 GLY A N   1 
ATOM   1038 C CA  . GLY A 1 150 ? -0.685  -2.752  -28.733 1.00 25.07 ? 150 GLY A CA  1 
ATOM   1039 C C   . GLY A 1 150 ? -1.158  -3.780  -27.728 1.00 24.54 ? 150 GLY A C   1 
ATOM   1040 O O   . GLY A 1 150 ? -2.355  -3.879  -27.465 1.00 24.88 ? 150 GLY A O   1 
ATOM   1041 N N   . ASP A 1 151 ? -0.233  -4.573  -27.176 1.00 24.02 ? 151 ASP A N   1 
ATOM   1042 C CA  . ASP A 1 151 ? -0.606  -5.525  -26.125 1.00 23.57 ? 151 ASP A CA  1 
ATOM   1043 C C   . ASP A 1 151 ? -0.980  -4.786  -24.842 1.00 23.01 ? 151 ASP A C   1 
ATOM   1044 O O   . ASP A 1 151 ? -0.539  -3.658  -24.614 1.00 22.29 ? 151 ASP A O   1 
ATOM   1045 C CB  . ASP A 1 151 ? 0.500   -6.552  -25.872 1.00 23.78 ? 151 ASP A CB  1 
ATOM   1046 C CG  . ASP A 1 151 ? 0.757   -7.450  -27.081 1.00 24.59 ? 151 ASP A CG  1 
ATOM   1047 O OD1 . ASP A 1 151 ? -0.194  -7.796  -27.811 1.00 25.57 ? 151 ASP A OD1 1 
ATOM   1048 O OD2 . ASP A 1 151 ? 1.915   -7.823  -27.284 1.00 25.07 ? 151 ASP A OD2 1 
ATOM   1049 N N   . LYS A 1 152 ? -1.806  -5.431  -24.023 1.00 22.84 ? 152 LYS A N   1 
ATOM   1050 C CA  . LYS A 1 152 ? -2.289  -4.813  -22.794 1.00 23.04 ? 152 LYS A CA  1 
ATOM   1051 C C   . LYS A 1 152 ? -2.044  -5.725  -21.600 1.00 21.87 ? 152 LYS A C   1 
ATOM   1052 O O   . LYS A 1 152 ? -2.101  -6.957  -21.726 1.00 22.07 ? 152 LYS A O   1 
ATOM   1053 C CB  . LYS A 1 152 ? -3.775  -4.468  -22.913 1.00 23.34 ? 152 LYS A CB  1 
ATOM   1054 C CG  . LYS A 1 152 ? -4.077  -3.317  -23.880 1.00 25.21 ? 152 LYS A CG  1 
ATOM   1055 C CD  . LYS A 1 152 ? -5.574  -3.151  -24.087 1.00 24.86 ? 152 LYS A CD  1 
ATOM   1056 C CE  . LYS A 1 152 ? -5.873  -2.171  -25.229 1.00 29.53 ? 152 LYS A CE  1 
ATOM   1057 N NZ  . LYS A 1 152 ? -7.299  -2.318  -25.668 1.00 30.03 ? 152 LYS A NZ  1 
ATOM   1058 N N   . VAL A 1 153 ? -1.752  -5.103  -20.457 1.00 21.35 ? 153 VAL A N   1 
ATOM   1059 C CA  . VAL A 1 153 ? -1.739  -5.791  -19.164 1.00 19.91 ? 153 VAL A CA  1 
ATOM   1060 C C   . VAL A 1 153 ? -2.836  -5.181  -18.283 1.00 20.28 ? 153 VAL A C   1 
ATOM   1061 O O   . VAL A 1 153 ? -3.183  -4.002  -18.442 1.00 20.16 ? 153 VAL A O   1 
ATOM   1062 C CB  . VAL A 1 153 ? -0.335  -5.742  -18.452 1.00 19.24 ? 153 VAL A CB  1 
ATOM   1063 C CG1 . VAL A 1 153 ? 0.680   -6.606  -19.211 1.00 19.50 ? 153 VAL A CG1 1 
ATOM   1064 C CG2 . VAL A 1 153 ? 0.187   -4.296  -18.308 1.00 18.56 ? 153 VAL A CG2 1 
ATOM   1065 N N   . ARG A 1 154 ? -3.391  -5.996  -17.390 1.00 20.28 ? 154 ARG A N   1 
ATOM   1066 C CA  . ARG A 1 154 ? -4.373  -5.531  -16.411 1.00 22.20 ? 154 ARG A CA  1 
ATOM   1067 C C   . ARG A 1 154 ? -3.908  -5.885  -14.998 1.00 20.83 ? 154 ARG A C   1 
ATOM   1068 O O   . ARG A 1 154 ? -3.249  -6.922  -14.796 1.00 21.21 ? 154 ARG A O   1 
ATOM   1069 C CB  . ARG A 1 154 ? -5.753  -6.143  -16.680 1.00 22.10 ? 154 ARG A CB  1 
ATOM   1070 C CG  . ARG A 1 154 ? -6.453  -5.655  -17.955 1.00 25.24 ? 154 ARG A CG  1 
ATOM   1071 C CD  . ARG A 1 154 ? -7.920  -6.121  -17.942 1.00 27.42 ? 154 ARG A CD  1 
ATOM   1072 N NE  . ARG A 1 154 ? -8.022  -7.575  -18.101 1.00 37.54 ? 154 ARG A NE  1 
ATOM   1073 C CZ  . ARG A 1 154 ? -8.760  -8.198  -19.028 1.00 41.11 ? 154 ARG A CZ  1 
ATOM   1074 N NH1 . ARG A 1 154 ? -9.508  -7.506  -19.890 1.00 42.25 ? 154 ARG A NH1 1 
ATOM   1075 N NH2 . ARG A 1 154 ? -8.758  -9.526  -19.091 1.00 40.82 ? 154 ARG A NH2 1 
ATOM   1076 N N   . TYR A 1 155 ? -4.262  -5.025  -14.038 1.00 19.94 ? 155 TYR A N   1 
ATOM   1077 C CA  . TYR A 1 155 ? -3.887  -5.211  -12.641 1.00 18.52 ? 155 TYR A CA  1 
ATOM   1078 C C   . TYR A 1 155 ? -5.076  -5.054  -11.700 1.00 19.17 ? 155 TYR A C   1 
ATOM   1079 O O   . TYR A 1 155 ? -6.007  -4.260  -11.965 1.00 18.58 ? 155 TYR A O   1 
ATOM   1080 C CB  . TYR A 1 155 ? -2.851  -4.172  -12.207 1.00 18.32 ? 155 TYR A CB  1 
ATOM   1081 C CG  . TYR A 1 155 ? -1.519  -4.220  -12.895 1.00 18.49 ? 155 TYR A CG  1 
ATOM   1082 C CD1 . TYR A 1 155 ? -1.313  -3.535  -14.099 1.00 16.30 ? 155 TYR A CD1 1 
ATOM   1083 C CD2 . TYR A 1 155 ? -0.438  -4.914  -12.329 1.00 16.77 ? 155 TYR A CD2 1 
ATOM   1084 C CE1 . TYR A 1 155 ? -0.059  -3.540  -14.733 1.00 16.93 ? 155 TYR A CE1 1 
ATOM   1085 C CE2 . TYR A 1 155 ? 0.824   -4.936  -12.968 1.00 16.39 ? 155 TYR A CE2 1 
ATOM   1086 C CZ  . TYR A 1 155 ? 0.996   -4.254  -14.168 1.00 16.90 ? 155 TYR A CZ  1 
ATOM   1087 O OH  . TYR A 1 155 ? 2.225   -4.250  -14.799 1.00 18.68 ? 155 TYR A OH  1 
ATOM   1088 N N   . ARG A 1 156 ? -5.019  -5.788  -10.593 1.00 17.98 ? 156 ARG A N   1 
ATOM   1089 C CA  . ARG A 1 156 ? -5.815  -5.460  -9.425  1.00 18.97 ? 156 ARG A CA  1 
ATOM   1090 C C   . ARG A 1 156 ? -4.907  -5.521  -8.208  1.00 18.27 ? 156 ARG A C   1 
ATOM   1091 O O   . ARG A 1 156 ? -3.847  -6.159  -8.247  1.00 17.58 ? 156 ARG A O   1 
ATOM   1092 C CB  . ARG A 1 156 ? -6.992  -6.425  -9.254  1.00 18.79 ? 156 ARG A CB  1 
ATOM   1093 C CG  . ARG A 1 156 ? -6.600  -7.792  -8.689  1.00 20.08 ? 156 ARG A CG  1 
ATOM   1094 C CD  . ARG A 1 156 ? -7.809  -8.731  -8.608  1.00 22.41 ? 156 ARG A CD  1 
ATOM   1095 N NE  . ARG A 1 156 ? -7.395  -10.128 -8.388  1.00 28.91 ? 156 ARG A NE  1 
ATOM   1096 C CZ  . ARG A 1 156 ? -7.172  -10.612 -7.180  1.00 27.73 ? 156 ARG A CZ  1 
ATOM   1097 N NH1 . ARG A 1 156 ? -7.310  -9.805  -6.141  1.00 31.49 ? 156 ARG A NH1 1 
ATOM   1098 N NH2 . ARG A 1 156 ? -6.800  -11.876 -6.995  1.00 26.61 ? 156 ARG A NH2 1 
ATOM   1099 N N   . CYS A 1 157 ? -5.330  -4.876  -7.127  1.00 17.44 ? 157 CYS A N   1 
ATOM   1100 C CA  . CYS A 1 157 ? -4.669  -5.063  -5.845  1.00 18.10 ? 157 CYS A CA  1 
ATOM   1101 C C   . CYS A 1 157 ? -5.348  -6.208  -5.113  1.00 18.77 ? 157 CYS A C   1 
ATOM   1102 O O   . CYS A 1 157 ? -6.583  -6.302  -5.095  1.00 18.74 ? 157 CYS A O   1 
ATOM   1103 C CB  . CYS A 1 157 ? -4.674  -3.760  -5.047  1.00 18.93 ? 157 CYS A CB  1 
ATOM   1104 S SG  . CYS A 1 157 ? -3.562  -2.527  -5.728  1.00 19.81 ? 157 CYS A SG  1 
ATOM   1105 N N   . SER A 1 158 ? -4.534  -7.091  -4.532  1.00 18.02 ? 158 SER A N   1 
ATOM   1106 C CA  . SER A 1 158 ? -5.019  -8.277  -3.832  1.00 18.39 ? 158 SER A CA  1 
ATOM   1107 C C   . SER A 1 158 ? -5.617  -7.937  -2.462  1.00 18.51 ? 158 SER A C   1 
ATOM   1108 O O   . SER A 1 158 ? -5.379  -6.848  -1.928  1.00 17.02 ? 158 SER A O   1 
ATOM   1109 C CB  . SER A 1 158 ? -3.864  -9.269  -3.650  1.00 18.21 ? 158 SER A CB  1 
ATOM   1110 O OG  . SER A 1 158 ? -2.860  -8.741  -2.770  1.00 17.77 ? 158 SER A OG  1 
ATOM   1111 N N   . SER A 1 159 ? -6.381  -8.887  -1.910  1.00 19.54 ? 159 SER A N   1 
ATOM   1112 C CA  . SER A 1 159 ? -6.949  -8.787  -0.555  1.00 19.96 ? 159 SER A CA  1 
ATOM   1113 C C   . SER A 1 159 ? -7.696  -7.456  -0.395  1.00 18.98 ? 159 SER A C   1 
ATOM   1114 O O   . SER A 1 159 ? -8.469  -7.101  -1.280  1.00 19.63 ? 159 SER A O   1 
ATOM   1115 C CB  . SER A 1 159 ? -5.842  -8.983  0.484   1.00 20.14 ? 159 SER A CB  1 
ATOM   1116 O OG  . SER A 1 159 ? -6.318  -8.915  1.811   1.00 25.24 ? 159 SER A OG  1 
ATOM   1117 N N   . ASN A 1 160 ? -7.449  -6.721  0.695   1.00 18.07 ? 160 ASN A N   1 
ATOM   1118 C CA  A ASN A 1 160 ? -8.110  -5.437  0.935   0.50 18.04 ? 160 ASN A CA  1 
ATOM   1119 C CA  B ASN A 1 160 ? -8.112  -5.432  0.915   0.50 18.31 ? 160 ASN A CA  1 
ATOM   1120 C C   . ASN A 1 160 ? -7.237  -4.227  0.548   1.00 17.58 ? 160 ASN A C   1 
ATOM   1121 O O   . ASN A 1 160 ? -7.521  -3.092  0.936   1.00 17.00 ? 160 ASN A O   1 
ATOM   1122 C CB  A ASN A 1 160 ? -8.546  -5.336  2.410   0.50 19.22 ? 160 ASN A CB  1 
ATOM   1123 C CB  B ASN A 1 160 ? -8.591  -5.325  2.369   0.50 19.63 ? 160 ASN A CB  1 
ATOM   1124 C CG  A ASN A 1 160 ? -7.369  -5.357  3.374   0.50 18.64 ? 160 ASN A CG  1 
ATOM   1125 C CG  B ASN A 1 160 ? -9.294  -6.572  2.837   0.50 20.49 ? 160 ASN A CG  1 
ATOM   1126 O OD1 A ASN A 1 160 ? -6.222  -5.566  2.972   0.50 20.55 ? 160 ASN A OD1 1 
ATOM   1127 O OD1 B ASN A 1 160 ? -10.075 -7.167  2.100   0.50 24.26 ? 160 ASN A OD1 1 
ATOM   1128 N ND2 A ASN A 1 160 ? -7.648  -5.147  4.662   0.50 22.89 ? 160 ASN A ND2 1 
ATOM   1129 N ND2 B ASN A 1 160 ? -8.992  -7.001  4.056   0.50 22.59 ? 160 ASN A ND2 1 
ATOM   1130 N N   . LEU A 1 161 ? -6.165  -4.471  -0.211  1.00 16.10 ? 161 LEU A N   1 
ATOM   1131 C CA  . LEU A 1 161 ? -5.269  -3.388  -0.626  1.00 15.18 ? 161 LEU A CA  1 
ATOM   1132 C C   . LEU A 1 161 ? -5.950  -2.455  -1.627  1.00 15.60 ? 161 LEU A C   1 
ATOM   1133 O O   . LEU A 1 161 ? -6.820  -2.878  -2.398  1.00 15.40 ? 161 LEU A O   1 
ATOM   1134 C CB  . LEU A 1 161 ? -3.947  -3.939  -1.216  1.00 14.20 ? 161 LEU A CB  1 
ATOM   1135 C CG  . LEU A 1 161 ? -3.186  -4.924  -0.310  1.00 14.69 ? 161 LEU A CG  1 
ATOM   1136 C CD1 . LEU A 1 161 ? -1.991  -5.576  -1.040  1.00 14.88 ? 161 LEU A CD1 1 
ATOM   1137 C CD2 . LEU A 1 161 ? -2.767  -4.239  0.982   1.00 14.68 ? 161 LEU A CD2 1 
ATOM   1138 N N   . VAL A 1 162 ? -5.534  -1.193  -1.598  1.00 15.26 ? 162 VAL A N   1 
ATOM   1139 C CA  . VAL A 1 162 ? -6.161  -0.135  -2.371  1.00 15.29 ? 162 VAL A CA  1 
ATOM   1140 C C   . VAL A 1 162 ? -5.285  0.260   -3.560  1.00 15.76 ? 162 VAL A C   1 
ATOM   1141 O O   . VAL A 1 162 ? -4.114  0.617   -3.381  1.00 15.71 ? 162 VAL A O   1 
ATOM   1142 C CB  . VAL A 1 162 ? -6.421  1.105   -1.484  1.00 15.54 ? 162 VAL A CB  1 
ATOM   1143 C CG1 . VAL A 1 162 ? -6.949  2.240   -2.336  1.00 16.21 ? 162 VAL A CG1 1 
ATOM   1144 C CG2 . VAL A 1 162 ? -7.391  0.750   -0.345  1.00 15.62 ? 162 VAL A CG2 1 
ATOM   1145 N N   . LEU A 1 163 ? -5.867  0.223   -4.765  1.00 16.11 ? 163 LEU A N   1 
ATOM   1146 C CA  . LEU A 1 163 ? -5.120  0.569   -5.998  1.00 16.93 ? 163 LEU A CA  1 
ATOM   1147 C C   . LEU A 1 163 ? -5.101  2.080   -6.321  1.00 17.54 ? 163 LEU A C   1 
ATOM   1148 O O   . LEU A 1 163 ? -6.116  2.783   -6.168  1.00 18.22 ? 163 LEU A O   1 
ATOM   1149 C CB  . LEU A 1 163 ? -5.654  -0.241  -7.184  1.00 17.13 ? 163 LEU A CB  1 
ATOM   1150 C CG  . LEU A 1 163 ? -4.906  -0.149  -8.534  1.00 15.91 ? 163 LEU A CG  1 
ATOM   1151 C CD1 . LEU A 1 163 ? -5.031  -1.485  -9.255  1.00 18.19 ? 163 LEU A CD1 1 
ATOM   1152 C CD2 . LEU A 1 163 ? -5.428  1.001   -9.396  1.00 17.58 ? 163 LEU A CD2 1 
ATOM   1153 N N   . THR A 1 164 ? -3.931  2.563   -6.744  1.00 17.56 ? 164 THR A N   1 
ATOM   1154 C CA  . THR A 1 164 ? -3.756  3.894   -7.330  1.00 18.64 ? 164 THR A CA  1 
ATOM   1155 C C   . THR A 1 164 ? -2.982  3.683   -8.638  1.00 19.06 ? 164 THR A C   1 
ATOM   1156 O O   . THR A 1 164 ? -2.142  2.789   -8.710  1.00 19.23 ? 164 THR A O   1 
ATOM   1157 C CB  . THR A 1 164 ? -2.981  4.869   -6.376  1.00 18.46 ? 164 THR A CB  1 
ATOM   1158 O OG1 . THR A 1 164 ? -3.678  4.957   -5.129  1.00 18.93 ? 164 THR A OG1 1 
ATOM   1159 C CG2 . THR A 1 164 ? -2.913  6.274   -6.959  1.00 18.77 ? 164 THR A CG2 1 
ATOM   1160 N N   . GLY A 1 165 ? -3.281  4.477   -9.662  1.00 19.39 ? 165 GLY A N   1 
ATOM   1161 C CA  . GLY A 1 165 ? -2.609  4.317   -10.958 1.00 20.27 ? 165 GLY A CA  1 
ATOM   1162 C C   . GLY A 1 165 ? -3.469  3.524   -11.921 1.00 20.42 ? 165 GLY A C   1 
ATOM   1163 O O   . GLY A 1 165 ? -4.659  3.312   -11.669 1.00 20.36 ? 165 GLY A O   1 
ATOM   1164 N N   . SER A 1 166 ? -2.867  3.059   -13.017 1.00 20.33 ? 166 SER A N   1 
ATOM   1165 C CA  . SER A 1 166 ? -3.649  2.439   -14.084 1.00 20.80 ? 166 SER A CA  1 
ATOM   1166 C C   . SER A 1 166 ? -3.892  0.966   -13.847 1.00 21.21 ? 166 SER A C   1 
ATOM   1167 O O   . SER A 1 166 ? -2.946  0.193   -13.755 1.00 22.16 ? 166 SER A O   1 
ATOM   1168 C CB  . SER A 1 166 ? -2.985  2.653   -15.454 1.00 20.03 ? 166 SER A CB  1 
ATOM   1169 O OG  . SER A 1 166 ? -2.621  4.011   -15.644 1.00 20.53 ? 166 SER A OG  1 
ATOM   1170 N N   . SER A 1 167 ? -5.156  0.566   -13.789 1.00 21.77 ? 167 SER A N   1 
ATOM   1171 C CA  . SER A 1 167 ? -5.478  -0.864  -13.760 1.00 22.90 ? 167 SER A CA  1 
ATOM   1172 C C   . SER A 1 167 ? -5.376  -1.563  -15.130 1.00 22.73 ? 167 SER A C   1 
ATOM   1173 O O   . SER A 1 167 ? -5.429  -2.784  -15.196 1.00 23.05 ? 167 SER A O   1 
ATOM   1174 C CB  . SER A 1 167 ? -6.848  -1.100  -13.128 1.00 24.07 ? 167 SER A CB  1 
ATOM   1175 O OG  . SER A 1 167 ? -7.822  -0.364  -13.807 1.00 25.88 ? 167 SER A OG  1 
ATOM   1176 N N   . GLU A 1 168 ? -5.286  -0.790  -16.207 1.00 22.31 ? 168 GLU A N   1 
ATOM   1177 C CA  . GLU A 1 168 ? -4.936  -1.329  -17.526 1.00 22.78 ? 168 GLU A CA  1 
ATOM   1178 C C   . GLU A 1 168 ? -3.873  -0.454  -18.171 1.00 21.75 ? 168 GLU A C   1 
ATOM   1179 O O   . GLU A 1 168 ? -3.938  0.782   -18.088 1.00 21.02 ? 168 GLU A O   1 
ATOM   1180 C CB  . GLU A 1 168 ? -6.158  -1.426  -18.443 1.00 23.07 ? 168 GLU A CB  1 
ATOM   1181 C CG  . GLU A 1 168 ? -5.836  -2.065  -19.787 1.00 24.63 ? 168 GLU A CG  1 
ATOM   1182 C CD  . GLU A 1 168 ? -7.056  -2.190  -20.691 1.00 25.74 ? 168 GLU A CD  1 
ATOM   1183 O OE1 . GLU A 1 168 ? -7.375  -1.204  -21.382 1.00 29.01 ? 168 GLU A OE1 1 
ATOM   1184 O OE2 . GLU A 1 168 ? -7.671  -3.275  -20.715 1.00 29.93 ? 168 GLU A OE2 1 
ATOM   1185 N N   . ARG A 1 169 ? -2.879  -1.093  -18.803 1.00 21.39 ? 169 ARG A N   1 
ATOM   1186 C CA  . ARG A 1 169 ? -1.805  -0.359  -19.454 1.00 21.83 ? 169 ARG A CA  1 
ATOM   1187 C C   . ARG A 1 169 ? -1.558  -0.956  -20.829 1.00 22.54 ? 169 ARG A C   1 
ATOM   1188 O O   . ARG A 1 169 ? -1.601  -2.175  -20.988 1.00 21.87 ? 169 ARG A O   1 
ATOM   1189 C CB  . ARG A 1 169 ? -0.512  -0.381  -18.632 1.00 21.87 ? 169 ARG A CB  1 
ATOM   1190 C CG  . ARG A 1 169 ? -0.666  0.126   -17.186 1.00 21.28 ? 169 ARG A CG  1 
ATOM   1191 C CD  . ARG A 1 169 ? 0.683   0.272   -16.524 1.00 20.47 ? 169 ARG A CD  1 
ATOM   1192 N NE  . ARG A 1 169 ? 1.377   1.463   -16.994 1.00 19.88 ? 169 ARG A NE  1 
ATOM   1193 C CZ  . ARG A 1 169 ? 2.626   1.806   -16.692 1.00 20.70 ? 169 ARG A CZ  1 
ATOM   1194 N NH1 . ARG A 1 169 ? 3.368   1.029   -15.901 1.00 17.46 ? 169 ARG A NH1 1 
ATOM   1195 N NH2 . ARG A 1 169 ? 3.127   2.944   -17.184 1.00 20.40 ? 169 ARG A NH2 1 
ATOM   1196 N N   . GLU A 1 170 ? -1.314  -0.086  -21.802 1.00 23.00 ? 170 GLU A N   1 
ATOM   1197 C CA  . GLU A 1 170 ? -1.115  -0.523  -23.181 1.00 24.17 ? 170 GLU A CA  1 
ATOM   1198 C C   . GLU A 1 170 ? 0.299   -0.187  -23.644 1.00 23.39 ? 170 GLU A C   1 
ATOM   1199 O O   . GLU A 1 170 ? 0.818   0.907   -23.395 1.00 23.31 ? 170 GLU A O   1 
ATOM   1200 C CB  . GLU A 1 170 ? -2.160  0.104   -24.122 1.00 24.16 ? 170 GLU A CB  1 
ATOM   1201 C CG  . GLU A 1 170 ? -2.057  -0.393  -25.568 1.00 24.78 ? 170 GLU A CG  1 
ATOM   1202 C CD  . GLU A 1 170 ? -2.957  0.381   -26.543 1.00 27.26 ? 170 GLU A CD  1 
ATOM   1203 O OE1 . GLU A 1 170 ? -3.730  1.251   -26.097 1.00 29.49 ? 170 GLU A OE1 1 
ATOM   1204 O OE2 . GLU A 1 170 ? -2.875  0.114   -27.762 1.00 30.30 ? 170 GLU A OE2 1 
ATOM   1205 N N   . CYS A 1 171 ? 0.923   -1.151  -24.304 1.00 23.62 ? 171 CYS A N   1 
ATOM   1206 C CA  . CYS A 1 171 ? 2.262   -0.972  -24.823 1.00 23.77 ? 171 CYS A CA  1 
ATOM   1207 C C   . CYS A 1 171 ? 2.189   -0.117  -26.097 1.00 24.17 ? 171 CYS A C   1 
ATOM   1208 O O   . CYS A 1 171 ? 1.682   -0.569  -27.123 1.00 24.10 ? 171 CYS A O   1 
ATOM   1209 C CB  . CYS A 1 171 ? 2.887   -2.332  -25.115 1.00 24.50 ? 171 CYS A CB  1 
ATOM   1210 S SG  . CYS A 1 171 ? 4.503   -2.203  -25.927 1.00 24.10 ? 171 CYS A SG  1 
ATOM   1211 N N   . GLN A 1 172 ? 2.681   1.109   -25.997 1.00 24.92 ? 172 GLN A N   1 
ATOM   1212 C CA  . GLN A 1 172 ? 2.542   2.121   -27.054 1.00 26.33 ? 172 GLN A CA  1 
ATOM   1213 C C   . GLN A 1 172 ? 3.627   1.965   -28.126 1.00 26.25 ? 172 GLN A C   1 
ATOM   1214 O O   . GLN A 1 172 ? 4.609   1.216   -27.946 1.00 26.70 ? 172 GLN A O   1 
ATOM   1215 C CB  . GLN A 1 172 ? 2.558   3.529   -26.434 1.00 25.81 ? 172 GLN A CB  1 
ATOM   1216 C CG  . GLN A 1 172 ? 1.482   3.741   -25.342 1.00 27.89 ? 172 GLN A CG  1 
ATOM   1217 C CD  . GLN A 1 172 ? 1.621   5.059   -24.603 1.00 28.27 ? 172 GLN A CD  1 
ATOM   1218 O OE1 . GLN A 1 172 ? 0.780   5.947   -24.745 1.00 31.24 ? 172 GLN A OE1 1 
ATOM   1219 N NE2 . GLN A 1 172 ? 2.687   5.202   -23.817 1.00 29.78 ? 172 GLN A NE2 1 
ATOM   1220 N N   . GLY A 1 173 ? 3.442   2.652   -29.253 1.00 26.52 ? 173 GLY A N   1 
ATOM   1221 C CA  . GLY A 1 173 ? 4.393   2.575   -30.369 1.00 26.00 ? 173 GLY A CA  1 
ATOM   1222 C C   . GLY A 1 173 ? 5.818   2.901   -29.953 1.00 25.71 ? 173 GLY A C   1 
ATOM   1223 O O   . GLY A 1 173 ? 6.769   2.339   -30.488 1.00 26.08 ? 173 GLY A O   1 
ATOM   1224 N N   . ASN A 1 174 ? 5.964   3.809   -28.991 1.00 25.17 ? 174 ASN A N   1 
ATOM   1225 C CA  . ASN A 1 174 ? 7.270   4.216   -28.478 1.00 25.46 ? 174 ASN A CA  1 
ATOM   1226 C C   . ASN A 1 174 ? 7.926   3.238   -27.474 1.00 25.00 ? 174 ASN A C   1 
ATOM   1227 O O   . ASN A 1 174 ? 9.004   3.512   -26.944 1.00 25.10 ? 174 ASN A O   1 
ATOM   1228 C CB  . ASN A 1 174 ? 7.196   5.621   -27.861 1.00 25.89 ? 174 ASN A CB  1 
ATOM   1229 C CG  . ASN A 1 174 ? 6.306   5.686   -26.627 1.00 26.19 ? 174 ASN A CG  1 
ATOM   1230 O OD1 . ASN A 1 174 ? 5.546   4.754   -26.328 1.00 26.98 ? 174 ASN A OD1 1 
ATOM   1231 N ND2 . ASN A 1 174 ? 6.370   6.808   -25.924 1.00 28.73 ? 174 ASN A ND2 1 
ATOM   1232 N N   . GLY A 1 175 ? 7.274   2.110   -27.211 1.00 25.27 ? 175 GLY A N   1 
ATOM   1233 C CA  . GLY A 1 175 ? 7.814   1.126   -26.257 1.00 24.12 ? 175 GLY A CA  1 
ATOM   1234 C C   . GLY A 1 175 ? 7.596   1.534   -24.806 1.00 23.89 ? 175 GLY A C   1 
ATOM   1235 O O   . GLY A 1 175 ? 8.264   1.020   -23.903 1.00 22.60 ? 175 GLY A O   1 
ATOM   1236 N N   . VAL A 1 176 ? 6.642   2.437   -24.581 1.00 23.26 ? 176 VAL A N   1 
ATOM   1237 C CA  . VAL A 1 176 ? 6.286   2.890   -23.220 1.00 23.56 ? 176 VAL A CA  1 
ATOM   1238 C C   . VAL A 1 176 ? 4.871   2.412   -22.892 1.00 23.09 ? 176 VAL A C   1 
ATOM   1239 O O   . VAL A 1 176 ? 3.954   2.538   -23.729 1.00 23.36 ? 176 VAL A O   1 
ATOM   1240 C CB  . VAL A 1 176 ? 6.409   4.440   -23.069 1.00 23.16 ? 176 VAL A CB  1 
ATOM   1241 C CG1 . VAL A 1 176 ? 6.076   4.913   -21.627 1.00 24.39 ? 176 VAL A CG1 1 
ATOM   1242 C CG2 . VAL A 1 176 ? 7.811   4.929   -23.503 1.00 23.85 ? 176 VAL A CG2 1 
ATOM   1243 N N   . TRP A 1 177 ? 4.688   1.836   -21.699 1.00 22.05 ? 177 TRP A N   1 
ATOM   1244 C CA  . TRP A 1 177 ? 3.352   1.466   -21.243 1.00 21.54 ? 177 TRP A CA  1 
ATOM   1245 C C   . TRP A 1 177 ? 2.572   2.750   -20.959 1.00 20.48 ? 177 TRP A C   1 
ATOM   1246 O O   . TRP A 1 177 ? 3.099   3.688   -20.353 1.00 20.92 ? 177 TRP A O   1 
ATOM   1247 C CB  . TRP A 1 177 ? 3.389   0.542   -20.004 1.00 21.21 ? 177 TRP A CB  1 
ATOM   1248 C CG  . TRP A 1 177 ? 3.982   -0.801  -20.310 1.00 20.46 ? 177 TRP A CG  1 
ATOM   1249 C CD1 . TRP A 1 177 ? 5.285   -1.182  -20.142 1.00 21.53 ? 177 TRP A CD1 1 
ATOM   1250 C CD2 . TRP A 1 177 ? 3.309   -1.918  -20.894 1.00 21.44 ? 177 TRP A CD2 1 
ATOM   1251 N NE1 . TRP A 1 177 ? 5.452   -2.474  -20.545 1.00 19.73 ? 177 TRP A NE1 1 
ATOM   1252 C CE2 . TRP A 1 177 ? 4.260   -2.956  -21.020 1.00 20.71 ? 177 TRP A CE2 1 
ATOM   1253 C CE3 . TRP A 1 177 ? 1.986   -2.155  -21.302 1.00 20.52 ? 177 TRP A CE3 1 
ATOM   1254 C CZ2 . TRP A 1 177 ? 3.938   -4.210  -21.549 1.00 20.85 ? 177 TRP A CZ2 1 
ATOM   1255 C CZ3 . TRP A 1 177 ? 1.662   -3.404  -21.832 1.00 22.18 ? 177 TRP A CZ3 1 
ATOM   1256 C CH2 . TRP A 1 177 ? 2.640   -4.423  -21.946 1.00 21.47 ? 177 TRP A CH2 1 
ATOM   1257 N N   . SER A 1 178 ? 1.322   2.780   -21.422 1.00 21.14 ? 178 SER A N   1 
ATOM   1258 C CA  . SER A 1 178 ? 0.438   3.916   -21.174 1.00 21.15 ? 178 SER A CA  1 
ATOM   1259 C C   . SER A 1 178 ? 0.111   4.024   -19.687 1.00 20.69 ? 178 SER A C   1 
ATOM   1260 O O   . SER A 1 178 ? 0.267   3.045   -18.916 1.00 20.07 ? 178 SER A O   1 
ATOM   1261 C CB  . SER A 1 178 ? -0.857  3.830   -21.994 1.00 21.09 ? 178 SER A CB  1 
ATOM   1262 O OG  . SER A 1 178 ? -1.648  2.722   -21.611 1.00 20.49 ? 178 SER A OG  1 
ATOM   1263 N N   . GLY A 1 179 ? -0.356  5.207   -19.300 1.00 20.39 ? 179 GLY A N   1 
ATOM   1264 C CA  . GLY A 1 179 ? -0.794  5.440   -17.934 1.00 19.76 ? 179 GLY A CA  1 
ATOM   1265 C C   . GLY A 1 179 ? 0.337   5.485   -16.923 1.00 19.35 ? 179 GLY A C   1 
ATOM   1266 O O   . GLY A 1 179 ? 1.435   5.956   -17.218 1.00 19.77 ? 179 GLY A O   1 
ATOM   1267 N N   . THR A 1 180 ? 0.039   5.029   -15.707 1.00 19.80 ? 180 THR A N   1 
ATOM   1268 C CA  . THR A 1 180 ? 1.009   5.034   -14.610 1.00 19.71 ? 180 THR A CA  1 
ATOM   1269 C C   . THR A 1 180 ? 0.985   3.689   -13.908 1.00 18.99 ? 180 THR A C   1 
ATOM   1270 O O   . THR A 1 180 ? -0.047  2.995   -13.889 1.00 18.49 ? 180 THR A O   1 
ATOM   1271 C CB  . THR A 1 180 ? 0.730   6.150   -13.562 1.00 20.01 ? 180 THR A CB  1 
ATOM   1272 O OG1 . THR A 1 180 ? -0.566  5.946   -12.973 1.00 21.80 ? 180 THR A OG1 1 
ATOM   1273 C CG2 . THR A 1 180 ? 0.801   7.561   -14.213 1.00 20.96 ? 180 THR A CG2 1 
ATOM   1274 N N   . GLU A 1 181 ? 2.131   3.321   -13.344 1.00 18.14 ? 181 GLU A N   1 
ATOM   1275 C CA  . GLU A 1 181 ? 2.274   2.022   -12.697 1.00 17.75 ? 181 GLU A CA  1 
ATOM   1276 C C   . GLU A 1 181 ? 1.266   1.938   -11.536 1.00 17.30 ? 181 GLU A C   1 
ATOM   1277 O O   . GLU A 1 181 ? 1.202   2.857   -10.708 1.00 17.87 ? 181 GLU A O   1 
ATOM   1278 C CB  . GLU A 1 181 ? 3.711   1.819   -12.188 1.00 17.83 ? 181 GLU A CB  1 
ATOM   1279 C CG  . GLU A 1 181 ? 3.830   0.635   -11.226 1.00 16.91 ? 181 GLU A CG  1 
ATOM   1280 C CD  . GLU A 1 181 ? 5.177   0.459   -10.578 1.00 18.53 ? 181 GLU A CD  1 
ATOM   1281 O OE1 . GLU A 1 181 ? 5.823   1.461   -10.226 1.00 20.83 ? 181 GLU A OE1 1 
ATOM   1282 O OE2 . GLU A 1 181 ? 5.571   -0.708  -10.399 1.00 19.95 ? 181 GLU A OE2 1 
ATOM   1283 N N   . PRO A 1 182 ? 0.437   0.875   -11.502 1.00 17.69 ? 182 PRO A N   1 
ATOM   1284 C CA  . PRO A 1 182 ? -0.453  0.774   -10.333 1.00 17.65 ? 182 PRO A CA  1 
ATOM   1285 C C   . PRO A 1 182 ? 0.302   0.357   -9.068  1.00 17.74 ? 182 PRO A C   1 
ATOM   1286 O O   . PRO A 1 182 ? 1.255   -0.464  -9.127  1.00 16.83 ? 182 PRO A O   1 
ATOM   1287 C CB  . PRO A 1 182 ? -1.472  -0.293  -10.745 1.00 18.50 ? 182 PRO A CB  1 
ATOM   1288 C CG  . PRO A 1 182 ? -0.721  -1.157  -11.736 1.00 17.87 ? 182 PRO A CG  1 
ATOM   1289 C CD  . PRO A 1 182 ? 0.215   -0.216  -12.471 1.00 17.13 ? 182 PRO A CD  1 
ATOM   1290 N N   . ILE A 1 183 ? -0.127  0.932   -7.949  1.00 16.94 ? 183 ILE A N   1 
ATOM   1291 C CA  . ILE A 1 183 ? 0.502   0.755   -6.648  1.00 17.75 ? 183 ILE A CA  1 
ATOM   1292 C C   . ILE A 1 183 ? -0.592  0.361   -5.651  1.00 17.20 ? 183 ILE A C   1 
ATOM   1293 O O   . ILE A 1 183 ? -1.697  0.912   -5.696  1.00 18.13 ? 183 ILE A O   1 
ATOM   1294 C CB  . ILE A 1 183 ? 1.211   2.074   -6.211  1.00 17.42 ? 183 ILE A CB  1 
ATOM   1295 C CG1 . ILE A 1 183 ? 2.365   2.427   -7.184  1.00 19.63 ? 183 ILE A CG1 1 
ATOM   1296 C CG2 . ILE A 1 183 ? 1.725   2.014   -4.772  1.00 20.33 ? 183 ILE A CG2 1 
ATOM   1297 C CD1 . ILE A 1 183 ? 3.503   1.370   -7.271  1.00 22.45 ? 183 ILE A CD1 1 
ATOM   1298 N N   . CYS A 1 184 ? -0.273  -0.586  -4.773  1.00 16.17 ? 184 CYS A N   1 
ATOM   1299 C CA  . CYS A 1 184 ? -1.227  -1.133  -3.813  1.00 16.33 ? 184 CYS A CA  1 
ATOM   1300 C C   . CYS A 1 184 ? -0.851  -0.666  -2.407  1.00 16.06 ? 184 CYS A C   1 
ATOM   1301 O O   . CYS A 1 184 ? 0.287   -0.843  -1.970  1.00 16.08 ? 184 CYS A O   1 
ATOM   1302 C CB  . CYS A 1 184 ? -1.219  -2.663  -3.876  1.00 16.38 ? 184 CYS A CB  1 
ATOM   1303 S SG  . CYS A 1 184 ? -1.696  -3.300  -5.494  1.00 18.00 ? 184 CYS A SG  1 
ATOM   1304 N N   . ARG A 1 185 ? -1.801  -0.049  -1.720  1.00 15.74 ? 185 ARG A N   1 
ATOM   1305 C CA  . ARG A 1 185 ? -1.561  0.483   -0.388  1.00 17.03 ? 185 ARG A CA  1 
ATOM   1306 C C   . ARG A 1 185 ? -2.438  -0.230  0.638   1.00 16.50 ? 185 ARG A C   1 
ATOM   1307 O O   . ARG A 1 185 ? -3.550  -0.686  0.318   1.00 15.84 ? 185 ARG A O   1 
ATOM   1308 C CB  . ARG A 1 185 ? -1.832  2.001   -0.344  1.00 16.88 ? 185 ARG A CB  1 
ATOM   1309 C CG  . ARG A 1 185 ? -0.758  2.877   -0.988  1.00 19.04 ? 185 ARG A CG  1 
ATOM   1310 C CD  . ARG A 1 185 ? -1.182  4.356   -0.828  1.00 19.92 ? 185 ARG A CD  1 
ATOM   1311 N NE  . ARG A 1 185 ? -0.156  5.315   -1.257  1.00 25.58 ? 185 ARG A NE  1 
ATOM   1312 C CZ  . ARG A 1 185 ? 0.120   5.609   -2.529  1.00 28.66 ? 185 ARG A CZ  1 
ATOM   1313 N NH1 . ARG A 1 185 ? -0.535  5.016   -3.532  1.00 27.71 ? 185 ARG A NH1 1 
ATOM   1314 N NH2 . ARG A 1 185 ? 1.063   6.500   -2.803  1.00 29.00 ? 185 ARG A NH2 1 
ATOM   1315 N N   . GLN A 1 186 ? -1.954  -0.302  1.874   1.00 16.32 ? 186 GLN A N   1 
ATOM   1316 C CA  . GLN A 1 186 ? -2.812  -0.741  2.983   1.00 16.26 ? 186 GLN A CA  1 
ATOM   1317 C C   . GLN A 1 186 ? -4.026  0.176   3.079   1.00 15.81 ? 186 GLN A C   1 
ATOM   1318 O O   . GLN A 1 186 ? -3.885  1.386   2.963   1.00 15.36 ? 186 GLN A O   1 
ATOM   1319 C CB  . GLN A 1 186 ? -2.061  -0.690  4.326   1.00 15.83 ? 186 GLN A CB  1 
ATOM   1320 C CG  . GLN A 1 186 ? -0.862  -1.647  4.415   1.00 16.99 ? 186 GLN A CG  1 
ATOM   1321 C CD  . GLN A 1 186 ? -1.226  -3.120  4.296   1.00 19.41 ? 186 GLN A CD  1 
ATOM   1322 O OE1 . GLN A 1 186 ? -0.328  -3.961  4.151   1.00 26.42 ? 186 GLN A OE1 1 
ATOM   1323 N NE2 . GLN A 1 186 ? -2.519  -3.444  4.308   1.00 14.83 ? 186 GLN A NE2 1 
ATOM   1324 N N   . PRO A 1 187 ? -5.222  -0.402  3.325   1.00 16.07 ? 187 PRO A N   1 
ATOM   1325 C CA  . PRO A 1 187 ? -6.420  0.457   3.397   1.00 15.99 ? 187 PRO A CA  1 
ATOM   1326 C C   . PRO A 1 187 ? -6.369  1.475   4.551   1.00 15.93 ? 187 PRO A C   1 
ATOM   1327 O O   . PRO A 1 187 ? -6.883  2.592   4.411   1.00 15.37 ? 187 PRO A O   1 
ATOM   1328 C CB  . PRO A 1 187 ? -7.566  -0.546  3.578   1.00 16.45 ? 187 PRO A CB  1 
ATOM   1329 C CG  . PRO A 1 187 ? -6.933  -1.776  4.173   1.00 16.95 ? 187 PRO A CG  1 
ATOM   1330 C CD  . PRO A 1 187 ? -5.531  -1.820  3.574   1.00 16.60 ? 187 PRO A CD  1 
ATOM   1331 N N   . TYR A 1 188 ? -5.721  1.109   5.662   1.00 15.73 ? 188 TYR A N   1 
ATOM   1332 C CA  . TYR A 1 188 ? -5.583  2.036   6.811   1.00 16.37 ? 188 TYR A CA  1 
ATOM   1333 C C   . TYR A 1 188 ? -4.666  3.235   6.542   1.00 16.69 ? 188 TYR A C   1 
ATOM   1334 O O   . TYR A 1 188 ? -4.733  4.249   7.244   1.00 17.07 ? 188 TYR A O   1 
ATOM   1335 C CB  . TYR A 1 188 ? -5.157  1.278   8.078   1.00 16.89 ? 188 TYR A CB  1 
ATOM   1336 C CG  . TYR A 1 188 ? -3.972  0.344   7.909   1.00 16.49 ? 188 TYR A CG  1 
ATOM   1337 C CD1 . TYR A 1 188 ? -4.158  -1.037  7.857   1.00 17.97 ? 188 TYR A CD1 1 
ATOM   1338 C CD2 . TYR A 1 188 ? -2.663  0.847   7.853   1.00 18.62 ? 188 TYR A CD2 1 
ATOM   1339 C CE1 . TYR A 1 188 ? -3.076  -1.909  7.732   1.00 18.49 ? 188 TYR A CE1 1 
ATOM   1340 C CE2 . TYR A 1 188 ? -1.562  -0.018  7.732   1.00 17.98 ? 188 TYR A CE2 1 
ATOM   1341 C CZ  . TYR A 1 188 ? -1.787  -1.395  7.676   1.00 18.91 ? 188 TYR A CZ  1 
ATOM   1342 O OH  . TYR A 1 188 ? -0.727  -2.276  7.562   1.00 18.91 ? 188 TYR A OH  1 
ATOM   1343 N N   . SER A 1 189 ? -3.828  3.133   5.508   1.00 16.19 ? 189 SER A N   1 
ATOM   1344 C CA  . SER A 1 189 ? -3.009  4.279   5.079   1.00 16.65 ? 189 SER A CA  1 
ATOM   1345 C C   . SER A 1 189 ? -3.912  5.454   4.664   1.00 16.27 ? 189 SER A C   1 
ATOM   1346 O O   . SER A 1 189 ? -3.503  6.615   4.746   1.00 16.68 ? 189 SER A O   1 
ATOM   1347 C CB  . SER A 1 189 ? -2.040  3.888   3.960   1.00 16.19 ? 189 SER A CB  1 
ATOM   1348 O OG  . SER A 1 189 ? -2.705  3.783   2.716   1.00 17.73 ? 189 SER A OG  1 
ATOM   1349 N N   . TYR A 1 190 ? -5.148  5.154   4.252   1.00 15.97 ? 190 TYR A N   1 
ATOM   1350 C CA  . TYR A 1 190 ? -6.078  6.221   3.832   1.00 16.87 ? 190 TYR A CA  1 
ATOM   1351 C C   . TYR A 1 190 ? -6.652  7.055   4.971   1.00 17.44 ? 190 TYR A C   1 
ATOM   1352 O O   . TYR A 1 190 ? -7.347  8.035   4.732   1.00 17.13 ? 190 TYR A O   1 
ATOM   1353 C CB  . TYR A 1 190 ? -7.145  5.702   2.855   1.00 16.61 ? 190 TYR A CB  1 
ATOM   1354 C CG  . TYR A 1 190 ? -6.497  5.473   1.511   1.00 16.25 ? 190 TYR A CG  1 
ATOM   1355 C CD1 . TYR A 1 190 ? -6.507  6.475   0.541   1.00 16.38 ? 190 TYR A CD1 1 
ATOM   1356 C CD2 . TYR A 1 190 ? -5.781  4.289   1.242   1.00 16.88 ? 190 TYR A CD2 1 
ATOM   1357 C CE1 . TYR A 1 190 ? -5.864  6.299   -0.684  1.00 17.96 ? 190 TYR A CE1 1 
ATOM   1358 C CE2 . TYR A 1 190 ? -5.117  4.106   0.004   1.00 17.57 ? 190 TYR A CE2 1 
ATOM   1359 C CZ  . TYR A 1 190 ? -5.161  5.123   -0.941  1.00 17.34 ? 190 TYR A CZ  1 
ATOM   1360 O OH  . TYR A 1 190 ? -4.523  4.968   -2.149  1.00 17.66 ? 190 TYR A OH  1 
ATOM   1361 N N   . ASP A 1 191 ? -6.321  6.654   6.200   1.00 18.69 ? 191 ASP A N   1 
ATOM   1362 C CA  . ASP A 1 191 ? -6.582  7.450   7.415   1.00 19.61 ? 191 ASP A CA  1 
ATOM   1363 C C   . ASP A 1 191 ? -5.433  8.406   7.783   1.00 20.48 ? 191 ASP A C   1 
ATOM   1364 O O   . ASP A 1 191 ? -5.637  9.306   8.603   1.00 21.10 ? 191 ASP A O   1 
ATOM   1365 C CB  . ASP A 1 191 ? -6.847  6.520   8.600   1.00 19.22 ? 191 ASP A CB  1 
ATOM   1366 C CG  . ASP A 1 191 ? -8.134  5.695   8.435   1.00 20.81 ? 191 ASP A CG  1 
ATOM   1367 O OD1 . ASP A 1 191 ? -9.173  6.274   8.111   1.00 21.44 ? 191 ASP A OD1 1 
ATOM   1368 O OD2 . ASP A 1 191 ? -8.108  4.481   8.684   1.00 23.16 ? 191 ASP A OD2 1 
ATOM   1369 N N   . PHE A 1 192 ? -4.247  8.212   7.191   1.00 21.08 ? 192 PHE A N   1 
ATOM   1370 C CA  . PHE A 1 192 ? -3.084  9.079   7.441   1.00 22.09 ? 192 PHE A CA  1 
ATOM   1371 C C   . PHE A 1 192 ? -3.257  10.466  6.832   1.00 23.19 ? 192 PHE A C   1 
ATOM   1372 O O   . PHE A 1 192 ? -3.588  10.594  5.656   1.00 22.29 ? 192 PHE A O   1 
ATOM   1373 C CB  . PHE A 1 192 ? -1.755  8.511   6.893   1.00 22.08 ? 192 PHE A CB  1 
ATOM   1374 C CG  . PHE A 1 192 ? -1.336  7.188   7.483   1.00 22.72 ? 192 PHE A CG  1 
ATOM   1375 C CD1 . PHE A 1 192 ? -1.592  6.871   8.818   1.00 26.03 ? 192 PHE A CD1 1 
ATOM   1376 C CD2 . PHE A 1 192 ? -0.621  6.279   6.704   1.00 23.90 ? 192 PHE A CD2 1 
ATOM   1377 C CE1 . PHE A 1 192 ? -1.178  5.628   9.347   1.00 27.84 ? 192 PHE A CE1 1 
ATOM   1378 C CE2 . PHE A 1 192 ? -0.212  5.054   7.220   1.00 23.65 ? 192 PHE A CE2 1 
ATOM   1379 C CZ  . PHE A 1 192 ? -0.497  4.727   8.536   1.00 25.73 ? 192 PHE A CZ  1 
ATOM   1380 N N   . PRO A 1 193 ? -2.997  11.511  7.630   1.00 25.35 ? 193 PRO A N   1 
ATOM   1381 C CA  . PRO A 1 193 ? -3.059  12.867  7.079   1.00 27.33 ? 193 PRO A CA  1 
ATOM   1382 C C   . PRO A 1 193 ? -1.813  13.180  6.235   1.00 29.34 ? 193 PRO A C   1 
ATOM   1383 O O   . PRO A 1 193 ? -0.930  12.330  6.088   1.00 28.66 ? 193 PRO A O   1 
ATOM   1384 C CB  . PRO A 1 193 ? -3.087  13.739  8.335   1.00 27.20 ? 193 PRO A CB  1 
ATOM   1385 C CG  . PRO A 1 193 ? -2.306  12.974  9.327   1.00 26.88 ? 193 PRO A CG  1 
ATOM   1386 C CD  . PRO A 1 193 ? -2.628  11.515  9.058   1.00 25.54 ? 193 PRO A CD  1 
ATOM   1387 N N   . GLU A 1 194 ? -1.748  14.388  5.685   1.00 31.99 ? 194 GLU A N   1 
ATOM   1388 C CA  . GLU A 1 194 ? -0.481  14.919  5.175   1.00 35.31 ? 194 GLU A CA  1 
ATOM   1389 C C   . GLU A 1 194 ? 0.265   15.658  6.283   1.00 36.22 ? 194 GLU A C   1 
ATOM   1390 O O   . GLU A 1 194 ? -0.353  16.135  7.228   1.00 36.55 ? 194 GLU A O   1 
ATOM   1391 C CB  . GLU A 1 194 ? -0.740  15.873  4.004   1.00 35.98 ? 194 GLU A CB  1 
ATOM   1392 C CG  . GLU A 1 194 ? -1.306  15.179  2.774   1.00 41.28 ? 194 GLU A CG  1 
ATOM   1393 C CD  . GLU A 1 194 ? -0.679  13.810  2.531   1.00 45.60 ? 194 GLU A CD  1 
ATOM   1394 O OE1 . GLU A 1 194 ? 0.566   13.714  2.372   1.00 47.93 ? 194 GLU A OE1 1 
ATOM   1395 O OE2 . GLU A 1 194 ? -1.448  12.824  2.491   1.00 49.05 ? 194 GLU A OE2 1 
ATOM   1396 N N   . ASP A 1 195 ? 1.591   15.746  6.170   1.00 37.89 ? 195 ASP A N   1 
ATOM   1397 C CA  . ASP A 1 195 ? 2.398   16.680  6.982   1.00 39.27 ? 195 ASP A CA  1 
ATOM   1398 C C   . ASP A 1 195 ? 2.390   16.428  8.500   1.00 40.01 ? 195 ASP A C   1 
ATOM   1399 O O   . ASP A 1 195 ? 2.269   17.375  9.288   1.00 40.30 ? 195 ASP A O   1 
ATOM   1400 C CB  . ASP A 1 195 ? 1.984   18.140  6.708   1.00 39.35 ? 195 ASP A CB  1 
ATOM   1401 C CG  . ASP A 1 195 ? 1.963   18.477  5.228   1.00 40.16 ? 195 ASP A CG  1 
ATOM   1402 O OD1 . ASP A 1 195 ? 3.037   18.437  4.591   1.00 40.15 ? 195 ASP A OD1 1 
ATOM   1403 O OD2 . ASP A 1 195 ? 0.867   18.786  4.709   1.00 40.34 ? 195 ASP A OD2 1 
ATOM   1404 N N   . VAL A 1 196 ? 2.546   15.175  8.912   1.00 40.62 ? 196 VAL A N   1 
ATOM   1405 C CA  . VAL A 1 196 ? 2.518   14.852  10.342  1.00 41.52 ? 196 VAL A CA  1 
ATOM   1406 C C   . VAL A 1 196 ? 3.907   14.819  10.954  1.00 42.21 ? 196 VAL A C   1 
ATOM   1407 O O   . VAL A 1 196 ? 4.842   14.254  10.363  1.00 42.31 ? 196 VAL A O   1 
ATOM   1408 C CB  . VAL A 1 196 ? 1.850   13.491  10.631  1.00 41.49 ? 196 VAL A CB  1 
ATOM   1409 C CG1 . VAL A 1 196 ? 1.595   13.330  12.132  1.00 41.27 ? 196 VAL A CG1 1 
ATOM   1410 C CG2 . VAL A 1 196 ? 0.562   13.372  9.864   1.00 41.57 ? 196 VAL A CG2 1 
ATOM   1411 N N   . ALA A 1 197 ? 4.016   15.415  12.144  1.00 42.96 ? 197 ALA A N   1 
ATOM   1412 C CA  . ALA A 1 197 ? 5.197   15.285  12.992  1.00 43.73 ? 197 ALA A CA  1 
ATOM   1413 C C   . ALA A 1 197 ? 5.423   13.818  13.378  1.00 43.78 ? 197 ALA A C   1 
ATOM   1414 O O   . ALA A 1 197 ? 6.299   13.145  12.823  1.00 44.13 ? 197 ALA A O   1 
ATOM   1415 C CB  . ALA A 1 197 ? 5.036   16.147  14.243  1.00 43.96 ? 197 ALA A CB  1 
HETATM 1416 O O   . HOH B 2 .   ? 4.871   -8.604  -6.990  1.00 17.57 ? 224 HOH A O   1 
HETATM 1417 O O   . HOH B 2 .   ? 2.402   -8.730  -6.034  1.00 13.32 ? 225 HOH A O   1 
HETATM 1418 O O   . HOH B 2 .   ? 8.209   -6.453  -7.673  1.00 18.95 ? 226 HOH A O   1 
HETATM 1419 O O   . HOH B 2 .   ? 9.867   -5.002  -5.924  1.00 15.86 ? 227 HOH A O   1 
HETATM 1420 O O   . HOH B 2 .   ? 6.230   -2.344  -5.855  1.00 17.34 ? 228 HOH A O   1 
HETATM 1421 O O   . HOH B 2 .   ? 4.712   0.264   -1.929  1.00 20.10 ? 229 HOH A O   1 
HETATM 1422 O O   . HOH B 2 .   ? 5.383   -13.755 0.056   1.00 25.47 ? 230 HOH A O   1 
HETATM 1423 O O   . HOH B 2 .   ? 0.806   -8.445  2.028   1.00 18.90 ? 231 HOH A O   1 
HETATM 1424 O O   . HOH B 2 .   ? 5.736   -3.281  11.514  1.00 15.16 ? 232 HOH A O   1 
HETATM 1425 O O   . HOH B 2 .   ? 5.486   -5.863  12.540  1.00 18.91 ? 233 HOH A O   1 
HETATM 1426 O O   . HOH B 2 .   ? 11.815  -7.589  6.117   1.00 21.24 ? 234 HOH A O   1 
HETATM 1427 O O   . HOH B 2 .   ? 20.158  -8.912  -12.566 1.00 28.80 ? 235 HOH A O   1 
HETATM 1428 O O   . HOH B 2 .   ? 19.576  -10.469 -10.068 1.00 24.21 ? 236 HOH A O   1 
HETATM 1429 O O   . HOH B 2 .   ? 18.055  -1.115  -3.906  1.00 21.36 ? 237 HOH A O   1 
HETATM 1430 O O   . HOH B 2 .   ? 14.961  0.674   -2.449  1.00 19.86 ? 238 HOH A O   1 
HETATM 1431 O O   . HOH B 2 .   ? 10.607  -10.338 -19.172 1.00 21.99 ? 239 HOH A O   1 
HETATM 1432 O O   . HOH B 2 .   ? 10.921  -6.823  -22.318 1.00 27.79 ? 240 HOH A O   1 
HETATM 1433 O O   . HOH B 2 .   ? 5.707   -4.981  -31.042 1.00 30.76 ? 241 HOH A O   1 
HETATM 1434 O O   . HOH B 2 .   ? 6.973   1.868   -19.643 1.00 22.52 ? 242 HOH A O   1 
HETATM 1435 O O   . HOH B 2 .   ? 3.003   -1.342  -14.396 1.00 16.65 ? 243 HOH A O   1 
HETATM 1436 O O   . HOH B 2 .   ? 4.619   -2.680  -12.195 1.00 22.68 ? 244 HOH A O   1 
HETATM 1437 O O   . HOH B 2 .   ? 2.276   -2.932  -10.978 1.00 23.56 ? 245 HOH A O   1 
HETATM 1438 O O   . HOH B 2 .   ? 7.884   -7.267  -10.994 1.00 18.56 ? 246 HOH A O   1 
HETATM 1439 O O   . HOH B 2 .   ? 7.090   -9.996  -11.492 1.00 13.07 ? 247 HOH A O   1 
HETATM 1440 O O   . HOH B 2 .   ? 9.926   -10.190 -12.397 1.00 23.26 ? 248 HOH A O   1 
HETATM 1441 O O   . HOH B 2 .   ? 2.182   -1.994  -4.974  1.00 19.66 ? 249 HOH A O   1 
HETATM 1442 O O   . HOH B 2 .   ? 0.349   -9.085  -0.651  1.00 27.71 ? 250 HOH A O   1 
HETATM 1443 O O   . HOH B 2 .   ? -2.220  -9.908  -0.565  1.00 30.89 ? 251 HOH A O   1 
HETATM 1444 O O   . HOH B 2 .   ? 0.100   -11.823 -11.242 1.00 19.08 ? 252 HOH A O   1 
HETATM 1445 O O   . HOH B 2 .   ? -7.843  -3.387  -6.998  1.00 22.03 ? 253 HOH A O   1 
HETATM 1446 O O   . HOH B 2 .   ? -8.290  -3.157  -11.187 1.00 28.17 ? 254 HOH A O   1 
HETATM 1447 O O   . HOH B 2 .   ? -3.166  3.159   -19.335 1.00 25.81 ? 255 HOH A O   1 
HETATM 1448 O O   . HOH B 2 .   ? -0.763  7.318   -20.991 1.00 26.56 ? 256 HOH A O   1 
HETATM 1449 O O   . HOH B 2 .   ? 2.914   6.191   -19.730 1.00 26.56 ? 257 HOH A O   1 
HETATM 1450 O O   . HOH B 2 .   ? -8.889  3.975   5.605   1.00 16.46 ? 258 HOH A O   1 
HETATM 1451 O O   . HOH B 2 .   ? -18.708 13.750  28.112  1.00 31.79 ? 259 HOH A O   1 
HETATM 1452 O O   . HOH B 2 .   ? -11.505 3.535   22.679  1.00 20.99 ? 260 HOH A O   1 
HETATM 1453 O O   . HOH B 2 .   ? -10.764 15.553  15.329  1.00 23.23 ? 261 HOH A O   1 
HETATM 1454 O O   . HOH B 2 .   ? -5.213  13.077  16.582  1.00 26.20 ? 262 HOH A O   1 
HETATM 1455 O O   . HOH B 2 .   ? 0.948   6.708   12.854  1.00 22.44 ? 263 HOH A O   1 
HETATM 1456 O O   . HOH B 2 .   ? -5.976  3.952   10.706  1.00 23.44 ? 264 HOH A O   1 
HETATM 1457 O O   . HOH B 2 .   ? 2.393   -16.769 -6.990  1.00 25.93 ? 265 HOH A O   1 
HETATM 1458 O O   . HOH B 2 .   ? 9.335   2.392   -21.011 1.00 37.92 ? 266 HOH A O   1 
HETATM 1459 O O   . HOH B 2 .   ? 9.462   -15.657 -6.635  1.00 24.82 ? 267 HOH A O   1 
HETATM 1460 O O   . HOH B 2 .   ? 9.415   7.372   5.030   1.00 45.08 ? 268 HOH A O   1 
HETATM 1461 O O   . HOH B 2 .   ? 12.357  -16.459 3.967   1.00 21.52 ? 269 HOH A O   1 
HETATM 1462 O O   . HOH B 2 .   ? -4.981  6.672   -9.934  1.00 23.07 ? 270 HOH A O   1 
HETATM 1463 O O   . HOH B 2 .   ? 11.148  1.834   -28.023 1.00 24.20 ? 271 HOH A O   1 
HETATM 1464 O O   . HOH B 2 .   ? 9.843   -9.741  -21.748 1.00 24.05 ? 272 HOH A O   1 
HETATM 1465 O O   . HOH B 2 .   ? -2.871  7.067   -13.995 1.00 28.73 ? 273 HOH A O   1 
HETATM 1466 O O   . HOH B 2 .   ? 6.462   -9.976  -25.262 1.00 37.46 ? 274 HOH A O   1 
HETATM 1467 O O   . HOH B 2 .   ? -2.717  3.076   -3.580  1.00 24.20 ? 275 HOH A O   1 
HETATM 1468 O O   . HOH B 2 .   ? 7.663   1.517   -8.287  1.00 24.45 ? 276 HOH A O   1 
HETATM 1469 O O   . HOH B 2 .   ? 2.145   -13.363 -11.925 1.00 20.20 ? 277 HOH A O   1 
HETATM 1470 O O   . HOH B 2 .   ? 0.532   -10.871 -15.939 1.00 28.97 ? 278 HOH A O   1 
HETATM 1471 O O   . HOH B 2 .   ? 11.645  2.267   7.398   1.00 21.83 ? 279 HOH A O   1 
HETATM 1472 O O   . HOH B 2 .   ? 18.846  -19.302 -12.756 1.00 31.64 ? 280 HOH A O   1 
HETATM 1473 O O   . HOH B 2 .   ? 4.469   4.992   -13.839 1.00 25.70 ? 281 HOH A O   1 
HETATM 1474 O O   . HOH B 2 .   ? -0.236  -8.690  -22.683 1.00 27.03 ? 282 HOH A O   1 
HETATM 1475 O O   . HOH B 2 .   ? 6.335   -16.041 -6.606  1.00 36.68 ? 283 HOH A O   1 
HETATM 1476 O O   . HOH B 2 .   ? 16.391  -8.807  2.544   1.00 30.56 ? 284 HOH A O   1 
HETATM 1477 O O   . HOH B 2 .   ? 12.177  -4.096  11.061  1.00 24.96 ? 285 HOH A O   1 
HETATM 1478 O O   . HOH B 2 .   ? 7.008   -10.300 -14.642 1.00 22.45 ? 286 HOH A O   1 
HETATM 1479 O O   . HOH B 2 .   ? 8.742   -17.381 -12.507 1.00 31.77 ? 287 HOH A O   1 
HETATM 1480 O O   . HOH B 2 .   ? -3.329  -7.551  -25.120 1.00 28.92 ? 288 HOH A O   1 
HETATM 1481 O O   . HOH B 2 .   ? -8.871  1.445   -11.376 1.00 35.94 ? 289 HOH A O   1 
HETATM 1482 O O   . HOH B 2 .   ? 15.818  -6.388  7.081   1.00 31.89 ? 290 HOH A O   1 
HETATM 1483 O O   . HOH B 2 .   ? -3.589  13.304  18.973  1.00 28.51 ? 291 HOH A O   1 
HETATM 1484 O O   . HOH B 2 .   ? -12.396 20.458  21.054  1.00 26.59 ? 292 HOH A O   1 
HETATM 1485 O O   . HOH B 2 .   ? -23.704 19.974  19.346  1.00 27.64 ? 293 HOH A O   1 
HETATM 1486 O O   . HOH B 2 .   ? -23.027 14.218  14.015  1.00 35.20 ? 294 HOH A O   1 
HETATM 1487 O O   . HOH B 2 .   ? -24.273 11.890  12.986  1.00 28.93 ? 295 HOH A O   1 
HETATM 1488 O O   . HOH B 2 .   ? -26.187 12.690  14.641  1.00 26.35 ? 296 HOH A O   1 
HETATM 1489 O O   . HOH B 2 .   ? -4.082  5.338   9.872   1.00 32.65 ? 297 HOH A O   1 
HETATM 1490 O O   . HOH B 2 .   ? -3.498  7.881   11.242  1.00 25.99 ? 298 HOH A O   1 
HETATM 1491 O O   . HOH B 2 .   ? -11.527 3.397   11.203  1.00 26.54 ? 299 HOH A O   1 
HETATM 1492 O O   . HOH B 2 .   ? -17.520 4.823   17.760  1.00 23.03 ? 300 HOH A O   1 
HETATM 1493 O O   . HOH B 2 .   ? -26.736 8.983   25.020  1.00 28.30 ? 301 HOH A O   1 
HETATM 1494 O O   . HOH B 2 .   ? -1.158  -5.011  11.565  1.00 33.11 ? 302 HOH A O   1 
HETATM 1495 O O   . HOH B 2 .   ? -0.736  -6.911  3.645   1.00 27.07 ? 303 HOH A O   1 
HETATM 1496 O O   . HOH B 2 .   ? 11.980  2.605   9.991   1.00 43.32 ? 304 HOH A O   1 
HETATM 1497 O O   . HOH B 2 .   ? 7.274   -7.741  -28.299 1.00 31.61 ? 305 HOH A O   1 
HETATM 1498 O O   . HOH B 2 .   ? 11.425  -0.818  -27.959 1.00 31.55 ? 306 HOH A O   1 
HETATM 1499 O O   . HOH B 2 .   ? 7.916   -0.290  -17.848 1.00 27.73 ? 307 HOH A O   1 
HETATM 1500 O O   . HOH B 2 .   ? 0.786   -11.301 -8.815  1.00 29.03 ? 308 HOH A O   1 
HETATM 1501 O O   . HOH B 2 .   ? -1.320  -11.013 -23.213 1.00 31.05 ? 309 HOH A O   1 
HETATM 1502 O O   . HOH B 2 .   ? -8.745  -4.679  -2.641  1.00 25.00 ? 310 HOH A O   1 
HETATM 1503 O O   . HOH B 2 .   ? -4.195  -5.407  4.595   1.00 29.44 ? 311 HOH A O   1 
HETATM 1504 O O   . HOH B 2 .   ? -8.606  0.350   7.134   1.00 30.72 ? 312 HOH A O   1 
HETATM 1505 O O   . HOH B 2 .   ? -10.749 11.042  27.444  1.00 35.28 ? 313 HOH A O   1 
HETATM 1506 O O   . HOH B 2 .   ? -13.303 2.498   24.591  1.00 29.03 ? 314 HOH A O   1 
HETATM 1507 O O   . HOH B 2 .   ? 0.191   0.084   20.523  1.00 35.74 ? 315 HOH A O   1 
HETATM 1508 O O   . HOH B 2 .   ? -17.618 19.563  25.310  1.00 30.60 ? 316 HOH A O   1 
HETATM 1509 O O   . HOH B 2 .   ? -20.931 5.896   22.709  1.00 19.59 ? 317 HOH A O   1 
HETATM 1510 O O   . HOH B 2 .   ? -18.059 5.273   23.782  1.00 33.09 ? 318 HOH A O   1 
HETATM 1511 O O   . HOH B 2 .   ? 18.925  -2.952  -15.055 1.00 33.58 ? 319 HOH A O   1 
HETATM 1512 O O   . HOH B 2 .   ? 16.772  0.778   0.812   1.00 48.07 ? 320 HOH A O   1 
HETATM 1513 O O   . HOH B 2 .   ? 6.947   7.075   5.984   1.00 24.73 ? 321 HOH A O   1 
HETATM 1514 O O   . HOH B 2 .   ? -10.035 -1.822  0.730   1.00 24.60 ? 322 HOH A O   1 
HETATM 1515 O O   . HOH B 2 .   ? -9.831  8.789   9.073   1.00 24.74 ? 323 HOH A O   1 
HETATM 1516 O O   . HOH B 2 .   ? -6.895  10.468  10.459  1.00 30.03 ? 324 HOH A O   1 
HETATM 1517 O O   . HOH B 2 .   ? -18.536 21.819  22.099  1.00 39.12 ? 325 HOH A O   1 
HETATM 1518 O O   . HOH B 2 .   ? -8.706  18.053  21.245  1.00 33.29 ? 326 HOH A O   1 
HETATM 1519 O O   . HOH B 2 .   ? 5.542   -1.092  13.448  1.00 26.91 ? 327 HOH A O   1 
HETATM 1520 O O   . HOH B 2 .   ? -2.823  -8.139  2.412   1.00 37.43 ? 328 HOH A O   1 
HETATM 1521 O O   . HOH B 2 .   ? 6.271   -16.161 -8.891  1.00 37.07 ? 329 HOH A O   1 
HETATM 1522 O O   . HOH B 2 .   ? 9.908   -11.756 -15.347 1.00 28.85 ? 330 HOH A O   1 
HETATM 1523 O O   . HOH B 2 .   ? 0.243   -12.509 1.785   1.00 28.35 ? 331 HOH A O   1 
HETATM 1524 O O   . HOH B 2 .   ? -0.758  7.141   -10.532 1.00 29.78 ? 332 HOH A O   1 
HETATM 1525 O O   . HOH B 2 .   ? 0.126   4.865   -8.740  1.00 27.55 ? 333 HOH A O   1 
HETATM 1526 O O   . HOH B 2 .   ? -4.914  0.829   -21.617 1.00 33.23 ? 334 HOH A O   1 
HETATM 1527 O O   . HOH B 2 .   ? -5.027  2.161   -23.964 1.00 41.27 ? 335 HOH A O   1 
HETATM 1528 O O   . HOH B 2 .   ? -5.709  7.787   24.193  1.00 34.08 ? 336 HOH A O   1 
HETATM 1529 O O   . HOH B 2 .   ? -5.530  9.591   25.915  1.00 37.62 ? 337 HOH A O   1 
HETATM 1530 O O   . HOH B 2 .   ? -5.025  12.314  23.739  1.00 32.73 ? 338 HOH A O   1 
HETATM 1531 O O   . HOH B 2 .   ? 19.156  -11.471 -2.619  1.00 41.91 ? 339 HOH A O   1 
HETATM 1532 O O   . HOH B 2 .   ? 17.344  -20.952 -14.284 1.00 48.61 ? 340 HOH A O   1 
HETATM 1533 O O   . HOH B 2 .   ? 21.518  -13.687 -16.982 1.00 39.88 ? 341 HOH A O   1 
HETATM 1534 O O   . HOH B 2 .   ? 0.572   0.791   2.201   1.00 25.59 ? 342 HOH A O   1 
HETATM 1535 O O   . HOH B 2 .   ? 0.526   -14.890 -18.176 1.00 30.84 ? 343 HOH A O   1 
HETATM 1536 O O   . HOH B 2 .   ? 9.930   -5.204  5.633   1.00 36.84 ? 344 HOH A O   1 
HETATM 1537 O O   . HOH B 2 .   ? -5.312  -8.592  -12.939 1.00 30.12 ? 345 HOH A O   1 
HETATM 1538 O O   . HOH B 2 .   ? 10.631  -0.557  -11.908 1.00 25.23 ? 346 HOH A O   1 
HETATM 1539 O O   . HOH B 2 .   ? 0.664   3.146   2.423   1.00 29.22 ? 347 HOH A O   1 
HETATM 1540 O O   . HOH B 2 .   ? -1.635  -13.635 -18.076 1.00 27.25 ? 348 HOH A O   1 
HETATM 1541 O O   . HOH B 2 .   ? -8.403  -1.451  -4.828  1.00 24.80 ? 349 HOH A O   1 
HETATM 1542 O O   . HOH B 2 .   ? 0.482   6.104   -6.028  1.00 30.12 ? 350 HOH A O   1 
HETATM 1543 O O   . HOH B 2 .   ? -4.587  -8.536  -20.659 1.00 40.42 ? 351 HOH A O   1 
HETATM 1544 O O   . HOH B 2 .   ? -7.154  3.724   -10.915 1.00 26.86 ? 352 HOH A O   1 
HETATM 1545 O O   . HOH B 2 .   ? 7.984   5.087   -1.087  1.00 35.62 ? 353 HOH A O   1 
HETATM 1546 O O   . HOH B 2 .   ? 0.810   3.959   -29.550 1.00 35.67 ? 354 HOH A O   1 
HETATM 1547 O O   . HOH B 2 .   ? 19.367  -8.467  -4.152  1.00 29.84 ? 355 HOH A O   1 
HETATM 1548 O O   . HOH B 2 .   ? 6.114   3.597   -18.054 1.00 33.01 ? 356 HOH A O   1 
HETATM 1549 O O   . HOH B 2 .   ? 4.918   -2.114  15.809  1.00 26.80 ? 357 HOH A O   1 
HETATM 1550 O O   . HOH B 2 .   ? -11.304 17.406  12.996  1.00 31.13 ? 358 HOH A O   1 
HETATM 1551 O O   . HOH B 2 .   ? 11.145  -16.770 6.537   1.00 28.59 ? 359 HOH A O   1 
HETATM 1552 O O   . HOH B 2 .   ? 0.386   5.998   1.795   1.00 28.14 ? 360 HOH A O   1 
HETATM 1553 O O   . HOH B 2 .   ? -11.122 -0.464  5.479   1.00 29.10 ? 361 HOH A O   1 
HETATM 1554 O O   . HOH B 2 .   ? -7.199  2.788   -14.871 1.00 32.71 ? 362 HOH A O   1 
HETATM 1555 O O   . HOH B 2 .   ? 1.195   -12.445 -0.941  1.00 38.34 ? 363 HOH A O   1 
HETATM 1556 O O   . HOH B 2 .   ? 4.662   -0.675  -4.395  1.00 26.93 ? 364 HOH A O   1 
HETATM 1557 O O   . HOH B 2 .   ? 2.256   0.236   -0.432  1.00 26.30 ? 365 HOH A O   1 
HETATM 1558 O O   . HOH B 2 .   ? -6.737  -7.011  -21.254 1.00 43.63 ? 366 HOH A O   1 
HETATM 1559 O O   . HOH B 2 .   ? 19.657  -8.839  -7.646  1.00 27.55 ? 367 HOH A O   1 
HETATM 1560 O O   . HOH B 2 .   ? -9.014  -1.942  -9.075  1.00 37.19 ? 368 HOH A O   1 
HETATM 1561 O O   . HOH B 2 .   ? 10.504  0.536   -17.618 1.00 30.87 ? 369 HOH A O   1 
HETATM 1562 O O   . HOH B 2 .   ? 5.439   4.136   -9.611  1.00 27.09 ? 370 HOH A O   1 
HETATM 1563 O O   . HOH B 2 .   ? 5.463   6.241   -18.458 1.00 33.42 ? 371 HOH A O   1 
HETATM 1564 O O   . HOH B 2 .   ? -3.462  -13.994 -19.753 1.00 39.49 ? 372 HOH A O   1 
HETATM 1565 O O   . HOH B 2 .   ? -7.594  -2.060  7.819   1.00 31.51 ? 373 HOH A O   1 
HETATM 1566 O O   . HOH B 2 .   ? 9.120   -12.344 -18.496 1.00 36.48 ? 374 HOH A O   1 
HETATM 1567 O O   . HOH B 2 .   ? -6.045  -12.682 -14.329 1.00 31.83 ? 375 HOH A O   1 
HETATM 1568 O O   . HOH B 2 .   ? 8.186   8.818   -26.383 1.00 33.90 ? 376 HOH A O   1 
HETATM 1569 O O   . HOH B 2 .   ? 6.115   2.344   -3.099  1.00 25.22 ? 377 HOH A O   1 
HETATM 1570 O O   . HOH B 2 .   ? 2.736   5.029   -10.114 1.00 32.85 ? 378 HOH A O   1 
HETATM 1571 O O   . HOH B 2 .   ? 17.503  1.067   -5.453  1.00 35.72 ? 379 HOH A O   1 
HETATM 1572 O O   . HOH B 2 .   ? -8.727  1.854   -6.102  1.00 36.06 ? 380 HOH A O   1 
HETATM 1573 O O   . HOH B 2 .   ? 6.513   0.931   -5.418  1.00 28.31 ? 381 HOH A O   1 
HETATM 1574 O O   . HOH B 2 .   ? -11.376 5.037   8.729   1.00 27.69 ? 382 HOH A O   1 
HETATM 1575 O O   . HOH B 2 .   ? -3.310  8.763   -9.866  1.00 27.77 ? 383 HOH A O   1 
HETATM 1576 O O   . HOH B 2 .   ? 3.941   6.709   -16.185 1.00 35.12 ? 384 HOH A O   1 
HETATM 1577 O O   . HOH B 2 .   ? 12.978  5.640   -2.565  1.00 40.29 ? 385 HOH A O   1 
HETATM 1578 O O   . HOH B 2 .   ? 5.001   7.895   -23.582 1.00 31.26 ? 386 HOH A O   1 
HETATM 1579 O O   . HOH B 2 .   ? -4.503  -2.713  -28.485 1.00 39.15 ? 387 HOH A O   1 
HETATM 1580 O O   . HOH B 2 .   ? 2.144   8.645   -1.278  1.00 48.34 ? 388 HOH A O   1 
HETATM 1581 O O   . HOH B 2 .   ? -3.528  -13.255 -13.672 1.00 27.30 ? 389 HOH A O   1 
HETATM 1582 O O   . HOH B 2 .   ? -7.470  -9.145  -11.717 1.00 27.44 ? 390 HOH A O   1 
HETATM 1583 O O   . HOH B 2 .   ? 19.313  -5.934  3.864   1.00 36.89 ? 391 HOH A O   1 
HETATM 1584 O O   . HOH B 2 .   ? -9.841  2.681   8.921   1.00 32.29 ? 392 HOH A O   1 
HETATM 1585 O O   . HOH B 2 .   ? -5.669  6.676   -12.510 1.00 37.35 ? 393 HOH A O   1 
HETATM 1586 O O   . HOH B 2 .   ? 20.571  -12.289 -14.101 1.00 36.18 ? 394 HOH A O   1 
HETATM 1587 O O   . HOH B 2 .   ? 2.846   -9.193  -29.299 1.00 30.77 ? 395 HOH A O   1 
HETATM 1588 O O   . HOH B 2 .   ? 20.953  -14.200 -12.453 1.00 34.73 ? 396 HOH A O   1 
HETATM 1589 O O   . HOH B 2 .   ? 11.161  2.484   -30.578 1.00 34.98 ? 397 HOH A O   1 
HETATM 1590 O O   . HOH B 2 .   ? 6.321   -0.430  -15.069 1.00 38.73 ? 398 HOH A O   1 
HETATM 1591 O O   . HOH B 2 .   ? 18.543  -2.587  -10.912 1.00 31.23 ? 399 HOH A O   1 
HETATM 1592 O O   . HOH B 2 .   ? 2.398   -16.686 -9.832  1.00 40.21 ? 400 HOH A O   1 
HETATM 1593 O O   . HOH B 2 .   ? 20.456  -8.202  0.039   1.00 42.91 ? 401 HOH A O   1 
HETATM 1594 O O   . HOH B 2 .   ? -1.035  -6.309  -30.072 1.00 37.24 ? 402 HOH A O   1 
HETATM 1595 O O   . HOH B 2 .   ? -6.923  11.351  6.025   1.00 40.14 ? 403 HOH A O   1 
HETATM 1596 O O   . HOH B 2 .   ? 16.293  -19.066 -16.249 1.00 44.29 ? 404 HOH A O   1 
HETATM 1597 O O   . HOH B 2 .   ? -7.551  -10.909 -4.059  1.00 15.02 ? 405 HOH A O   1 
HETATM 1598 O O   . HOH B 2 .   ? 4.419   -17.207 -11.126 1.00 29.25 ? 406 HOH A O   1 
HETATM 1599 O O   . HOH B 2 .   ? -7.144  -13.714 -16.459 1.00 35.16 ? 407 HOH A O   1 
HETATM 1600 O O   . HOH B 2 .   ? 6.397   -12.837 -19.611 1.00 47.58 ? 408 HOH A O   1 
HETATM 1601 O O   . HOH B 2 .   ? -9.411  -7.213  -5.994  1.00 41.98 ? 409 HOH A O   1 
HETATM 1602 O O   . HOH B 2 .   ? 8.095   8.514   -22.004 1.00 35.69 ? 410 HOH A O   1 
HETATM 1603 O O   . HOH B 2 .   ? 7.484   7.833   -19.564 1.00 38.55 ? 411 HOH A O   1 
HETATM 1604 O O   . HOH B 2 .   ? 16.472  -0.069  -13.203 1.00 32.48 ? 412 HOH A O   1 
HETATM 1605 O O   . HOH B 2 .   ? 8.250   3.100   12.799  1.00 35.69 ? 413 HOH A O   1 
HETATM 1606 O O   . HOH B 2 .   ? -1.999  3.953   26.142  1.00 36.23 ? 414 HOH A O   1 
HETATM 1607 O O   . HOH B 2 .   ? -24.693 10.076  26.293  1.00 39.49 ? 415 HOH A O   1 
HETATM 1608 O O   . HOH B 2 .   ? -0.659  9.727   11.180  1.00 34.39 ? 416 HOH A O   1 
HETATM 1609 O O   . HOH B 2 .   ? -1.520  7.752   13.417  1.00 29.39 ? 417 HOH A O   1 
HETATM 1610 O O   . HOH B 2 .   ? -6.975  8.647   12.508  1.00 30.12 ? 418 HOH A O   1 
HETATM 1611 O O   . HOH B 2 .   ? -12.905 5.973   11.110  1.00 39.17 ? 419 HOH A O   1 
HETATM 1612 O O   . HOH B 2 .   ? -4.297  5.713   26.160  1.00 41.56 ? 420 HOH A O   1 
# 
